data_9QYD
# 
_entry.id   9QYD 
# 
_audit_conform.dict_name       mmcif_pdbx.dic 
_audit_conform.dict_version    5.403 
_audit_conform.dict_location   http://mmcif.pdb.org/dictionaries/ascii/mmcif_pdbx.dic 
# 
loop_
_database_2.database_id 
_database_2.database_code 
_database_2.pdbx_database_accession 
_database_2.pdbx_DOI 
PDB   9QYD         pdb_00009qyd 10.2210/pdb9qyd/pdb 
WWPDB D_1292140545 ?            ?                   
# 
_pdbx_audit_revision_history.ordinal             1 
_pdbx_audit_revision_history.data_content_type   'Structure model' 
_pdbx_audit_revision_history.major_revision      1 
_pdbx_audit_revision_history.minor_revision      0 
_pdbx_audit_revision_history.revision_date       2025-05-28 
_pdbx_audit_revision_history.part_number         ? 
# 
_pdbx_audit_revision_details.ordinal             1 
_pdbx_audit_revision_details.revision_ordinal    1 
_pdbx_audit_revision_details.data_content_type   'Structure model' 
_pdbx_audit_revision_details.provider            repository 
_pdbx_audit_revision_details.type                'Initial release' 
_pdbx_audit_revision_details.description         ? 
_pdbx_audit_revision_details.details             ? 
# 
_pdbx_database_status.status_code                     REL 
_pdbx_database_status.status_code_sf                  REL 
_pdbx_database_status.status_code_mr                  ? 
_pdbx_database_status.entry_id                        9QYD 
_pdbx_database_status.recvd_initial_deposition_date   2025-04-17 
_pdbx_database_status.SG_entry                        N 
_pdbx_database_status.deposit_site                    PDBE 
_pdbx_database_status.process_site                    PDBE 
_pdbx_database_status.status_code_cs                  ? 
_pdbx_database_status.status_code_nmr_data            ? 
_pdbx_database_status.methods_development_category    ? 
_pdbx_database_status.pdb_format_compatible           Y 
# 
_pdbx_contact_author.id                 3 
_pdbx_contact_author.email              G.A.Spyroulias@upatras.gr 
_pdbx_contact_author.name_first         Georgios 
_pdbx_contact_author.name_last          Spyroulias 
_pdbx_contact_author.name_mi            A 
_pdbx_contact_author.role               'principal investigator/group leader' 
_pdbx_contact_author.identifier_ORCID   0000-0003-1799-3312 
# 
loop_
_audit_author.name 
_audit_author.pdbx_ordinal 
_audit_author.identifier_ORCID 
'Fourkiotis, N.K.' 1 0000-0002-5197-4142 
'Chikunova, A.'    2 0000-0002-2818-0539 
'Tsika, C.A.'      3 0000-0002-3723-0606 
'Tsatsouli, A.S.'  4 ?                   
'Perrakis, A.'     5 0000-0002-1151-6227 
'Spyroulias, G.A.' 6 0000-0003-1799-3312 
# 
_citation.abstract                  ? 
_citation.abstract_id_CAS           ? 
_citation.book_id_ISBN              ? 
_citation.book_publisher            ? 
_citation.book_publisher_city       ? 
_citation.book_title                ? 
_citation.coordinate_linkage        ? 
_citation.country                   ? 
_citation.database_id_Medline       ? 
_citation.details                   ? 
_citation.id                        primary 
_citation.journal_abbrev            'To Be Published' 
_citation.journal_id_ASTM           ? 
_citation.journal_id_CSD            0353 
_citation.journal_id_ISSN           ? 
_citation.journal_full              ? 
_citation.journal_issue             ? 
_citation.journal_volume            ? 
_citation.language                  ? 
_citation.page_first                ? 
_citation.page_last                 ? 
_citation.title                     'Comparative analysis of hPARP9 macro domains' 
_citation.year                      ? 
_citation.database_id_CSD           ? 
_citation.pdbx_database_id_DOI      ? 
_citation.pdbx_database_id_PubMed   ? 
_citation.pdbx_database_id_patent   ? 
_citation.unpublished_flag          ? 
# 
loop_
_citation_author.citation_id 
_citation_author.name 
_citation_author.ordinal 
_citation_author.identifier_ORCID 
primary 'Fourkiotis, N.K.' 1 0000-0002-5197-4142 
primary 'Chikunova, A.'    2 0000-0002-2818-0539 
primary 'Tsika, C.A.'      3 0000-0002-3723-0606 
primary 'Tsatsouli, A.S.'  4 ?                   
primary 'Perrakis, A.'     5 0000-0002-1151-6227 
primary 'Spyroulias, G.A.' 6 0000-0003-1799-3312 
# 
loop_
_entity.id 
_entity.type 
_entity.src_method 
_entity.pdbx_description 
_entity.formula_weight 
_entity.pdbx_number_of_molecules 
_entity.pdbx_ec 
_entity.pdbx_mutation 
_entity.pdbx_fragment 
_entity.details 
1 polymer     man 'Protein mono-ADP-ribosyltransferase PARP9' 22002.564 1  2.4.2.- ? ? ? 
2 non-polymer syn GLYCEROL                                    92.094    2  ?       ? ? ? 
3 non-polymer nat 'MALONATE ION'                              102.046   2  ?       ? ? ? 
4 water       nat water                                       18.015    70 ?       ? ? ? 
# 
_entity_name_com.entity_id   1 
_entity_name_com.name        
'ADP-ribosyltransferase diphtheria toxin-like 9,ARTD9,B aggressive lymphoma protein,Poly [ADP-ribose] polymerase 9,PARP-9' 
# 
_entity_poly.entity_id                      1 
_entity_poly.type                           'polypeptide(L)' 
_entity_poly.nstd_linkage                   no 
_entity_poly.nstd_monomer                   no 
_entity_poly.pdbx_seq_one_letter_code       
;GAMGGNSKSLQVFRKMLTPRIELSVWKDDLTTHAVDAVVNAANEDLLHGGGLALALVKAGGFEIQEESKQFVARYGKVSA
GEIAVTGAGRLPCKQIIHAVGPRWMEWDKQGCTGKLQRAIVSILNYVIYKNTHIKTVAIPALSSGIFQFPLNLCTKTIVE
TIRVSLQGKPMMSNLKEIHLVSNEDPTVAAFKAASEFILGKSE
;
_entity_poly.pdbx_seq_one_letter_code_can   
;GAMGGNSKSLQVFRKMLTPRIELSVWKDDLTTHAVDAVVNAANEDLLHGGGLALALVKAGGFEIQEESKQFVARYGKVSA
GEIAVTGAGRLPCKQIIHAVGPRWMEWDKQGCTGKLQRAIVSILNYVIYKNTHIKTVAIPALSSGIFQFPLNLCTKTIVE
TIRVSLQGKPMMSNLKEIHLVSNEDPTVAAFKAASEFILGKSE
;
_entity_poly.pdbx_strand_id                 A 
_entity_poly.pdbx_target_identifier         ? 
# 
loop_
_pdbx_entity_nonpoly.entity_id 
_pdbx_entity_nonpoly.name 
_pdbx_entity_nonpoly.comp_id 
2 GLYCEROL       GOL 
3 'MALONATE ION' MLI 
4 water          HOH 
# 
loop_
_entity_poly_seq.entity_id 
_entity_poly_seq.num 
_entity_poly_seq.mon_id 
_entity_poly_seq.hetero 
1 1   GLY n 
1 2   ALA n 
1 3   MET n 
1 4   GLY n 
1 5   GLY n 
1 6   ASN n 
1 7   SER n 
1 8   LYS n 
1 9   SER n 
1 10  LEU n 
1 11  GLN n 
1 12  VAL n 
1 13  PHE n 
1 14  ARG n 
1 15  LYS n 
1 16  MET n 
1 17  LEU n 
1 18  THR n 
1 19  PRO n 
1 20  ARG n 
1 21  ILE n 
1 22  GLU n 
1 23  LEU n 
1 24  SER n 
1 25  VAL n 
1 26  TRP n 
1 27  LYS n 
1 28  ASP n 
1 29  ASP n 
1 30  LEU n 
1 31  THR n 
1 32  THR n 
1 33  HIS n 
1 34  ALA n 
1 35  VAL n 
1 36  ASP n 
1 37  ALA n 
1 38  VAL n 
1 39  VAL n 
1 40  ASN n 
1 41  ALA n 
1 42  ALA n 
1 43  ASN n 
1 44  GLU n 
1 45  ASP n 
1 46  LEU n 
1 47  LEU n 
1 48  HIS n 
1 49  GLY n 
1 50  GLY n 
1 51  GLY n 
1 52  LEU n 
1 53  ALA n 
1 54  LEU n 
1 55  ALA n 
1 56  LEU n 
1 57  VAL n 
1 58  LYS n 
1 59  ALA n 
1 60  GLY n 
1 61  GLY n 
1 62  PHE n 
1 63  GLU n 
1 64  ILE n 
1 65  GLN n 
1 66  GLU n 
1 67  GLU n 
1 68  SER n 
1 69  LYS n 
1 70  GLN n 
1 71  PHE n 
1 72  VAL n 
1 73  ALA n 
1 74  ARG n 
1 75  TYR n 
1 76  GLY n 
1 77  LYS n 
1 78  VAL n 
1 79  SER n 
1 80  ALA n 
1 81  GLY n 
1 82  GLU n 
1 83  ILE n 
1 84  ALA n 
1 85  VAL n 
1 86  THR n 
1 87  GLY n 
1 88  ALA n 
1 89  GLY n 
1 90  ARG n 
1 91  LEU n 
1 92  PRO n 
1 93  CYS n 
1 94  LYS n 
1 95  GLN n 
1 96  ILE n 
1 97  ILE n 
1 98  HIS n 
1 99  ALA n 
1 100 VAL n 
1 101 GLY n 
1 102 PRO n 
1 103 ARG n 
1 104 TRP n 
1 105 MET n 
1 106 GLU n 
1 107 TRP n 
1 108 ASP n 
1 109 LYS n 
1 110 GLN n 
1 111 GLY n 
1 112 CYS n 
1 113 THR n 
1 114 GLY n 
1 115 LYS n 
1 116 LEU n 
1 117 GLN n 
1 118 ARG n 
1 119 ALA n 
1 120 ILE n 
1 121 VAL n 
1 122 SER n 
1 123 ILE n 
1 124 LEU n 
1 125 ASN n 
1 126 TYR n 
1 127 VAL n 
1 128 ILE n 
1 129 TYR n 
1 130 LYS n 
1 131 ASN n 
1 132 THR n 
1 133 HIS n 
1 134 ILE n 
1 135 LYS n 
1 136 THR n 
1 137 VAL n 
1 138 ALA n 
1 139 ILE n 
1 140 PRO n 
1 141 ALA n 
1 142 LEU n 
1 143 SER n 
1 144 SER n 
1 145 GLY n 
1 146 ILE n 
1 147 PHE n 
1 148 GLN n 
1 149 PHE n 
1 150 PRO n 
1 151 LEU n 
1 152 ASN n 
1 153 LEU n 
1 154 CYS n 
1 155 THR n 
1 156 LYS n 
1 157 THR n 
1 158 ILE n 
1 159 VAL n 
1 160 GLU n 
1 161 THR n 
1 162 ILE n 
1 163 ARG n 
1 164 VAL n 
1 165 SER n 
1 166 LEU n 
1 167 GLN n 
1 168 GLY n 
1 169 LYS n 
1 170 PRO n 
1 171 MET n 
1 172 MET n 
1 173 SER n 
1 174 ASN n 
1 175 LEU n 
1 176 LYS n 
1 177 GLU n 
1 178 ILE n 
1 179 HIS n 
1 180 LEU n 
1 181 VAL n 
1 182 SER n 
1 183 ASN n 
1 184 GLU n 
1 185 ASP n 
1 186 PRO n 
1 187 THR n 
1 188 VAL n 
1 189 ALA n 
1 190 ALA n 
1 191 PHE n 
1 192 LYS n 
1 193 ALA n 
1 194 ALA n 
1 195 SER n 
1 196 GLU n 
1 197 PHE n 
1 198 ILE n 
1 199 LEU n 
1 200 GLY n 
1 201 LYS n 
1 202 SER n 
1 203 GLU n 
# 
_entity_src_gen.entity_id                          1 
_entity_src_gen.pdbx_src_id                        1 
_entity_src_gen.pdbx_alt_source_flag               sample 
_entity_src_gen.pdbx_seq_type                      'Biological sequence' 
_entity_src_gen.pdbx_beg_seq_num                   1 
_entity_src_gen.pdbx_end_seq_num                   203 
_entity_src_gen.gene_src_common_name               human 
_entity_src_gen.gene_src_genus                     ? 
_entity_src_gen.pdbx_gene_src_gene                 'PARP9, BAL, BAL1' 
_entity_src_gen.gene_src_species                   ? 
_entity_src_gen.gene_src_strain                    ? 
_entity_src_gen.gene_src_tissue                    ? 
_entity_src_gen.gene_src_tissue_fraction           ? 
_entity_src_gen.gene_src_details                   ? 
_entity_src_gen.pdbx_gene_src_fragment             ? 
_entity_src_gen.pdbx_gene_src_scientific_name      'Homo sapiens' 
_entity_src_gen.pdbx_gene_src_ncbi_taxonomy_id     9606 
_entity_src_gen.pdbx_gene_src_variant              ? 
_entity_src_gen.pdbx_gene_src_cell_line            ? 
_entity_src_gen.pdbx_gene_src_atcc                 ? 
_entity_src_gen.pdbx_gene_src_organ                ? 
_entity_src_gen.pdbx_gene_src_organelle            ? 
_entity_src_gen.pdbx_gene_src_cell                 ? 
_entity_src_gen.pdbx_gene_src_cellular_location    ? 
_entity_src_gen.host_org_common_name               ? 
_entity_src_gen.pdbx_host_org_scientific_name      'Escherichia coli BL21(DE3)' 
_entity_src_gen.pdbx_host_org_ncbi_taxonomy_id     469008 
_entity_src_gen.host_org_genus                     ? 
_entity_src_gen.pdbx_host_org_gene                 ? 
_entity_src_gen.pdbx_host_org_organ                ? 
_entity_src_gen.host_org_species                   ? 
_entity_src_gen.pdbx_host_org_tissue               ? 
_entity_src_gen.pdbx_host_org_tissue_fraction      ? 
_entity_src_gen.pdbx_host_org_strain               ? 
_entity_src_gen.pdbx_host_org_variant              ? 
_entity_src_gen.pdbx_host_org_cell_line            ? 
_entity_src_gen.pdbx_host_org_atcc                 ? 
_entity_src_gen.pdbx_host_org_culture_collection   ? 
_entity_src_gen.pdbx_host_org_cell                 ? 
_entity_src_gen.pdbx_host_org_organelle            ? 
_entity_src_gen.pdbx_host_org_cellular_location    ? 
_entity_src_gen.pdbx_host_org_vector_type          ? 
_entity_src_gen.pdbx_host_org_vector               ? 
_entity_src_gen.host_org_details                   ? 
_entity_src_gen.expression_system_id               ? 
_entity_src_gen.plasmid_name                       ? 
_entity_src_gen.plasmid_details                    ? 
_entity_src_gen.pdbx_description                   ? 
# 
loop_
_chem_comp.id 
_chem_comp.type 
_chem_comp.mon_nstd_flag 
_chem_comp.name 
_chem_comp.pdbx_synonyms 
_chem_comp.formula 
_chem_comp.formula_weight 
ALA 'L-peptide linking' y ALANINE         ?                               'C3 H7 N O2'     89.093  
ARG 'L-peptide linking' y ARGININE        ?                               'C6 H15 N4 O2 1' 175.209 
ASN 'L-peptide linking' y ASPARAGINE      ?                               'C4 H8 N2 O3'    132.118 
ASP 'L-peptide linking' y 'ASPARTIC ACID' ?                               'C4 H7 N O4'     133.103 
CYS 'L-peptide linking' y CYSTEINE        ?                               'C3 H7 N O2 S'   121.158 
GLN 'L-peptide linking' y GLUTAMINE       ?                               'C5 H10 N2 O3'   146.144 
GLU 'L-peptide linking' y 'GLUTAMIC ACID' ?                               'C5 H9 N O4'     147.129 
GLY 'peptide linking'   y GLYCINE         ?                               'C2 H5 N O2'     75.067  
GOL non-polymer         . GLYCEROL        'GLYCERIN; PROPANE-1,2,3-TRIOL' 'C3 H8 O3'       92.094  
HIS 'L-peptide linking' y HISTIDINE       ?                               'C6 H10 N3 O2 1' 156.162 
HOH non-polymer         . WATER           ?                               'H2 O'           18.015  
ILE 'L-peptide linking' y ISOLEUCINE      ?                               'C6 H13 N O2'    131.173 
LEU 'L-peptide linking' y LEUCINE         ?                               'C6 H13 N O2'    131.173 
LYS 'L-peptide linking' y LYSINE          ?                               'C6 H15 N2 O2 1' 147.195 
MET 'L-peptide linking' y METHIONINE      ?                               'C5 H11 N O2 S'  149.211 
MLI non-polymer         . 'MALONATE ION'  ?                               'C3 H2 O4 -2'    102.046 
PHE 'L-peptide linking' y PHENYLALANINE   ?                               'C9 H11 N O2'    165.189 
PRO 'L-peptide linking' y PROLINE         ?                               'C5 H9 N O2'     115.130 
SER 'L-peptide linking' y SERINE          ?                               'C3 H7 N O3'     105.093 
THR 'L-peptide linking' y THREONINE       ?                               'C4 H9 N O3'     119.119 
TRP 'L-peptide linking' y TRYPTOPHAN      ?                               'C11 H12 N2 O2'  204.225 
TYR 'L-peptide linking' y TYROSINE        ?                               'C9 H11 N O3'    181.189 
VAL 'L-peptide linking' y VALINE          ?                               'C5 H11 N O2'    117.146 
# 
loop_
_pdbx_poly_seq_scheme.asym_id 
_pdbx_poly_seq_scheme.entity_id 
_pdbx_poly_seq_scheme.seq_id 
_pdbx_poly_seq_scheme.mon_id 
_pdbx_poly_seq_scheme.ndb_seq_num 
_pdbx_poly_seq_scheme.pdb_seq_num 
_pdbx_poly_seq_scheme.auth_seq_num 
_pdbx_poly_seq_scheme.pdb_mon_id 
_pdbx_poly_seq_scheme.auth_mon_id 
_pdbx_poly_seq_scheme.pdb_strand_id 
_pdbx_poly_seq_scheme.pdb_ins_code 
_pdbx_poly_seq_scheme.hetero 
A 1 1   GLY 1   98  ?   ?   ?   A . n 
A 1 2   ALA 2   99  ?   ?   ?   A . n 
A 1 3   MET 3   100 ?   ?   ?   A . n 
A 1 4   GLY 4   101 ?   ?   ?   A . n 
A 1 5   GLY 5   102 ?   ?   ?   A . n 
A 1 6   ASN 6   103 ?   ?   ?   A . n 
A 1 7   SER 7   104 ?   ?   ?   A . n 
A 1 8   LYS 8   105 ?   ?   ?   A . n 
A 1 9   SER 9   106 106 SER SER A . n 
A 1 10  LEU 10  107 107 LEU LEU A . n 
A 1 11  GLN 11  108 108 GLN GLN A . n 
A 1 12  VAL 12  109 109 VAL VAL A . n 
A 1 13  PHE 13  110 110 PHE PHE A . n 
A 1 14  ARG 14  111 111 ARG ARG A . n 
A 1 15  LYS 15  112 112 LYS LYS A . n 
A 1 16  MET 16  113 113 MET MET A . n 
A 1 17  LEU 17  114 114 LEU LEU A . n 
A 1 18  THR 18  115 115 THR THR A . n 
A 1 19  PRO 19  116 116 PRO PRO A . n 
A 1 20  ARG 20  117 117 ARG ARG A . n 
A 1 21  ILE 21  118 118 ILE ILE A . n 
A 1 22  GLU 22  119 119 GLU GLU A . n 
A 1 23  LEU 23  120 120 LEU LEU A . n 
A 1 24  SER 24  121 121 SER SER A . n 
A 1 25  VAL 25  122 122 VAL VAL A . n 
A 1 26  TRP 26  123 123 TRP TRP A . n 
A 1 27  LYS 27  124 124 LYS LYS A . n 
A 1 28  ASP 28  125 125 ASP ASP A . n 
A 1 29  ASP 29  126 126 ASP ASP A . n 
A 1 30  LEU 30  127 127 LEU LEU A . n 
A 1 31  THR 31  128 128 THR THR A . n 
A 1 32  THR 32  129 129 THR THR A . n 
A 1 33  HIS 33  130 130 HIS HIS A . n 
A 1 34  ALA 34  131 131 ALA ALA A . n 
A 1 35  VAL 35  132 132 VAL VAL A . n 
A 1 36  ASP 36  133 133 ASP ASP A . n 
A 1 37  ALA 37  134 134 ALA ALA A . n 
A 1 38  VAL 38  135 135 VAL VAL A . n 
A 1 39  VAL 39  136 136 VAL VAL A . n 
A 1 40  ASN 40  137 137 ASN ASN A . n 
A 1 41  ALA 41  138 138 ALA ALA A . n 
A 1 42  ALA 42  139 139 ALA ALA A . n 
A 1 43  ASN 43  140 140 ASN ASN A . n 
A 1 44  GLU 44  141 141 GLU GLU A . n 
A 1 45  ASP 45  142 142 ASP ASP A . n 
A 1 46  LEU 46  143 143 LEU LEU A . n 
A 1 47  LEU 47  144 144 LEU LEU A . n 
A 1 48  HIS 48  145 145 HIS HIS A . n 
A 1 49  GLY 49  146 146 GLY GLY A . n 
A 1 50  GLY 50  147 147 GLY GLY A . n 
A 1 51  GLY 51  148 148 GLY GLY A . n 
A 1 52  LEU 52  149 149 LEU LEU A . n 
A 1 53  ALA 53  150 150 ALA ALA A . n 
A 1 54  LEU 54  151 151 LEU LEU A . n 
A 1 55  ALA 55  152 152 ALA ALA A . n 
A 1 56  LEU 56  153 153 LEU LEU A . n 
A 1 57  VAL 57  154 154 VAL VAL A . n 
A 1 58  LYS 58  155 155 LYS LYS A . n 
A 1 59  ALA 59  156 156 ALA ALA A . n 
A 1 60  GLY 60  157 157 GLY GLY A . n 
A 1 61  GLY 61  158 158 GLY GLY A . n 
A 1 62  PHE 62  159 159 PHE PHE A . n 
A 1 63  GLU 63  160 160 GLU GLU A . n 
A 1 64  ILE 64  161 161 ILE ILE A . n 
A 1 65  GLN 65  162 162 GLN GLN A . n 
A 1 66  GLU 66  163 163 GLU GLU A . n 
A 1 67  GLU 67  164 164 GLU GLU A . n 
A 1 68  SER 68  165 165 SER SER A . n 
A 1 69  LYS 69  166 166 LYS LYS A . n 
A 1 70  GLN 70  167 167 GLN GLN A . n 
A 1 71  PHE 71  168 168 PHE PHE A . n 
A 1 72  VAL 72  169 169 VAL VAL A . n 
A 1 73  ALA 73  170 170 ALA ALA A . n 
A 1 74  ARG 74  171 171 ARG ARG A . n 
A 1 75  TYR 75  172 172 TYR TYR A . n 
A 1 76  GLY 76  173 173 GLY GLY A . n 
A 1 77  LYS 77  174 174 LYS LYS A . n 
A 1 78  VAL 78  175 175 VAL VAL A . n 
A 1 79  SER 79  176 176 SER SER A . n 
A 1 80  ALA 80  177 177 ALA ALA A . n 
A 1 81  GLY 81  178 178 GLY GLY A . n 
A 1 82  GLU 82  179 179 GLU GLU A . n 
A 1 83  ILE 83  180 180 ILE ILE A . n 
A 1 84  ALA 84  181 181 ALA ALA A . n 
A 1 85  VAL 85  182 182 VAL VAL A . n 
A 1 86  THR 86  183 183 THR THR A . n 
A 1 87  GLY 87  184 184 GLY GLY A . n 
A 1 88  ALA 88  185 185 ALA ALA A . n 
A 1 89  GLY 89  186 186 GLY GLY A . n 
A 1 90  ARG 90  187 187 ARG ARG A . n 
A 1 91  LEU 91  188 188 LEU LEU A . n 
A 1 92  PRO 92  189 189 PRO PRO A . n 
A 1 93  CYS 93  190 190 CYS CYS A . n 
A 1 94  LYS 94  191 191 LYS LYS A . n 
A 1 95  GLN 95  192 192 GLN GLN A . n 
A 1 96  ILE 96  193 193 ILE ILE A . n 
A 1 97  ILE 97  194 194 ILE ILE A . n 
A 1 98  HIS 98  195 195 HIS HIS A . n 
A 1 99  ALA 99  196 196 ALA ALA A . n 
A 1 100 VAL 100 197 197 VAL VAL A . n 
A 1 101 GLY 101 198 198 GLY GLY A . n 
A 1 102 PRO 102 199 199 PRO PRO A . n 
A 1 103 ARG 103 200 200 ARG ARG A . n 
A 1 104 TRP 104 201 201 TRP TRP A . n 
A 1 105 MET 105 202 202 MET MET A . n 
A 1 106 GLU 106 203 203 GLU GLU A . n 
A 1 107 TRP 107 204 204 TRP TRP A . n 
A 1 108 ASP 108 205 205 ASP ASP A . n 
A 1 109 LYS 109 206 206 LYS LYS A . n 
A 1 110 GLN 110 207 207 GLN GLN A . n 
A 1 111 GLY 111 208 208 GLY GLY A . n 
A 1 112 CYS 112 209 209 CYS CYS A . n 
A 1 113 THR 113 210 210 THR THR A . n 
A 1 114 GLY 114 211 211 GLY GLY A . n 
A 1 115 LYS 115 212 212 LYS LYS A . n 
A 1 116 LEU 116 213 213 LEU LEU A . n 
A 1 117 GLN 117 214 214 GLN GLN A . n 
A 1 118 ARG 118 215 215 ARG ARG A . n 
A 1 119 ALA 119 216 216 ALA ALA A . n 
A 1 120 ILE 120 217 217 ILE ILE A . n 
A 1 121 VAL 121 218 218 VAL VAL A . n 
A 1 122 SER 122 219 219 SER SER A . n 
A 1 123 ILE 123 220 220 ILE ILE A . n 
A 1 124 LEU 124 221 221 LEU LEU A . n 
A 1 125 ASN 125 222 222 ASN ASN A . n 
A 1 126 TYR 126 223 223 TYR TYR A . n 
A 1 127 VAL 127 224 224 VAL VAL A . n 
A 1 128 ILE 128 225 225 ILE ILE A . n 
A 1 129 TYR 129 226 226 TYR TYR A . n 
A 1 130 LYS 130 227 227 LYS LYS A . n 
A 1 131 ASN 131 228 228 ASN ASN A . n 
A 1 132 THR 132 229 229 THR THR A . n 
A 1 133 HIS 133 230 230 HIS HIS A . n 
A 1 134 ILE 134 231 231 ILE ILE A . n 
A 1 135 LYS 135 232 232 LYS LYS A . n 
A 1 136 THR 136 233 233 THR THR A . n 
A 1 137 VAL 137 234 234 VAL VAL A . n 
A 1 138 ALA 138 235 235 ALA ALA A . n 
A 1 139 ILE 139 236 236 ILE ILE A . n 
A 1 140 PRO 140 237 237 PRO PRO A . n 
A 1 141 ALA 141 238 238 ALA ALA A . n 
A 1 142 LEU 142 239 239 LEU LEU A . n 
A 1 143 SER 143 240 240 SER SER A . n 
A 1 144 SER 144 241 241 SER SER A . n 
A 1 145 GLY 145 242 242 GLY GLY A . n 
A 1 146 ILE 146 243 243 ILE ILE A . n 
A 1 147 PHE 147 244 244 PHE PHE A . n 
A 1 148 GLN 148 245 245 GLN GLN A . n 
A 1 149 PHE 149 246 246 PHE PHE A . n 
A 1 150 PRO 150 247 247 PRO PRO A . n 
A 1 151 LEU 151 248 248 LEU LEU A . n 
A 1 152 ASN 152 249 249 ASN ASN A . n 
A 1 153 LEU 153 250 250 LEU LEU A . n 
A 1 154 CYS 154 251 251 CYS CYS A . n 
A 1 155 THR 155 252 252 THR THR A . n 
A 1 156 LYS 156 253 253 LYS LYS A . n 
A 1 157 THR 157 254 254 THR THR A . n 
A 1 158 ILE 158 255 255 ILE ILE A . n 
A 1 159 VAL 159 256 256 VAL VAL A . n 
A 1 160 GLU 160 257 257 GLU GLU A . n 
A 1 161 THR 161 258 258 THR THR A . n 
A 1 162 ILE 162 259 259 ILE ILE A . n 
A 1 163 ARG 163 260 260 ARG ARG A . n 
A 1 164 VAL 164 261 261 VAL VAL A . n 
A 1 165 SER 165 262 262 SER SER A . n 
A 1 166 LEU 166 263 263 LEU LEU A . n 
A 1 167 GLN 167 264 264 GLN GLN A . n 
A 1 168 GLY 168 265 265 GLY GLY A . n 
A 1 169 LYS 169 266 266 LYS LYS A . n 
A 1 170 PRO 170 267 267 PRO PRO A . n 
A 1 171 MET 171 268 268 MET MET A . n 
A 1 172 MET 172 269 269 MET MET A . n 
A 1 173 SER 173 270 270 SER SER A . n 
A 1 174 ASN 174 271 271 ASN ASN A . n 
A 1 175 LEU 175 272 272 LEU LEU A . n 
A 1 176 LYS 176 273 273 LYS LYS A . n 
A 1 177 GLU 177 274 274 GLU GLU A . n 
A 1 178 ILE 178 275 275 ILE ILE A . n 
A 1 179 HIS 179 276 276 HIS HIS A . n 
A 1 180 LEU 180 277 277 LEU LEU A . n 
A 1 181 VAL 181 278 278 VAL VAL A . n 
A 1 182 SER 182 279 279 SER SER A . n 
A 1 183 ASN 183 280 280 ASN ASN A . n 
A 1 184 GLU 184 281 281 GLU GLU A . n 
A 1 185 ASP 185 282 282 ASP ASP A . n 
A 1 186 PRO 186 283 283 PRO PRO A . n 
A 1 187 THR 187 284 284 THR THR A . n 
A 1 188 VAL 188 285 285 VAL VAL A . n 
A 1 189 ALA 189 286 286 ALA ALA A . n 
A 1 190 ALA 190 287 287 ALA ALA A . n 
A 1 191 PHE 191 288 288 PHE PHE A . n 
A 1 192 LYS 192 289 289 LYS LYS A . n 
A 1 193 ALA 193 290 290 ALA ALA A . n 
A 1 194 ALA 194 291 291 ALA ALA A . n 
A 1 195 SER 195 292 292 SER SER A . n 
A 1 196 GLU 196 293 293 GLU GLU A . n 
A 1 197 PHE 197 294 294 PHE PHE A . n 
A 1 198 ILE 198 295 295 ILE ILE A . n 
A 1 199 LEU 199 296 296 LEU LEU A . n 
A 1 200 GLY 200 297 297 GLY GLY A . n 
A 1 201 LYS 201 298 298 LYS LYS A . n 
A 1 202 SER 202 299 299 SER SER A . n 
A 1 203 GLU 203 300 300 GLU GLU A . n 
# 
loop_
_pdbx_nonpoly_scheme.asym_id 
_pdbx_nonpoly_scheme.entity_id 
_pdbx_nonpoly_scheme.mon_id 
_pdbx_nonpoly_scheme.ndb_seq_num 
_pdbx_nonpoly_scheme.pdb_seq_num 
_pdbx_nonpoly_scheme.auth_seq_num 
_pdbx_nonpoly_scheme.pdb_mon_id 
_pdbx_nonpoly_scheme.auth_mon_id 
_pdbx_nonpoly_scheme.pdb_strand_id 
_pdbx_nonpoly_scheme.pdb_ins_code 
B 2 GOL 1  401 1  GOL GOL A . 
C 3 MLI 1  402 2  MLI MLI A . 
D 3 MLI 1  403 3  MLI MLI A . 
E 2 GOL 1  404 4  GOL GOL A . 
F 4 HOH 1  501 23 HOH HOH A . 
F 4 HOH 2  502 86 HOH HOH A . 
F 4 HOH 3  503 16 HOH HOH A . 
F 4 HOH 4  504 10 HOH HOH A . 
F 4 HOH 5  505 82 HOH HOH A . 
F 4 HOH 6  506 79 HOH HOH A . 
F 4 HOH 7  507 44 HOH HOH A . 
F 4 HOH 8  508 90 HOH HOH A . 
F 4 HOH 9  509 61 HOH HOH A . 
F 4 HOH 10 510 40 HOH HOH A . 
F 4 HOH 11 511 95 HOH HOH A . 
F 4 HOH 12 512 34 HOH HOH A . 
F 4 HOH 13 513 76 HOH HOH A . 
F 4 HOH 14 514 51 HOH HOH A . 
F 4 HOH 15 515 18 HOH HOH A . 
F 4 HOH 16 516 13 HOH HOH A . 
F 4 HOH 17 517 28 HOH HOH A . 
F 4 HOH 18 518 30 HOH HOH A . 
F 4 HOH 19 519 42 HOH HOH A . 
F 4 HOH 20 520 81 HOH HOH A . 
F 4 HOH 21 521 4  HOH HOH A . 
F 4 HOH 22 522 36 HOH HOH A . 
F 4 HOH 23 523 48 HOH HOH A . 
F 4 HOH 24 524 24 HOH HOH A . 
F 4 HOH 25 525 68 HOH HOH A . 
F 4 HOH 26 526 43 HOH HOH A . 
F 4 HOH 27 527 62 HOH HOH A . 
F 4 HOH 28 528 38 HOH HOH A . 
F 4 HOH 29 529 15 HOH HOH A . 
F 4 HOH 30 530 25 HOH HOH A . 
F 4 HOH 31 531 17 HOH HOH A . 
F 4 HOH 32 532 92 HOH HOH A . 
F 4 HOH 33 533 91 HOH HOH A . 
F 4 HOH 34 534 84 HOH HOH A . 
F 4 HOH 35 535 6  HOH HOH A . 
F 4 HOH 36 536 67 HOH HOH A . 
F 4 HOH 37 537 37 HOH HOH A . 
F 4 HOH 38 538 74 HOH HOH A . 
F 4 HOH 39 539 33 HOH HOH A . 
F 4 HOH 40 540 70 HOH HOH A . 
F 4 HOH 41 541 75 HOH HOH A . 
F 4 HOH 42 542 3  HOH HOH A . 
F 4 HOH 43 543 66 HOH HOH A . 
F 4 HOH 44 544 41 HOH HOH A . 
F 4 HOH 45 545 29 HOH HOH A . 
F 4 HOH 46 546 11 HOH HOH A . 
F 4 HOH 47 547 57 HOH HOH A . 
F 4 HOH 48 548 31 HOH HOH A . 
F 4 HOH 49 549 19 HOH HOH A . 
F 4 HOH 50 550 65 HOH HOH A . 
F 4 HOH 51 551 27 HOH HOH A . 
F 4 HOH 52 552 39 HOH HOH A . 
F 4 HOH 53 553 35 HOH HOH A . 
F 4 HOH 54 554 46 HOH HOH A . 
F 4 HOH 55 555 83 HOH HOH A . 
F 4 HOH 56 556 87 HOH HOH A . 
F 4 HOH 57 557 72 HOH HOH A . 
F 4 HOH 58 558 85 HOH HOH A . 
F 4 HOH 59 559 7  HOH HOH A . 
F 4 HOH 60 560 5  HOH HOH A . 
F 4 HOH 61 561 1  HOH HOH A . 
F 4 HOH 62 562 93 HOH HOH A . 
F 4 HOH 63 563 89 HOH HOH A . 
F 4 HOH 64 564 94 HOH HOH A . 
F 4 HOH 65 565 64 HOH HOH A . 
F 4 HOH 66 566 32 HOH HOH A . 
F 4 HOH 67 567 71 HOH HOH A . 
F 4 HOH 68 568 96 HOH HOH A . 
F 4 HOH 69 569 49 HOH HOH A . 
F 4 HOH 70 570 88 HOH HOH A . 
# 
loop_
_software.citation_id 
_software.classification 
_software.compiler_name 
_software.compiler_version 
_software.contact_author 
_software.contact_author_email 
_software.date 
_software.description 
_software.dependencies 
_software.hardware 
_software.language 
_software.location 
_software.mods 
_software.name 
_software.os 
_software.os_version 
_software.type 
_software.version 
_software.pdbx_reference_DOI 
_software.pdbx_ordinal 
? refinement       ? ? ? ? ? ? ? ? ? ? ? REFMAC  ? ? ? 5.8.0425 ? 1 
? 'data reduction' ? ? ? ? ? ? ? ? ? ? ? XDS     ? ? ? 4.4.7    ? 2 
? 'data scaling'   ? ? ? ? ? ? ? ? ? ? ? Aimless ? ? ? .        ? 3 
? phasing          ? ? ? ? ? ? ? ? ? ? ? MOLREP  ? ? ? .        ? 4 
# 
_cell.angle_alpha                  90.00 
_cell.angle_alpha_esd              ? 
_cell.angle_beta                   90.00 
_cell.angle_beta_esd               ? 
_cell.angle_gamma                  90.00 
_cell.angle_gamma_esd              ? 
_cell.entry_id                     9QYD 
_cell.details                      ? 
_cell.formula_units_Z              ? 
_cell.length_a                     39.701 
_cell.length_a_esd                 ? 
_cell.length_b                     63.847 
_cell.length_b_esd                 ? 
_cell.length_c                     69.530 
_cell.length_c_esd                 ? 
_cell.volume                       ? 
_cell.volume_esd                   ? 
_cell.Z_PDB                        4 
_cell.reciprocal_angle_alpha       ? 
_cell.reciprocal_angle_beta        ? 
_cell.reciprocal_angle_gamma       ? 
_cell.reciprocal_angle_alpha_esd   ? 
_cell.reciprocal_angle_beta_esd    ? 
_cell.reciprocal_angle_gamma_esd   ? 
_cell.reciprocal_length_a          ? 
_cell.reciprocal_length_b          ? 
_cell.reciprocal_length_c          ? 
_cell.reciprocal_length_a_esd      ? 
_cell.reciprocal_length_b_esd      ? 
_cell.reciprocal_length_c_esd      ? 
_cell.pdbx_unique_axis             ? 
_cell.pdbx_esd_method              ? 
# 
_symmetry.entry_id                         9QYD 
_symmetry.cell_setting                     ? 
_symmetry.Int_Tables_number                17 
_symmetry.space_group_name_Hall            ? 
_symmetry.space_group_name_H-M             'P 21 2 2' 
_symmetry.pdbx_full_space_group_name_H-M   ? 
# 
_exptl.absorpt_coefficient_mu     ? 
_exptl.absorpt_correction_T_max   ? 
_exptl.absorpt_correction_T_min   ? 
_exptl.absorpt_correction_type    ? 
_exptl.absorpt_process_details    ? 
_exptl.entry_id                   9QYD 
_exptl.crystals_number            1 
_exptl.details                    ? 
_exptl.method                     'X-RAY DIFFRACTION' 
_exptl.method_details             ? 
# 
_exptl_crystal.colour                       ? 
_exptl_crystal.density_diffrn               ? 
_exptl_crystal.density_Matthews             2.00 
_exptl_crystal.density_method               ? 
_exptl_crystal.density_percent_sol          38.58 
_exptl_crystal.description                  ? 
_exptl_crystal.F_000                        ? 
_exptl_crystal.id                           1 
_exptl_crystal.preparation                  ? 
_exptl_crystal.size_max                     ? 
_exptl_crystal.size_mid                     ? 
_exptl_crystal.size_min                     ? 
_exptl_crystal.size_rad                     ? 
_exptl_crystal.colour_lustre                ? 
_exptl_crystal.colour_modifier              ? 
_exptl_crystal.colour_primary               ? 
_exptl_crystal.density_meas                 ? 
_exptl_crystal.density_meas_esd             ? 
_exptl_crystal.density_meas_gt              ? 
_exptl_crystal.density_meas_lt              ? 
_exptl_crystal.density_meas_temp            ? 
_exptl_crystal.density_meas_temp_esd        ? 
_exptl_crystal.density_meas_temp_gt         ? 
_exptl_crystal.density_meas_temp_lt         ? 
_exptl_crystal.pdbx_crystal_image_url       ? 
_exptl_crystal.pdbx_crystal_image_format    ? 
_exptl_crystal.pdbx_mosaicity               ? 
_exptl_crystal.pdbx_mosaicity_esd           ? 
_exptl_crystal.pdbx_mosaic_method           ? 
_exptl_crystal.pdbx_mosaic_block_size       ? 
_exptl_crystal.pdbx_mosaic_block_size_esd   ? 
# 
_exptl_crystal_grow.apparatus       ? 
_exptl_crystal_grow.atmosphere      ? 
_exptl_crystal_grow.crystal_id      1 
_exptl_crystal_grow.details         ? 
_exptl_crystal_grow.method          'VAPOR DIFFUSION, SITTING DROP' 
_exptl_crystal_grow.method_ref      ? 
_exptl_crystal_grow.pH              7 
_exptl_crystal_grow.pressure        ? 
_exptl_crystal_grow.pressure_esd    ? 
_exptl_crystal_grow.seeding         ? 
_exptl_crystal_grow.seeding_ref     ? 
_exptl_crystal_grow.temp_details    ? 
_exptl_crystal_grow.temp_esd        ? 
_exptl_crystal_grow.time            ? 
_exptl_crystal_grow.pdbx_details    '2.4M Sodium malonate, 4% PPG P400' 
_exptl_crystal_grow.pdbx_pH_range   ? 
_exptl_crystal_grow.temp            298 
# 
_diffrn.ambient_environment              ? 
_diffrn.ambient_temp                     100 
_diffrn.ambient_temp_details             ? 
_diffrn.ambient_temp_esd                 ? 
_diffrn.crystal_id                       1 
_diffrn.crystal_support                  ? 
_diffrn.crystal_treatment                ? 
_diffrn.details                          ? 
_diffrn.id                               1 
_diffrn.ambient_pressure                 ? 
_diffrn.ambient_pressure_esd             ? 
_diffrn.ambient_pressure_gt              ? 
_diffrn.ambient_pressure_lt              ? 
_diffrn.ambient_temp_gt                  ? 
_diffrn.ambient_temp_lt                  ? 
_diffrn.pdbx_serial_crystal_experiment   N 
# 
_diffrn_detector.details                      ? 
_diffrn_detector.detector                     PIXEL 
_diffrn_detector.diffrn_id                    1 
_diffrn_detector.type                         'DECTRIS PILATUS3 S 6M' 
_diffrn_detector.area_resol_mean              ? 
_diffrn_detector.dtime                        ? 
_diffrn_detector.pdbx_frames_total            ? 
_diffrn_detector.pdbx_collection_time_total   ? 
_diffrn_detector.pdbx_collection_date         2024-07-10 
_diffrn_detector.pdbx_frequency               ? 
_diffrn_detector.id                           ? 
_diffrn_detector.number_of_axes               ? 
# 
_diffrn_radiation.collimation                      ? 
_diffrn_radiation.diffrn_id                        1 
_diffrn_radiation.filter_edge                      ? 
_diffrn_radiation.inhomogeneity                    ? 
_diffrn_radiation.monochromator                    ? 
_diffrn_radiation.polarisn_norm                    ? 
_diffrn_radiation.polarisn_ratio                   ? 
_diffrn_radiation.probe                            ? 
_diffrn_radiation.type                             ? 
_diffrn_radiation.xray_symbol                      ? 
_diffrn_radiation.wavelength_id                    1 
_diffrn_radiation.pdbx_monochromatic_or_laue_m_l   M 
_diffrn_radiation.pdbx_wavelength_list             ? 
_diffrn_radiation.pdbx_wavelength                  ? 
_diffrn_radiation.pdbx_diffrn_protocol             'SINGLE WAVELENGTH' 
_diffrn_radiation.pdbx_analyzer                    ? 
_diffrn_radiation.pdbx_scattering_type             x-ray 
# 
_diffrn_radiation_wavelength.id           1 
_diffrn_radiation_wavelength.wavelength   0.9655 
_diffrn_radiation_wavelength.wt           1.0 
# 
_diffrn_source.current                     ? 
_diffrn_source.details                     ? 
_diffrn_source.diffrn_id                   1 
_diffrn_source.power                       ? 
_diffrn_source.size                        ? 
_diffrn_source.source                      SYNCHROTRON 
_diffrn_source.target                      ? 
_diffrn_source.type                        'ESRF BEAMLINE MASSIF-1' 
_diffrn_source.voltage                     ? 
_diffrn_source.take-off_angle              ? 
_diffrn_source.pdbx_wavelength_list        0.9655 
_diffrn_source.pdbx_wavelength             ? 
_diffrn_source.pdbx_synchrotron_beamline   MASSIF-1 
_diffrn_source.pdbx_synchrotron_site       ESRF 
# 
_reflns.B_iso_Wilson_estimate                          ? 
_reflns.entry_id                                       9QYD 
_reflns.data_reduction_details                         ? 
_reflns.data_reduction_method                          ? 
_reflns.d_resolution_high                              1.91 
_reflns.d_resolution_low                               47.03 
_reflns.details                                        ? 
_reflns.limit_h_max                                    ? 
_reflns.limit_h_min                                    ? 
_reflns.limit_k_max                                    ? 
_reflns.limit_k_min                                    ? 
_reflns.limit_l_max                                    ? 
_reflns.limit_l_min                                    ? 
_reflns.number_all                                     ? 
_reflns.number_obs                                     14316 
_reflns.observed_criterion                             ? 
_reflns.observed_criterion_F_max                       ? 
_reflns.observed_criterion_F_min                       ? 
_reflns.observed_criterion_I_max                       ? 
_reflns.observed_criterion_I_min                       ? 
_reflns.observed_criterion_sigma_F                     ? 
_reflns.observed_criterion_sigma_I                     ? 
_reflns.percent_possible_obs                           100 
_reflns.R_free_details                                 ? 
_reflns.Rmerge_F_all                                   ? 
_reflns.Rmerge_F_obs                                   ? 
_reflns.Friedel_coverage                               ? 
_reflns.number_gt                                      ? 
_reflns.threshold_expression                           ? 
_reflns.pdbx_redundancy                                6.3 
_reflns.pdbx_netI_over_av_sigmaI                       ? 
_reflns.pdbx_netI_over_sigmaI                          9.4 
_reflns.pdbx_res_netI_over_av_sigmaI_2                 ? 
_reflns.pdbx_res_netI_over_sigmaI_2                    ? 
_reflns.pdbx_chi_squared                               ? 
_reflns.pdbx_scaling_rejects                           ? 
_reflns.pdbx_d_res_high_opt                            ? 
_reflns.pdbx_d_res_low_opt                             ? 
_reflns.pdbx_d_res_opt_method                          ? 
_reflns.phase_calculation_details                      ? 
_reflns.pdbx_Rrim_I_all                                ? 
_reflns.pdbx_Rpim_I_all                                ? 
_reflns.pdbx_d_opt                                     ? 
_reflns.pdbx_number_measured_all                       ? 
_reflns.pdbx_diffrn_id                                 1 
_reflns.pdbx_ordinal                                   1 
_reflns.pdbx_CC_half                                   0.998 
_reflns.pdbx_CC_star                                   ? 
_reflns.pdbx_R_split                                   ? 
_reflns.pdbx_Rmerge_I_obs                              ? 
_reflns.pdbx_Rmerge_I_all                              ? 
_reflns.pdbx_Rsym_value                                ? 
_reflns.pdbx_CC_split_method                           ? 
_reflns.pdbx_aniso_diffraction_limit_axis_1_ortho[1]   ? 
_reflns.pdbx_aniso_diffraction_limit_axis_1_ortho[2]   ? 
_reflns.pdbx_aniso_diffraction_limit_axis_1_ortho[3]   ? 
_reflns.pdbx_aniso_diffraction_limit_axis_2_ortho[1]   ? 
_reflns.pdbx_aniso_diffraction_limit_axis_2_ortho[2]   ? 
_reflns.pdbx_aniso_diffraction_limit_axis_2_ortho[3]   ? 
_reflns.pdbx_aniso_diffraction_limit_axis_3_ortho[1]   ? 
_reflns.pdbx_aniso_diffraction_limit_axis_3_ortho[2]   ? 
_reflns.pdbx_aniso_diffraction_limit_axis_3_ortho[3]   ? 
_reflns.pdbx_aniso_diffraction_limit_1                 ? 
_reflns.pdbx_aniso_diffraction_limit_2                 ? 
_reflns.pdbx_aniso_diffraction_limit_3                 ? 
_reflns.pdbx_aniso_B_tensor_eigenvector_1_ortho[1]     ? 
_reflns.pdbx_aniso_B_tensor_eigenvector_1_ortho[2]     ? 
_reflns.pdbx_aniso_B_tensor_eigenvector_1_ortho[3]     ? 
_reflns.pdbx_aniso_B_tensor_eigenvector_2_ortho[1]     ? 
_reflns.pdbx_aniso_B_tensor_eigenvector_2_ortho[2]     ? 
_reflns.pdbx_aniso_B_tensor_eigenvector_2_ortho[3]     ? 
_reflns.pdbx_aniso_B_tensor_eigenvector_3_ortho[1]     ? 
_reflns.pdbx_aniso_B_tensor_eigenvector_3_ortho[2]     ? 
_reflns.pdbx_aniso_B_tensor_eigenvector_3_ortho[3]     ? 
_reflns.pdbx_aniso_B_tensor_eigenvalue_1               ? 
_reflns.pdbx_aniso_B_tensor_eigenvalue_2               ? 
_reflns.pdbx_aniso_B_tensor_eigenvalue_3               ? 
_reflns.pdbx_orthogonalization_convention              ? 
_reflns.pdbx_percent_possible_ellipsoidal              ? 
_reflns.pdbx_percent_possible_spherical                ? 
_reflns.pdbx_percent_possible_ellipsoidal_anomalous    ? 
_reflns.pdbx_percent_possible_spherical_anomalous      ? 
_reflns.pdbx_redundancy_anomalous                      ? 
_reflns.pdbx_CC_half_anomalous                         ? 
_reflns.pdbx_absDiff_over_sigma_anomalous              ? 
_reflns.pdbx_percent_possible_anomalous                ? 
_reflns.pdbx_observed_signal_threshold                 ? 
_reflns.pdbx_signal_type                               ? 
_reflns.pdbx_signal_details                            ? 
_reflns.pdbx_signal_software_id                        ? 
# 
_reflns_shell.d_res_high                                    1.91 
_reflns_shell.d_res_low                                     1.96 
_reflns_shell.meanI_over_sigI_all                           ? 
_reflns_shell.meanI_over_sigI_obs                           ? 
_reflns_shell.number_measured_all                           ? 
_reflns_shell.number_measured_obs                           ? 
_reflns_shell.number_possible                               ? 
_reflns_shell.number_unique_all                             ? 
_reflns_shell.number_unique_obs                             946 
_reflns_shell.percent_possible_obs                          ? 
_reflns_shell.Rmerge_F_all                                  ? 
_reflns_shell.Rmerge_F_obs                                  ? 
_reflns_shell.meanI_over_sigI_gt                            ? 
_reflns_shell.meanI_over_uI_all                             ? 
_reflns_shell.meanI_over_uI_gt                              ? 
_reflns_shell.number_measured_gt                            ? 
_reflns_shell.number_unique_gt                              ? 
_reflns_shell.percent_possible_gt                           ? 
_reflns_shell.Rmerge_F_gt                                   ? 
_reflns_shell.Rmerge_I_gt                                   ? 
_reflns_shell.pdbx_redundancy                               ? 
_reflns_shell.pdbx_chi_squared                              ? 
_reflns_shell.pdbx_netI_over_sigmaI_all                     ? 
_reflns_shell.pdbx_netI_over_sigmaI_obs                     ? 
_reflns_shell.pdbx_Rrim_I_all                               ? 
_reflns_shell.pdbx_Rpim_I_all                               ? 
_reflns_shell.pdbx_rejects                                  ? 
_reflns_shell.pdbx_ordinal                                  1 
_reflns_shell.pdbx_diffrn_id                                1 
_reflns_shell.pdbx_CC_half                                  0.535 
_reflns_shell.pdbx_CC_star                                  ? 
_reflns_shell.pdbx_R_split                                  ? 
_reflns_shell.percent_possible_all                          100 
_reflns_shell.Rmerge_I_all                                  ? 
_reflns_shell.Rmerge_I_obs                                  ? 
_reflns_shell.pdbx_Rsym_value                               ? 
_reflns_shell.pdbx_percent_possible_ellipsoidal             ? 
_reflns_shell.pdbx_percent_possible_spherical               ? 
_reflns_shell.pdbx_percent_possible_ellipsoidal_anomalous   ? 
_reflns_shell.pdbx_percent_possible_spherical_anomalous     ? 
_reflns_shell.pdbx_redundancy_anomalous                     ? 
_reflns_shell.pdbx_CC_half_anomalous                        ? 
_reflns_shell.pdbx_absDiff_over_sigma_anomalous             ? 
_reflns_shell.pdbx_percent_possible_anomalous               ? 
# 
_refine.aniso_B[1][1]                            -0.94 
_refine.aniso_B[1][2]                            -0.00 
_refine.aniso_B[1][3]                            -0.00 
_refine.aniso_B[2][2]                            0.27 
_refine.aniso_B[2][3]                            -0.00 
_refine.aniso_B[3][3]                            0.66 
_refine.B_iso_max                                ? 
_refine.B_iso_mean                               30.821 
_refine.B_iso_min                                ? 
_refine.correlation_coeff_Fo_to_Fc               0.954 
_refine.correlation_coeff_Fo_to_Fc_free          0.944 
_refine.details                                  'HYDROGENS HAVE BEEN USED IF PRESENT IN THE INPUT' 
_refine.diff_density_max                         ? 
_refine.diff_density_max_esd                     ? 
_refine.diff_density_min                         ? 
_refine.diff_density_min_esd                     ? 
_refine.diff_density_rms                         ? 
_refine.diff_density_rms_esd                     ? 
_refine.entry_id                                 9QYD 
_refine.pdbx_refine_id                           'X-RAY DIFFRACTION' 
_refine.ls_abs_structure_details                 ? 
_refine.ls_abs_structure_Flack                   ? 
_refine.ls_abs_structure_Flack_esd               ? 
_refine.ls_abs_structure_Rogers                  ? 
_refine.ls_abs_structure_Rogers_esd              ? 
_refine.ls_d_res_high                            1.91 
_refine.ls_d_res_low                             47.03 
_refine.ls_extinction_coef                       ? 
_refine.ls_extinction_coef_esd                   ? 
_refine.ls_extinction_expression                 ? 
_refine.ls_extinction_method                     ? 
_refine.ls_goodness_of_fit_all                   ? 
_refine.ls_goodness_of_fit_all_esd               ? 
_refine.ls_goodness_of_fit_obs                   ? 
_refine.ls_goodness_of_fit_obs_esd               ? 
_refine.ls_hydrogen_treatment                    ? 
_refine.ls_matrix_type                           ? 
_refine.ls_number_constraints                    ? 
_refine.ls_number_parameters                     ? 
_refine.ls_number_reflns_all                     ? 
_refine.ls_number_reflns_obs                     13536 
_refine.ls_number_reflns_R_free                  753 
_refine.ls_number_reflns_R_work                  ? 
_refine.ls_number_restraints                     ? 
_refine.ls_percent_reflns_obs                    99.86 
_refine.ls_percent_reflns_R_free                 5.3 
_refine.ls_R_factor_all                          ? 
_refine.ls_R_factor_obs                          0.18931 
_refine.ls_R_factor_R_free                       0.23507 
_refine.ls_R_factor_R_free_error                 ? 
_refine.ls_R_factor_R_free_error_details         ? 
_refine.ls_R_factor_R_work                       0.18679 
_refine.ls_R_Fsqd_factor_obs                     ? 
_refine.ls_R_I_factor_obs                        ? 
_refine.ls_redundancy_reflns_all                 ? 
_refine.ls_redundancy_reflns_obs                 ? 
_refine.ls_restrained_S_all                      ? 
_refine.ls_restrained_S_obs                      ? 
_refine.ls_shift_over_esd_max                    ? 
_refine.ls_shift_over_esd_mean                   ? 
_refine.ls_structure_factor_coef                 ? 
_refine.ls_weighting_details                     ? 
_refine.ls_weighting_scheme                      ? 
_refine.ls_wR_factor_all                         ? 
_refine.ls_wR_factor_obs                         ? 
_refine.ls_wR_factor_R_free                      ? 
_refine.ls_wR_factor_R_work                      ? 
_refine.occupancy_max                            ? 
_refine.occupancy_min                            ? 
_refine.solvent_model_details                    MASK 
_refine.solvent_model_param_bsol                 ? 
_refine.solvent_model_param_ksol                 ? 
_refine.correlation_coeff_I_to_Fcsqd_work        ? 
_refine.correlation_coeff_I_to_Fcsqd_free        ? 
_refine.pdbx_R_complete                          ? 
_refine.ls_R_factor_gt                           ? 
_refine.ls_goodness_of_fit_gt                    ? 
_refine.ls_goodness_of_fit_ref                   ? 
_refine.ls_shift_over_su_max                     ? 
_refine.ls_shift_over_su_max_lt                  ? 
_refine.ls_shift_over_su_mean                    ? 
_refine.ls_shift_over_su_mean_lt                 ? 
_refine.pdbx_ls_sigma_I                          ? 
_refine.pdbx_ls_sigma_F                          ? 
_refine.pdbx_ls_sigma_Fsqd                       ? 
_refine.pdbx_data_cutoff_high_absF               ? 
_refine.pdbx_data_cutoff_high_rms_absF           ? 
_refine.pdbx_data_cutoff_low_absF                ? 
_refine.pdbx_isotropic_thermal_model             ? 
_refine.pdbx_ls_cross_valid_method               THROUGHOUT 
_refine.pdbx_method_to_determine_struct          'MOLECULAR REPLACEMENT' 
_refine.pdbx_starting_model                      ? 
_refine.pdbx_stereochemistry_target_values       'MAXIMUM LIKELIHOOD' 
_refine.pdbx_R_Free_selection_details            RANDOM 
_refine.pdbx_stereochem_target_val_spec_case     ? 
_refine.pdbx_overall_ESU_R                       0.175 
_refine.pdbx_overall_ESU_R_Free                  0.159 
_refine.pdbx_solvent_vdw_probe_radii             1.20 
_refine.pdbx_solvent_ion_probe_radii             0.80 
_refine.pdbx_solvent_shrinkage_radii             0.80 
_refine.pdbx_real_space_R                        ? 
_refine.pdbx_density_correlation                 ? 
_refine.pdbx_pd_number_of_powder_patterns        ? 
_refine.pdbx_pd_number_of_points                 ? 
_refine.pdbx_pd_meas_number_of_points            ? 
_refine.pdbx_pd_proc_ls_prof_R_factor            ? 
_refine.pdbx_pd_proc_ls_prof_wR_factor           ? 
_refine.pdbx_pd_Marquardt_correlation_coeff      ? 
_refine.pdbx_pd_Fsqrd_R_factor                   ? 
_refine.pdbx_pd_ls_matrix_band_width             ? 
_refine.pdbx_overall_phase_error                 ? 
_refine.pdbx_overall_SU_R_free_Cruickshank_DPI   ? 
_refine.pdbx_overall_SU_R_free_Blow_DPI          ? 
_refine.pdbx_overall_SU_R_Blow_DPI               ? 
_refine.pdbx_TLS_residual_ADP_flag               ? 
_refine.pdbx_diffrn_id                           1 
_refine.overall_SU_B                             4.082 
_refine.overall_SU_ML                            0.115 
_refine.overall_SU_R_Cruickshank_DPI             ? 
_refine.overall_SU_R_free                        ? 
_refine.overall_FOM_free_R_set                   ? 
_refine.overall_FOM_work_R_set                   ? 
_refine.pdbx_average_fsc_overall                 ? 
_refine.pdbx_average_fsc_work                    ? 
_refine.pdbx_average_fsc_free                    ? 
# 
_refine_hist.pdbx_refine_id                   'X-RAY DIFFRACTION' 
_refine_hist.cycle_id                         1 
_refine_hist.details                          ? 
_refine_hist.d_res_high                       1.91 
_refine_hist.d_res_low                        47.03 
_refine_hist.number_atoms_solvent             70 
_refine_hist.number_atoms_total               1592 
_refine_hist.number_reflns_all                ? 
_refine_hist.number_reflns_obs                ? 
_refine_hist.number_reflns_R_free             ? 
_refine_hist.number_reflns_R_work             ? 
_refine_hist.R_factor_all                     ? 
_refine_hist.R_factor_obs                     ? 
_refine_hist.R_factor_R_free                  ? 
_refine_hist.R_factor_R_work                  ? 
_refine_hist.pdbx_number_residues_total       ? 
_refine_hist.pdbx_B_iso_mean_ligand           ? 
_refine_hist.pdbx_B_iso_mean_solvent          ? 
_refine_hist.pdbx_number_atoms_protein        1496 
_refine_hist.pdbx_number_atoms_nucleic_acid   0 
_refine_hist.pdbx_number_atoms_ligand         26 
_refine_hist.pdbx_number_atoms_lipid          ? 
_refine_hist.pdbx_number_atoms_carb           ? 
_refine_hist.pdbx_pseudo_atom_details         ? 
# 
loop_
_refine_ls_restr.pdbx_refine_id 
_refine_ls_restr.criterion 
_refine_ls_restr.dev_ideal 
_refine_ls_restr.dev_ideal_target 
_refine_ls_restr.number 
_refine_ls_restr.rejects 
_refine_ls_restr.type 
_refine_ls_restr.weight 
_refine_ls_restr.pdbx_Zscore 
_refine_ls_restr.pdbx_restraint_function 
'X-RAY DIFFRACTION' ? 0.007  0.012  1590 ? r_bond_refined_d             ? ? ? 
'X-RAY DIFFRACTION' ? 0.001  0.016  1572 ? r_bond_other_d               ? ? ? 
'X-RAY DIFFRACTION' ? 1.539  1.812  2155 ? r_angle_refined_deg          ? ? ? 
'X-RAY DIFFRACTION' ? 0.523  1.750  3620 ? r_angle_other_deg            ? ? ? 
'X-RAY DIFFRACTION' ? 6.997  5.000  204  ? r_dihedral_angle_1_deg       ? ? ? 
'X-RAY DIFFRACTION' ? 8.581  5.000  7    ? r_dihedral_angle_2_deg       ? ? ? 
'X-RAY DIFFRACTION' ? 12.406 10.000 282  ? r_dihedral_angle_3_deg       ? ? ? 
'X-RAY DIFFRACTION' ? ?      ?      ?    ? r_dihedral_angle_4_deg       ? ? ? 
'X-RAY DIFFRACTION' ? 0.071  0.200  251  ? r_chiral_restr               ? ? ? 
'X-RAY DIFFRACTION' ? 0.006  0.020  1861 ? r_gen_planes_refined         ? ? ? 
'X-RAY DIFFRACTION' ? 0.001  0.020  341  ? r_gen_planes_other           ? ? ? 
'X-RAY DIFFRACTION' ? ?      ?      ?    ? r_nbd_refined                ? ? ? 
'X-RAY DIFFRACTION' ? ?      ?      ?    ? r_nbd_other                  ? ? ? 
'X-RAY DIFFRACTION' ? ?      ?      ?    ? r_nbtor_refined              ? ? ? 
'X-RAY DIFFRACTION' ? ?      ?      ?    ? r_nbtor_other                ? ? ? 
'X-RAY DIFFRACTION' ? ?      ?      ?    ? r_xyhbond_nbd_refined        ? ? ? 
'X-RAY DIFFRACTION' ? ?      ?      ?    ? r_xyhbond_nbd_other          ? ? ? 
'X-RAY DIFFRACTION' ? ?      ?      ?    ? r_metal_ion_refined          ? ? ? 
'X-RAY DIFFRACTION' ? ?      ?      ?    ? r_metal_ion_other            ? ? ? 
'X-RAY DIFFRACTION' ? ?      ?      ?    ? r_symmetry_vdw_refined       ? ? ? 
'X-RAY DIFFRACTION' ? ?      ?      ?    ? r_symmetry_vdw_other         ? ? ? 
'X-RAY DIFFRACTION' ? ?      ?      ?    ? r_symmetry_hbond_refined     ? ? ? 
'X-RAY DIFFRACTION' ? ?      ?      ?    ? r_symmetry_hbond_other       ? ? ? 
'X-RAY DIFFRACTION' ? ?      ?      ?    ? r_symmetry_metal_ion_refined ? ? ? 
'X-RAY DIFFRACTION' ? ?      ?      ?    ? r_symmetry_metal_ion_other   ? ? ? 
'X-RAY DIFFRACTION' ? 2.233  2.757  804  ? r_mcbond_it                  ? ? ? 
'X-RAY DIFFRACTION' ? 2.231  2.757  804  ? r_mcbond_other               ? ? ? 
'X-RAY DIFFRACTION' ? 3.284  4.944  1012 ? r_mcangle_it                 ? ? ? 
'X-RAY DIFFRACTION' ? 3.283  4.944  1013 ? r_mcangle_other              ? ? ? 
'X-RAY DIFFRACTION' ? 3.524  3.293  786  ? r_scbond_it                  ? ? ? 
'X-RAY DIFFRACTION' ? 3.522  3.295  787  ? r_scbond_other               ? ? ? 
'X-RAY DIFFRACTION' ? ?      ?      ?    ? r_scangle_it                 ? ? ? 
'X-RAY DIFFRACTION' ? 5.394  5.801  1144 ? r_scangle_other              ? ? ? 
'X-RAY DIFFRACTION' ? 7.537  30.58  1739 ? r_long_range_B_refined       ? ? ? 
'X-RAY DIFFRACTION' ? 7.509  29.74  1726 ? r_long_range_B_other         ? ? ? 
'X-RAY DIFFRACTION' ? ?      ?      ?    ? r_rigid_bond_restr           ? ? ? 
'X-RAY DIFFRACTION' ? ?      ?      ?    ? r_sphericity_free            ? ? ? 
'X-RAY DIFFRACTION' ? ?      ?      ?    ? r_sphericity_bonded          ? ? ? 
# 
_refine_ls_shell.pdbx_refine_id                      'X-RAY DIFFRACTION' 
_refine_ls_shell.d_res_high                          1.910 
_refine_ls_shell.d_res_low                           1.960 
_refine_ls_shell.number_reflns_all                   ? 
_refine_ls_shell.number_reflns_obs                   ? 
_refine_ls_shell.number_reflns_R_free                56 
_refine_ls_shell.number_reflns_R_work                983 
_refine_ls_shell.percent_reflns_obs                  100.00 
_refine_ls_shell.percent_reflns_R_free               ? 
_refine_ls_shell.R_factor_all                        ? 
_refine_ls_shell.R_factor_obs                        ? 
_refine_ls_shell.R_factor_R_free_error               ? 
_refine_ls_shell.R_factor_R_work                     0.298 
_refine_ls_shell.redundancy_reflns_all               ? 
_refine_ls_shell.redundancy_reflns_obs               ? 
_refine_ls_shell.wR_factor_all                       ? 
_refine_ls_shell.wR_factor_obs                       ? 
_refine_ls_shell.wR_factor_R_free                    ? 
_refine_ls_shell.wR_factor_R_work                    ? 
_refine_ls_shell.pdbx_R_complete                     ? 
_refine_ls_shell.correlation_coeff_Fo_to_Fc          ? 
_refine_ls_shell.correlation_coeff_Fo_to_Fc_free     ? 
_refine_ls_shell.correlation_coeff_I_to_Fcsqd_work   ? 
_refine_ls_shell.correlation_coeff_I_to_Fcsqd_free   ? 
_refine_ls_shell.pdbx_total_number_of_bins_used      20 
_refine_ls_shell.pdbx_phase_error                    ? 
_refine_ls_shell.pdbx_fsc_work                       ? 
_refine_ls_shell.pdbx_fsc_free                       ? 
_refine_ls_shell.R_factor_R_free                     0.274 
# 
_struct.entry_id                     9QYD 
_struct.title                        'PARP9 Macro domain 1, Free form' 
_struct.pdbx_model_details           ? 
_struct.pdbx_formula_weight          ? 
_struct.pdbx_formula_weight_method   ? 
_struct.pdbx_model_type_details      ? 
_struct.pdbx_CASP_flag               N 
# 
_struct_keywords.entry_id        9QYD 
_struct_keywords.text            'Macro domain, Free Form, PARP9, HYDROLASE' 
_struct_keywords.pdbx_keywords   HYDROLASE 
# 
loop_
_struct_asym.id 
_struct_asym.pdbx_blank_PDB_chainid_flag 
_struct_asym.pdbx_modified 
_struct_asym.entity_id 
_struct_asym.details 
A N N 1 ? 
B N N 2 ? 
C N N 3 ? 
D N N 3 ? 
E N N 2 ? 
F N N 4 ? 
# 
_struct_ref.id                         1 
_struct_ref.db_name                    UNP 
_struct_ref.db_code                    PARP9_HUMAN 
_struct_ref.pdbx_db_accession          Q8IXQ6 
_struct_ref.pdbx_db_isoform            ? 
_struct_ref.entity_id                  1 
_struct_ref.pdbx_seq_one_letter_code   
;GNSKSLQVFRKMLTPRIELSVWKDDLTTHAVDAVVNAANEDLLHGGGLALALVKAGGFEIQEESKQFVARYGKVSAGEIA
VTGAGRLPCKQIIHAVGPRWMEWDKQGCTGKLQRAIVSILNYVIYKNTHIKTVAIPALSSGIFQFPLNLCTKTIVETIRV
SLQGKPMMSNLKEIHLVSNEDPTVAAFKAASEFILGKSE
;
_struct_ref.pdbx_align_begin           102 
# 
_struct_ref_seq.align_id                      1 
_struct_ref_seq.ref_id                        1 
_struct_ref_seq.pdbx_PDB_id_code              9QYD 
_struct_ref_seq.pdbx_strand_id                A 
_struct_ref_seq.seq_align_beg                 5 
_struct_ref_seq.pdbx_seq_align_beg_ins_code   ? 
_struct_ref_seq.seq_align_end                 203 
_struct_ref_seq.pdbx_seq_align_end_ins_code   ? 
_struct_ref_seq.pdbx_db_accession             Q8IXQ6 
_struct_ref_seq.db_align_beg                  102 
_struct_ref_seq.pdbx_db_align_beg_ins_code    ? 
_struct_ref_seq.db_align_end                  300 
_struct_ref_seq.pdbx_db_align_end_ins_code    ? 
_struct_ref_seq.pdbx_auth_seq_align_beg       102 
_struct_ref_seq.pdbx_auth_seq_align_end       300 
# 
loop_
_struct_ref_seq_dif.align_id 
_struct_ref_seq_dif.pdbx_pdb_id_code 
_struct_ref_seq_dif.mon_id 
_struct_ref_seq_dif.pdbx_pdb_strand_id 
_struct_ref_seq_dif.seq_num 
_struct_ref_seq_dif.pdbx_pdb_ins_code 
_struct_ref_seq_dif.pdbx_seq_db_name 
_struct_ref_seq_dif.pdbx_seq_db_accession_code 
_struct_ref_seq_dif.db_mon_id 
_struct_ref_seq_dif.pdbx_seq_db_seq_num 
_struct_ref_seq_dif.details 
_struct_ref_seq_dif.pdbx_auth_seq_num 
_struct_ref_seq_dif.pdbx_ordinal 
1 9QYD GLY A 1 ? UNP Q8IXQ6 ? ? 'expression tag' 98  1 
1 9QYD ALA A 2 ? UNP Q8IXQ6 ? ? 'expression tag' 99  2 
1 9QYD MET A 3 ? UNP Q8IXQ6 ? ? 'expression tag' 100 3 
1 9QYD GLY A 4 ? UNP Q8IXQ6 ? ? 'expression tag' 101 4 
# 
_pdbx_struct_assembly.id                   1 
_pdbx_struct_assembly.details              author_defined_assembly 
_pdbx_struct_assembly.method_details       ? 
_pdbx_struct_assembly.oligomeric_details   monomeric 
_pdbx_struct_assembly.oligomeric_count     1 
# 
loop_
_pdbx_struct_assembly_prop.biol_id 
_pdbx_struct_assembly_prop.type 
_pdbx_struct_assembly_prop.value 
_pdbx_struct_assembly_prop.details 
1 'ABSA (A^2)' 940  ? 
1 MORE         5    ? 
1 'SSA (A^2)'  9240 ? 
# 
_pdbx_struct_assembly_gen.assembly_id       1 
_pdbx_struct_assembly_gen.oper_expression   1 
_pdbx_struct_assembly_gen.asym_id_list      A,B,C,D,E,F 
# 
_pdbx_struct_assembly_auth_evidence.id                     1 
_pdbx_struct_assembly_auth_evidence.assembly_id            1 
_pdbx_struct_assembly_auth_evidence.experimental_support   'gel filtration' 
_pdbx_struct_assembly_auth_evidence.details                ? 
# 
_pdbx_struct_oper_list.id                   1 
_pdbx_struct_oper_list.type                 'identity operation' 
_pdbx_struct_oper_list.name                 1_555 
_pdbx_struct_oper_list.symmetry_operation   x,y,z 
_pdbx_struct_oper_list.matrix[1][1]         1.0000000000 
_pdbx_struct_oper_list.matrix[1][2]         0.0000000000 
_pdbx_struct_oper_list.matrix[1][3]         0.0000000000 
_pdbx_struct_oper_list.vector[1]            0.0000000000 
_pdbx_struct_oper_list.matrix[2][1]         0.0000000000 
_pdbx_struct_oper_list.matrix[2][2]         1.0000000000 
_pdbx_struct_oper_list.matrix[2][3]         0.0000000000 
_pdbx_struct_oper_list.vector[2]            0.0000000000 
_pdbx_struct_oper_list.matrix[3][1]         0.0000000000 
_pdbx_struct_oper_list.matrix[3][2]         0.0000000000 
_pdbx_struct_oper_list.matrix[3][3]         1.0000000000 
_pdbx_struct_oper_list.vector[3]            0.0000000000 
# 
loop_
_struct_conf.conf_type_id 
_struct_conf.id 
_struct_conf.pdbx_PDB_helix_id 
_struct_conf.beg_label_comp_id 
_struct_conf.beg_label_asym_id 
_struct_conf.beg_label_seq_id 
_struct_conf.pdbx_beg_PDB_ins_code 
_struct_conf.end_label_comp_id 
_struct_conf.end_label_asym_id 
_struct_conf.end_label_seq_id 
_struct_conf.pdbx_end_PDB_ins_code 
_struct_conf.beg_auth_comp_id 
_struct_conf.beg_auth_asym_id 
_struct_conf.beg_auth_seq_id 
_struct_conf.end_auth_comp_id 
_struct_conf.end_auth_asym_id 
_struct_conf.end_auth_seq_id 
_struct_conf.pdbx_PDB_helix_class 
_struct_conf.details 
_struct_conf.pdbx_PDB_helix_length 
HELX_P HELX_P1 AA1 GLY A 50  ? GLY A 61  ? GLY A 147 GLY A 158 1 ? 12 
HELX_P HELX_P2 AA2 PHE A 62  ? GLY A 76  ? PHE A 159 GLY A 173 1 ? 15 
HELX_P HELX_P3 AA3 MET A 105 ? TRP A 107 ? MET A 202 TRP A 204 5 ? 3  
HELX_P HELX_P4 AA4 ASP A 108 ? LYS A 130 ? ASP A 205 LYS A 227 1 ? 23 
HELX_P HELX_P5 AA5 PRO A 150 ? GLN A 167 ? PRO A 247 GLN A 264 1 ? 18 
HELX_P HELX_P6 AA6 GLU A 184 ? GLY A 200 ? GLU A 281 GLY A 297 1 ? 17 
# 
_struct_conf_type.id          HELX_P 
_struct_conf_type.criteria    ? 
_struct_conf_type.reference   ? 
# 
_struct_sheet.id               AA1 
_struct_sheet.type             ? 
_struct_sheet.number_strands   7 
_struct_sheet.details          ? 
# 
loop_
_struct_sheet_order.sheet_id 
_struct_sheet_order.range_id_1 
_struct_sheet_order.range_id_2 
_struct_sheet_order.offset 
_struct_sheet_order.sense 
AA1 1 2 ? anti-parallel 
AA1 2 3 ? parallel      
AA1 3 4 ? parallel      
AA1 4 5 ? parallel      
AA1 5 6 ? parallel      
AA1 6 7 ? anti-parallel 
# 
loop_
_struct_sheet_range.sheet_id 
_struct_sheet_range.id 
_struct_sheet_range.beg_label_comp_id 
_struct_sheet_range.beg_label_asym_id 
_struct_sheet_range.beg_label_seq_id 
_struct_sheet_range.pdbx_beg_PDB_ins_code 
_struct_sheet_range.end_label_comp_id 
_struct_sheet_range.end_label_asym_id 
_struct_sheet_range.end_label_seq_id 
_struct_sheet_range.pdbx_end_PDB_ins_code 
_struct_sheet_range.beg_auth_comp_id 
_struct_sheet_range.beg_auth_asym_id 
_struct_sheet_range.beg_auth_seq_id 
_struct_sheet_range.end_auth_comp_id 
_struct_sheet_range.end_auth_asym_id 
_struct_sheet_range.end_auth_seq_id 
AA1 1 LEU A 10  ? MET A 16  ? LEU A 107 MET A 113 
AA1 2 GLU A 22  ? LYS A 27  ? GLU A 119 LYS A 124 
AA1 3 GLU A 177 ? SER A 182 ? GLU A 274 SER A 279 
AA1 4 THR A 136 ? ILE A 139 ? THR A 233 ILE A 236 
AA1 5 ALA A 37  ? ALA A 42  ? ALA A 134 ALA A 139 
AA1 6 GLN A 95  ? VAL A 100 ? GLN A 192 VAL A 197 
AA1 7 ILE A 83  ? GLY A 87  ? ILE A 180 GLY A 184 
# 
loop_
_pdbx_struct_sheet_hbond.sheet_id 
_pdbx_struct_sheet_hbond.range_id_1 
_pdbx_struct_sheet_hbond.range_id_2 
_pdbx_struct_sheet_hbond.range_1_label_atom_id 
_pdbx_struct_sheet_hbond.range_1_label_comp_id 
_pdbx_struct_sheet_hbond.range_1_label_asym_id 
_pdbx_struct_sheet_hbond.range_1_label_seq_id 
_pdbx_struct_sheet_hbond.range_1_PDB_ins_code 
_pdbx_struct_sheet_hbond.range_1_auth_atom_id 
_pdbx_struct_sheet_hbond.range_1_auth_comp_id 
_pdbx_struct_sheet_hbond.range_1_auth_asym_id 
_pdbx_struct_sheet_hbond.range_1_auth_seq_id 
_pdbx_struct_sheet_hbond.range_2_label_atom_id 
_pdbx_struct_sheet_hbond.range_2_label_comp_id 
_pdbx_struct_sheet_hbond.range_2_label_asym_id 
_pdbx_struct_sheet_hbond.range_2_label_seq_id 
_pdbx_struct_sheet_hbond.range_2_PDB_ins_code 
_pdbx_struct_sheet_hbond.range_2_auth_atom_id 
_pdbx_struct_sheet_hbond.range_2_auth_comp_id 
_pdbx_struct_sheet_hbond.range_2_auth_asym_id 
_pdbx_struct_sheet_hbond.range_2_auth_seq_id 
AA1 1 2 N LYS A 15  ? N LYS A 112 O LEU A 23  ? O LEU A 120 
AA1 2 3 N TRP A 26  ? N TRP A 123 O LEU A 180 ? O LEU A 277 
AA1 3 4 O HIS A 179 ? O HIS A 276 N VAL A 137 ? N VAL A 234 
AA1 4 5 O ALA A 138 ? O ALA A 235 N VAL A 39  ? N VAL A 136 
AA1 5 6 N ASN A 40  ? N ASN A 137 O ALA A 99  ? O ALA A 196 
AA1 6 7 O HIS A 98  ? O HIS A 195 N ALA A 84  ? N ALA A 181 
# 
_pdbx_entry_details.entry_id                   9QYD 
_pdbx_entry_details.nonpolymer_details         ? 
_pdbx_entry_details.sequence_details           ? 
_pdbx_entry_details.compound_details           ? 
_pdbx_entry_details.source_details             ? 
_pdbx_entry_details.has_ligand_of_interest     N 
_pdbx_entry_details.has_protein_modification   N 
# 
_pdbx_validate_symm_contact.id                1 
_pdbx_validate_symm_contact.PDB_model_num     1 
_pdbx_validate_symm_contact.auth_atom_id_1    OE2 
_pdbx_validate_symm_contact.auth_asym_id_1    A 
_pdbx_validate_symm_contact.auth_comp_id_1    GLU 
_pdbx_validate_symm_contact.auth_seq_id_1     257 
_pdbx_validate_symm_contact.PDB_ins_code_1    ? 
_pdbx_validate_symm_contact.label_alt_id_1    ? 
_pdbx_validate_symm_contact.site_symmetry_1   1_555 
_pdbx_validate_symm_contact.auth_atom_id_2    OE2 
_pdbx_validate_symm_contact.auth_asym_id_2    A 
_pdbx_validate_symm_contact.auth_comp_id_2    GLU 
_pdbx_validate_symm_contact.auth_seq_id_2     257 
_pdbx_validate_symm_contact.PDB_ins_code_2    ? 
_pdbx_validate_symm_contact.label_alt_id_2    ? 
_pdbx_validate_symm_contact.site_symmetry_2   2_554 
_pdbx_validate_symm_contact.dist              1.63 
# 
loop_
_pdbx_validate_torsion.id 
_pdbx_validate_torsion.PDB_model_num 
_pdbx_validate_torsion.auth_comp_id 
_pdbx_validate_torsion.auth_asym_id 
_pdbx_validate_torsion.auth_seq_id 
_pdbx_validate_torsion.PDB_ins_code 
_pdbx_validate_torsion.label_alt_id 
_pdbx_validate_torsion.phi 
_pdbx_validate_torsion.psi 
1 1 LYS A 227 ? ? -93.79 -64.79 
2 1 SER A 240 ? ? 85.92  -5.44  
3 1 SER A 240 ? ? 90.24  -5.44  
# 
loop_
_pdbx_struct_special_symmetry.id 
_pdbx_struct_special_symmetry.PDB_model_num 
_pdbx_struct_special_symmetry.auth_asym_id 
_pdbx_struct_special_symmetry.auth_comp_id 
_pdbx_struct_special_symmetry.auth_seq_id 
_pdbx_struct_special_symmetry.PDB_ins_code 
_pdbx_struct_special_symmetry.label_asym_id 
_pdbx_struct_special_symmetry.label_comp_id 
_pdbx_struct_special_symmetry.label_seq_id 
1 1 A HOH 506 ? F HOH . 
2 1 A HOH 524 ? F HOH . 
# 
loop_
_pdbx_unobs_or_zero_occ_residues.id 
_pdbx_unobs_or_zero_occ_residues.PDB_model_num 
_pdbx_unobs_or_zero_occ_residues.polymer_flag 
_pdbx_unobs_or_zero_occ_residues.occupancy_flag 
_pdbx_unobs_or_zero_occ_residues.auth_asym_id 
_pdbx_unobs_or_zero_occ_residues.auth_comp_id 
_pdbx_unobs_or_zero_occ_residues.auth_seq_id 
_pdbx_unobs_or_zero_occ_residues.PDB_ins_code 
_pdbx_unobs_or_zero_occ_residues.label_asym_id 
_pdbx_unobs_or_zero_occ_residues.label_comp_id 
_pdbx_unobs_or_zero_occ_residues.label_seq_id 
1 1 Y 1 A GLY 98  ? A GLY 1 
2 1 Y 1 A ALA 99  ? A ALA 2 
3 1 Y 1 A MET 100 ? A MET 3 
4 1 Y 1 A GLY 101 ? A GLY 4 
5 1 Y 1 A GLY 102 ? A GLY 5 
6 1 Y 1 A ASN 103 ? A ASN 6 
7 1 Y 1 A SER 104 ? A SER 7 
8 1 Y 1 A LYS 105 ? A LYS 8 
# 
loop_
_chem_comp_atom.comp_id 
_chem_comp_atom.atom_id 
_chem_comp_atom.type_symbol 
_chem_comp_atom.pdbx_aromatic_flag 
_chem_comp_atom.pdbx_stereo_config 
_chem_comp_atom.pdbx_ordinal 
ALA N    N N N 1   
ALA CA   C N S 2   
ALA C    C N N 3   
ALA O    O N N 4   
ALA CB   C N N 5   
ALA OXT  O N N 6   
ALA H    H N N 7   
ALA H2   H N N 8   
ALA HA   H N N 9   
ALA HB1  H N N 10  
ALA HB2  H N N 11  
ALA HB3  H N N 12  
ALA HXT  H N N 13  
ARG N    N N N 14  
ARG CA   C N S 15  
ARG C    C N N 16  
ARG O    O N N 17  
ARG CB   C N N 18  
ARG CG   C N N 19  
ARG CD   C N N 20  
ARG NE   N N N 21  
ARG CZ   C N N 22  
ARG NH1  N N N 23  
ARG NH2  N N N 24  
ARG OXT  O N N 25  
ARG H    H N N 26  
ARG H2   H N N 27  
ARG HA   H N N 28  
ARG HB2  H N N 29  
ARG HB3  H N N 30  
ARG HG2  H N N 31  
ARG HG3  H N N 32  
ARG HD2  H N N 33  
ARG HD3  H N N 34  
ARG HE   H N N 35  
ARG HH11 H N N 36  
ARG HH12 H N N 37  
ARG HH21 H N N 38  
ARG HH22 H N N 39  
ARG HXT  H N N 40  
ASN N    N N N 41  
ASN CA   C N S 42  
ASN C    C N N 43  
ASN O    O N N 44  
ASN CB   C N N 45  
ASN CG   C N N 46  
ASN OD1  O N N 47  
ASN ND2  N N N 48  
ASN OXT  O N N 49  
ASN H    H N N 50  
ASN H2   H N N 51  
ASN HA   H N N 52  
ASN HB2  H N N 53  
ASN HB3  H N N 54  
ASN HD21 H N N 55  
ASN HD22 H N N 56  
ASN HXT  H N N 57  
ASP N    N N N 58  
ASP CA   C N S 59  
ASP C    C N N 60  
ASP O    O N N 61  
ASP CB   C N N 62  
ASP CG   C N N 63  
ASP OD1  O N N 64  
ASP OD2  O N N 65  
ASP OXT  O N N 66  
ASP H    H N N 67  
ASP H2   H N N 68  
ASP HA   H N N 69  
ASP HB2  H N N 70  
ASP HB3  H N N 71  
ASP HD2  H N N 72  
ASP HXT  H N N 73  
CYS N    N N N 74  
CYS CA   C N R 75  
CYS C    C N N 76  
CYS O    O N N 77  
CYS CB   C N N 78  
CYS SG   S N N 79  
CYS OXT  O N N 80  
CYS H    H N N 81  
CYS H2   H N N 82  
CYS HA   H N N 83  
CYS HB2  H N N 84  
CYS HB3  H N N 85  
CYS HG   H N N 86  
CYS HXT  H N N 87  
GLN N    N N N 88  
GLN CA   C N S 89  
GLN C    C N N 90  
GLN O    O N N 91  
GLN CB   C N N 92  
GLN CG   C N N 93  
GLN CD   C N N 94  
GLN OE1  O N N 95  
GLN NE2  N N N 96  
GLN OXT  O N N 97  
GLN H    H N N 98  
GLN H2   H N N 99  
GLN HA   H N N 100 
GLN HB2  H N N 101 
GLN HB3  H N N 102 
GLN HG2  H N N 103 
GLN HG3  H N N 104 
GLN HE21 H N N 105 
GLN HE22 H N N 106 
GLN HXT  H N N 107 
GLU N    N N N 108 
GLU CA   C N S 109 
GLU C    C N N 110 
GLU O    O N N 111 
GLU CB   C N N 112 
GLU CG   C N N 113 
GLU CD   C N N 114 
GLU OE1  O N N 115 
GLU OE2  O N N 116 
GLU OXT  O N N 117 
GLU H    H N N 118 
GLU H2   H N N 119 
GLU HA   H N N 120 
GLU HB2  H N N 121 
GLU HB3  H N N 122 
GLU HG2  H N N 123 
GLU HG3  H N N 124 
GLU HE2  H N N 125 
GLU HXT  H N N 126 
GLY N    N N N 127 
GLY CA   C N N 128 
GLY C    C N N 129 
GLY O    O N N 130 
GLY OXT  O N N 131 
GLY H    H N N 132 
GLY H2   H N N 133 
GLY HA2  H N N 134 
GLY HA3  H N N 135 
GLY HXT  H N N 136 
GOL C1   C N N 137 
GOL O1   O N N 138 
GOL C2   C N N 139 
GOL O2   O N N 140 
GOL C3   C N N 141 
GOL O3   O N N 142 
GOL H11  H N N 143 
GOL H12  H N N 144 
GOL HO1  H N N 145 
GOL H2   H N N 146 
GOL HO2  H N N 147 
GOL H31  H N N 148 
GOL H32  H N N 149 
GOL HO3  H N N 150 
HIS N    N N N 151 
HIS CA   C N S 152 
HIS C    C N N 153 
HIS O    O N N 154 
HIS CB   C N N 155 
HIS CG   C Y N 156 
HIS ND1  N Y N 157 
HIS CD2  C Y N 158 
HIS CE1  C Y N 159 
HIS NE2  N Y N 160 
HIS OXT  O N N 161 
HIS H    H N N 162 
HIS H2   H N N 163 
HIS HA   H N N 164 
HIS HB2  H N N 165 
HIS HB3  H N N 166 
HIS HD1  H N N 167 
HIS HD2  H N N 168 
HIS HE1  H N N 169 
HIS HE2  H N N 170 
HIS HXT  H N N 171 
HOH O    O N N 172 
HOH H1   H N N 173 
HOH H2   H N N 174 
ILE N    N N N 175 
ILE CA   C N S 176 
ILE C    C N N 177 
ILE O    O N N 178 
ILE CB   C N S 179 
ILE CG1  C N N 180 
ILE CG2  C N N 181 
ILE CD1  C N N 182 
ILE OXT  O N N 183 
ILE H    H N N 184 
ILE H2   H N N 185 
ILE HA   H N N 186 
ILE HB   H N N 187 
ILE HG12 H N N 188 
ILE HG13 H N N 189 
ILE HG21 H N N 190 
ILE HG22 H N N 191 
ILE HG23 H N N 192 
ILE HD11 H N N 193 
ILE HD12 H N N 194 
ILE HD13 H N N 195 
ILE HXT  H N N 196 
LEU N    N N N 197 
LEU CA   C N S 198 
LEU C    C N N 199 
LEU O    O N N 200 
LEU CB   C N N 201 
LEU CG   C N N 202 
LEU CD1  C N N 203 
LEU CD2  C N N 204 
LEU OXT  O N N 205 
LEU H    H N N 206 
LEU H2   H N N 207 
LEU HA   H N N 208 
LEU HB2  H N N 209 
LEU HB3  H N N 210 
LEU HG   H N N 211 
LEU HD11 H N N 212 
LEU HD12 H N N 213 
LEU HD13 H N N 214 
LEU HD21 H N N 215 
LEU HD22 H N N 216 
LEU HD23 H N N 217 
LEU HXT  H N N 218 
LYS N    N N N 219 
LYS CA   C N S 220 
LYS C    C N N 221 
LYS O    O N N 222 
LYS CB   C N N 223 
LYS CG   C N N 224 
LYS CD   C N N 225 
LYS CE   C N N 226 
LYS NZ   N N N 227 
LYS OXT  O N N 228 
LYS H    H N N 229 
LYS H2   H N N 230 
LYS HA   H N N 231 
LYS HB2  H N N 232 
LYS HB3  H N N 233 
LYS HG2  H N N 234 
LYS HG3  H N N 235 
LYS HD2  H N N 236 
LYS HD3  H N N 237 
LYS HE2  H N N 238 
LYS HE3  H N N 239 
LYS HZ1  H N N 240 
LYS HZ2  H N N 241 
LYS HZ3  H N N 242 
LYS HXT  H N N 243 
MET N    N N N 244 
MET CA   C N S 245 
MET C    C N N 246 
MET O    O N N 247 
MET CB   C N N 248 
MET CG   C N N 249 
MET SD   S N N 250 
MET CE   C N N 251 
MET OXT  O N N 252 
MET H    H N N 253 
MET H2   H N N 254 
MET HA   H N N 255 
MET HB2  H N N 256 
MET HB3  H N N 257 
MET HG2  H N N 258 
MET HG3  H N N 259 
MET HE1  H N N 260 
MET HE2  H N N 261 
MET HE3  H N N 262 
MET HXT  H N N 263 
MLI C1   C N N 264 
MLI C2   C N N 265 
MLI C3   C N N 266 
MLI O6   O N N 267 
MLI O7   O N N 268 
MLI O8   O N N 269 
MLI O9   O N N 270 
MLI H11  H N N 271 
MLI H12  H N N 272 
PHE N    N N N 273 
PHE CA   C N S 274 
PHE C    C N N 275 
PHE O    O N N 276 
PHE CB   C N N 277 
PHE CG   C Y N 278 
PHE CD1  C Y N 279 
PHE CD2  C Y N 280 
PHE CE1  C Y N 281 
PHE CE2  C Y N 282 
PHE CZ   C Y N 283 
PHE OXT  O N N 284 
PHE H    H N N 285 
PHE H2   H N N 286 
PHE HA   H N N 287 
PHE HB2  H N N 288 
PHE HB3  H N N 289 
PHE HD1  H N N 290 
PHE HD2  H N N 291 
PHE HE1  H N N 292 
PHE HE2  H N N 293 
PHE HZ   H N N 294 
PHE HXT  H N N 295 
PRO N    N N N 296 
PRO CA   C N S 297 
PRO C    C N N 298 
PRO O    O N N 299 
PRO CB   C N N 300 
PRO CG   C N N 301 
PRO CD   C N N 302 
PRO OXT  O N N 303 
PRO H    H N N 304 
PRO HA   H N N 305 
PRO HB2  H N N 306 
PRO HB3  H N N 307 
PRO HG2  H N N 308 
PRO HG3  H N N 309 
PRO HD2  H N N 310 
PRO HD3  H N N 311 
PRO HXT  H N N 312 
SER N    N N N 313 
SER CA   C N S 314 
SER C    C N N 315 
SER O    O N N 316 
SER CB   C N N 317 
SER OG   O N N 318 
SER OXT  O N N 319 
SER H    H N N 320 
SER H2   H N N 321 
SER HA   H N N 322 
SER HB2  H N N 323 
SER HB3  H N N 324 
SER HG   H N N 325 
SER HXT  H N N 326 
THR N    N N N 327 
THR CA   C N S 328 
THR C    C N N 329 
THR O    O N N 330 
THR CB   C N R 331 
THR OG1  O N N 332 
THR CG2  C N N 333 
THR OXT  O N N 334 
THR H    H N N 335 
THR H2   H N N 336 
THR HA   H N N 337 
THR HB   H N N 338 
THR HG1  H N N 339 
THR HG21 H N N 340 
THR HG22 H N N 341 
THR HG23 H N N 342 
THR HXT  H N N 343 
TRP N    N N N 344 
TRP CA   C N S 345 
TRP C    C N N 346 
TRP O    O N N 347 
TRP CB   C N N 348 
TRP CG   C Y N 349 
TRP CD1  C Y N 350 
TRP CD2  C Y N 351 
TRP NE1  N Y N 352 
TRP CE2  C Y N 353 
TRP CE3  C Y N 354 
TRP CZ2  C Y N 355 
TRP CZ3  C Y N 356 
TRP CH2  C Y N 357 
TRP OXT  O N N 358 
TRP H    H N N 359 
TRP H2   H N N 360 
TRP HA   H N N 361 
TRP HB2  H N N 362 
TRP HB3  H N N 363 
TRP HD1  H N N 364 
TRP HE1  H N N 365 
TRP HE3  H N N 366 
TRP HZ2  H N N 367 
TRP HZ3  H N N 368 
TRP HH2  H N N 369 
TRP HXT  H N N 370 
TYR N    N N N 371 
TYR CA   C N S 372 
TYR C    C N N 373 
TYR O    O N N 374 
TYR CB   C N N 375 
TYR CG   C Y N 376 
TYR CD1  C Y N 377 
TYR CD2  C Y N 378 
TYR CE1  C Y N 379 
TYR CE2  C Y N 380 
TYR CZ   C Y N 381 
TYR OH   O N N 382 
TYR OXT  O N N 383 
TYR H    H N N 384 
TYR H2   H N N 385 
TYR HA   H N N 386 
TYR HB2  H N N 387 
TYR HB3  H N N 388 
TYR HD1  H N N 389 
TYR HD2  H N N 390 
TYR HE1  H N N 391 
TYR HE2  H N N 392 
TYR HH   H N N 393 
TYR HXT  H N N 394 
VAL N    N N N 395 
VAL CA   C N S 396 
VAL C    C N N 397 
VAL O    O N N 398 
VAL CB   C N N 399 
VAL CG1  C N N 400 
VAL CG2  C N N 401 
VAL OXT  O N N 402 
VAL H    H N N 403 
VAL H2   H N N 404 
VAL HA   H N N 405 
VAL HB   H N N 406 
VAL HG11 H N N 407 
VAL HG12 H N N 408 
VAL HG13 H N N 409 
VAL HG21 H N N 410 
VAL HG22 H N N 411 
VAL HG23 H N N 412 
VAL HXT  H N N 413 
# 
loop_
_chem_comp_bond.comp_id 
_chem_comp_bond.atom_id_1 
_chem_comp_bond.atom_id_2 
_chem_comp_bond.value_order 
_chem_comp_bond.pdbx_aromatic_flag 
_chem_comp_bond.pdbx_stereo_config 
_chem_comp_bond.pdbx_ordinal 
ALA N   CA   sing N N 1   
ALA N   H    sing N N 2   
ALA N   H2   sing N N 3   
ALA CA  C    sing N N 4   
ALA CA  CB   sing N N 5   
ALA CA  HA   sing N N 6   
ALA C   O    doub N N 7   
ALA C   OXT  sing N N 8   
ALA CB  HB1  sing N N 9   
ALA CB  HB2  sing N N 10  
ALA CB  HB3  sing N N 11  
ALA OXT HXT  sing N N 12  
ARG N   CA   sing N N 13  
ARG N   H    sing N N 14  
ARG N   H2   sing N N 15  
ARG CA  C    sing N N 16  
ARG CA  CB   sing N N 17  
ARG CA  HA   sing N N 18  
ARG C   O    doub N N 19  
ARG C   OXT  sing N N 20  
ARG CB  CG   sing N N 21  
ARG CB  HB2  sing N N 22  
ARG CB  HB3  sing N N 23  
ARG CG  CD   sing N N 24  
ARG CG  HG2  sing N N 25  
ARG CG  HG3  sing N N 26  
ARG CD  NE   sing N N 27  
ARG CD  HD2  sing N N 28  
ARG CD  HD3  sing N N 29  
ARG NE  CZ   sing N N 30  
ARG NE  HE   sing N N 31  
ARG CZ  NH1  sing N N 32  
ARG CZ  NH2  doub N N 33  
ARG NH1 HH11 sing N N 34  
ARG NH1 HH12 sing N N 35  
ARG NH2 HH21 sing N N 36  
ARG NH2 HH22 sing N N 37  
ARG OXT HXT  sing N N 38  
ASN N   CA   sing N N 39  
ASN N   H    sing N N 40  
ASN N   H2   sing N N 41  
ASN CA  C    sing N N 42  
ASN CA  CB   sing N N 43  
ASN CA  HA   sing N N 44  
ASN C   O    doub N N 45  
ASN C   OXT  sing N N 46  
ASN CB  CG   sing N N 47  
ASN CB  HB2  sing N N 48  
ASN CB  HB3  sing N N 49  
ASN CG  OD1  doub N N 50  
ASN CG  ND2  sing N N 51  
ASN ND2 HD21 sing N N 52  
ASN ND2 HD22 sing N N 53  
ASN OXT HXT  sing N N 54  
ASP N   CA   sing N N 55  
ASP N   H    sing N N 56  
ASP N   H2   sing N N 57  
ASP CA  C    sing N N 58  
ASP CA  CB   sing N N 59  
ASP CA  HA   sing N N 60  
ASP C   O    doub N N 61  
ASP C   OXT  sing N N 62  
ASP CB  CG   sing N N 63  
ASP CB  HB2  sing N N 64  
ASP CB  HB3  sing N N 65  
ASP CG  OD1  doub N N 66  
ASP CG  OD2  sing N N 67  
ASP OD2 HD2  sing N N 68  
ASP OXT HXT  sing N N 69  
CYS N   CA   sing N N 70  
CYS N   H    sing N N 71  
CYS N   H2   sing N N 72  
CYS CA  C    sing N N 73  
CYS CA  CB   sing N N 74  
CYS CA  HA   sing N N 75  
CYS C   O    doub N N 76  
CYS C   OXT  sing N N 77  
CYS CB  SG   sing N N 78  
CYS CB  HB2  sing N N 79  
CYS CB  HB3  sing N N 80  
CYS SG  HG   sing N N 81  
CYS OXT HXT  sing N N 82  
GLN N   CA   sing N N 83  
GLN N   H    sing N N 84  
GLN N   H2   sing N N 85  
GLN CA  C    sing N N 86  
GLN CA  CB   sing N N 87  
GLN CA  HA   sing N N 88  
GLN C   O    doub N N 89  
GLN C   OXT  sing N N 90  
GLN CB  CG   sing N N 91  
GLN CB  HB2  sing N N 92  
GLN CB  HB3  sing N N 93  
GLN CG  CD   sing N N 94  
GLN CG  HG2  sing N N 95  
GLN CG  HG3  sing N N 96  
GLN CD  OE1  doub N N 97  
GLN CD  NE2  sing N N 98  
GLN NE2 HE21 sing N N 99  
GLN NE2 HE22 sing N N 100 
GLN OXT HXT  sing N N 101 
GLU N   CA   sing N N 102 
GLU N   H    sing N N 103 
GLU N   H2   sing N N 104 
GLU CA  C    sing N N 105 
GLU CA  CB   sing N N 106 
GLU CA  HA   sing N N 107 
GLU C   O    doub N N 108 
GLU C   OXT  sing N N 109 
GLU CB  CG   sing N N 110 
GLU CB  HB2  sing N N 111 
GLU CB  HB3  sing N N 112 
GLU CG  CD   sing N N 113 
GLU CG  HG2  sing N N 114 
GLU CG  HG3  sing N N 115 
GLU CD  OE1  doub N N 116 
GLU CD  OE2  sing N N 117 
GLU OE2 HE2  sing N N 118 
GLU OXT HXT  sing N N 119 
GLY N   CA   sing N N 120 
GLY N   H    sing N N 121 
GLY N   H2   sing N N 122 
GLY CA  C    sing N N 123 
GLY CA  HA2  sing N N 124 
GLY CA  HA3  sing N N 125 
GLY C   O    doub N N 126 
GLY C   OXT  sing N N 127 
GLY OXT HXT  sing N N 128 
GOL C1  O1   sing N N 129 
GOL C1  C2   sing N N 130 
GOL C1  H11  sing N N 131 
GOL C1  H12  sing N N 132 
GOL O1  HO1  sing N N 133 
GOL C2  O2   sing N N 134 
GOL C2  C3   sing N N 135 
GOL C2  H2   sing N N 136 
GOL O2  HO2  sing N N 137 
GOL C3  O3   sing N N 138 
GOL C3  H31  sing N N 139 
GOL C3  H32  sing N N 140 
GOL O3  HO3  sing N N 141 
HIS N   CA   sing N N 142 
HIS N   H    sing N N 143 
HIS N   H2   sing N N 144 
HIS CA  C    sing N N 145 
HIS CA  CB   sing N N 146 
HIS CA  HA   sing N N 147 
HIS C   O    doub N N 148 
HIS C   OXT  sing N N 149 
HIS CB  CG   sing N N 150 
HIS CB  HB2  sing N N 151 
HIS CB  HB3  sing N N 152 
HIS CG  ND1  sing Y N 153 
HIS CG  CD2  doub Y N 154 
HIS ND1 CE1  doub Y N 155 
HIS ND1 HD1  sing N N 156 
HIS CD2 NE2  sing Y N 157 
HIS CD2 HD2  sing N N 158 
HIS CE1 NE2  sing Y N 159 
HIS CE1 HE1  sing N N 160 
HIS NE2 HE2  sing N N 161 
HIS OXT HXT  sing N N 162 
HOH O   H1   sing N N 163 
HOH O   H2   sing N N 164 
ILE N   CA   sing N N 165 
ILE N   H    sing N N 166 
ILE N   H2   sing N N 167 
ILE CA  C    sing N N 168 
ILE CA  CB   sing N N 169 
ILE CA  HA   sing N N 170 
ILE C   O    doub N N 171 
ILE C   OXT  sing N N 172 
ILE CB  CG1  sing N N 173 
ILE CB  CG2  sing N N 174 
ILE CB  HB   sing N N 175 
ILE CG1 CD1  sing N N 176 
ILE CG1 HG12 sing N N 177 
ILE CG1 HG13 sing N N 178 
ILE CG2 HG21 sing N N 179 
ILE CG2 HG22 sing N N 180 
ILE CG2 HG23 sing N N 181 
ILE CD1 HD11 sing N N 182 
ILE CD1 HD12 sing N N 183 
ILE CD1 HD13 sing N N 184 
ILE OXT HXT  sing N N 185 
LEU N   CA   sing N N 186 
LEU N   H    sing N N 187 
LEU N   H2   sing N N 188 
LEU CA  C    sing N N 189 
LEU CA  CB   sing N N 190 
LEU CA  HA   sing N N 191 
LEU C   O    doub N N 192 
LEU C   OXT  sing N N 193 
LEU CB  CG   sing N N 194 
LEU CB  HB2  sing N N 195 
LEU CB  HB3  sing N N 196 
LEU CG  CD1  sing N N 197 
LEU CG  CD2  sing N N 198 
LEU CG  HG   sing N N 199 
LEU CD1 HD11 sing N N 200 
LEU CD1 HD12 sing N N 201 
LEU CD1 HD13 sing N N 202 
LEU CD2 HD21 sing N N 203 
LEU CD2 HD22 sing N N 204 
LEU CD2 HD23 sing N N 205 
LEU OXT HXT  sing N N 206 
LYS N   CA   sing N N 207 
LYS N   H    sing N N 208 
LYS N   H2   sing N N 209 
LYS CA  C    sing N N 210 
LYS CA  CB   sing N N 211 
LYS CA  HA   sing N N 212 
LYS C   O    doub N N 213 
LYS C   OXT  sing N N 214 
LYS CB  CG   sing N N 215 
LYS CB  HB2  sing N N 216 
LYS CB  HB3  sing N N 217 
LYS CG  CD   sing N N 218 
LYS CG  HG2  sing N N 219 
LYS CG  HG3  sing N N 220 
LYS CD  CE   sing N N 221 
LYS CD  HD2  sing N N 222 
LYS CD  HD3  sing N N 223 
LYS CE  NZ   sing N N 224 
LYS CE  HE2  sing N N 225 
LYS CE  HE3  sing N N 226 
LYS NZ  HZ1  sing N N 227 
LYS NZ  HZ2  sing N N 228 
LYS NZ  HZ3  sing N N 229 
LYS OXT HXT  sing N N 230 
MET N   CA   sing N N 231 
MET N   H    sing N N 232 
MET N   H2   sing N N 233 
MET CA  C    sing N N 234 
MET CA  CB   sing N N 235 
MET CA  HA   sing N N 236 
MET C   O    doub N N 237 
MET C   OXT  sing N N 238 
MET CB  CG   sing N N 239 
MET CB  HB2  sing N N 240 
MET CB  HB3  sing N N 241 
MET CG  SD   sing N N 242 
MET CG  HG2  sing N N 243 
MET CG  HG3  sing N N 244 
MET SD  CE   sing N N 245 
MET CE  HE1  sing N N 246 
MET CE  HE2  sing N N 247 
MET CE  HE3  sing N N 248 
MET OXT HXT  sing N N 249 
MLI C1  C2   sing N N 250 
MLI C1  C3   sing N N 251 
MLI C1  H11  sing N N 252 
MLI C1  H12  sing N N 253 
MLI C2  O6   doub N N 254 
MLI C2  O7   sing N N 255 
MLI C3  O8   doub N N 256 
MLI C3  O9   sing N N 257 
PHE N   CA   sing N N 258 
PHE N   H    sing N N 259 
PHE N   H2   sing N N 260 
PHE CA  C    sing N N 261 
PHE CA  CB   sing N N 262 
PHE CA  HA   sing N N 263 
PHE C   O    doub N N 264 
PHE C   OXT  sing N N 265 
PHE CB  CG   sing N N 266 
PHE CB  HB2  sing N N 267 
PHE CB  HB3  sing N N 268 
PHE CG  CD1  doub Y N 269 
PHE CG  CD2  sing Y N 270 
PHE CD1 CE1  sing Y N 271 
PHE CD1 HD1  sing N N 272 
PHE CD2 CE2  doub Y N 273 
PHE CD2 HD2  sing N N 274 
PHE CE1 CZ   doub Y N 275 
PHE CE1 HE1  sing N N 276 
PHE CE2 CZ   sing Y N 277 
PHE CE2 HE2  sing N N 278 
PHE CZ  HZ   sing N N 279 
PHE OXT HXT  sing N N 280 
PRO N   CA   sing N N 281 
PRO N   CD   sing N N 282 
PRO N   H    sing N N 283 
PRO CA  C    sing N N 284 
PRO CA  CB   sing N N 285 
PRO CA  HA   sing N N 286 
PRO C   O    doub N N 287 
PRO C   OXT  sing N N 288 
PRO CB  CG   sing N N 289 
PRO CB  HB2  sing N N 290 
PRO CB  HB3  sing N N 291 
PRO CG  CD   sing N N 292 
PRO CG  HG2  sing N N 293 
PRO CG  HG3  sing N N 294 
PRO CD  HD2  sing N N 295 
PRO CD  HD3  sing N N 296 
PRO OXT HXT  sing N N 297 
SER N   CA   sing N N 298 
SER N   H    sing N N 299 
SER N   H2   sing N N 300 
SER CA  C    sing N N 301 
SER CA  CB   sing N N 302 
SER CA  HA   sing N N 303 
SER C   O    doub N N 304 
SER C   OXT  sing N N 305 
SER CB  OG   sing N N 306 
SER CB  HB2  sing N N 307 
SER CB  HB3  sing N N 308 
SER OG  HG   sing N N 309 
SER OXT HXT  sing N N 310 
THR N   CA   sing N N 311 
THR N   H    sing N N 312 
THR N   H2   sing N N 313 
THR CA  C    sing N N 314 
THR CA  CB   sing N N 315 
THR CA  HA   sing N N 316 
THR C   O    doub N N 317 
THR C   OXT  sing N N 318 
THR CB  OG1  sing N N 319 
THR CB  CG2  sing N N 320 
THR CB  HB   sing N N 321 
THR OG1 HG1  sing N N 322 
THR CG2 HG21 sing N N 323 
THR CG2 HG22 sing N N 324 
THR CG2 HG23 sing N N 325 
THR OXT HXT  sing N N 326 
TRP N   CA   sing N N 327 
TRP N   H    sing N N 328 
TRP N   H2   sing N N 329 
TRP CA  C    sing N N 330 
TRP CA  CB   sing N N 331 
TRP CA  HA   sing N N 332 
TRP C   O    doub N N 333 
TRP C   OXT  sing N N 334 
TRP CB  CG   sing N N 335 
TRP CB  HB2  sing N N 336 
TRP CB  HB3  sing N N 337 
TRP CG  CD1  doub Y N 338 
TRP CG  CD2  sing Y N 339 
TRP CD1 NE1  sing Y N 340 
TRP CD1 HD1  sing N N 341 
TRP CD2 CE2  doub Y N 342 
TRP CD2 CE3  sing Y N 343 
TRP NE1 CE2  sing Y N 344 
TRP NE1 HE1  sing N N 345 
TRP CE2 CZ2  sing Y N 346 
TRP CE3 CZ3  doub Y N 347 
TRP CE3 HE3  sing N N 348 
TRP CZ2 CH2  doub Y N 349 
TRP CZ2 HZ2  sing N N 350 
TRP CZ3 CH2  sing Y N 351 
TRP CZ3 HZ3  sing N N 352 
TRP CH2 HH2  sing N N 353 
TRP OXT HXT  sing N N 354 
TYR N   CA   sing N N 355 
TYR N   H    sing N N 356 
TYR N   H2   sing N N 357 
TYR CA  C    sing N N 358 
TYR CA  CB   sing N N 359 
TYR CA  HA   sing N N 360 
TYR C   O    doub N N 361 
TYR C   OXT  sing N N 362 
TYR CB  CG   sing N N 363 
TYR CB  HB2  sing N N 364 
TYR CB  HB3  sing N N 365 
TYR CG  CD1  doub Y N 366 
TYR CG  CD2  sing Y N 367 
TYR CD1 CE1  sing Y N 368 
TYR CD1 HD1  sing N N 369 
TYR CD2 CE2  doub Y N 370 
TYR CD2 HD2  sing N N 371 
TYR CE1 CZ   doub Y N 372 
TYR CE1 HE1  sing N N 373 
TYR CE2 CZ   sing Y N 374 
TYR CE2 HE2  sing N N 375 
TYR CZ  OH   sing N N 376 
TYR OH  HH   sing N N 377 
TYR OXT HXT  sing N N 378 
VAL N   CA   sing N N 379 
VAL N   H    sing N N 380 
VAL N   H2   sing N N 381 
VAL CA  C    sing N N 382 
VAL CA  CB   sing N N 383 
VAL CA  HA   sing N N 384 
VAL C   O    doub N N 385 
VAL C   OXT  sing N N 386 
VAL CB  CG1  sing N N 387 
VAL CB  CG2  sing N N 388 
VAL CB  HB   sing N N 389 
VAL CG1 HG11 sing N N 390 
VAL CG1 HG12 sing N N 391 
VAL CG1 HG13 sing N N 392 
VAL CG2 HG21 sing N N 393 
VAL CG2 HG22 sing N N 394 
VAL CG2 HG23 sing N N 395 
VAL OXT HXT  sing N N 396 
# 
loop_
_pdbx_audit_support.funding_organization 
_pdbx_audit_support.country 
_pdbx_audit_support.grant_number 
_pdbx_audit_support.ordinal 
'European Regional Development Fund' 'European Union' 5002550-INSPIRED            1 
'European Union (EU)'                'European Union' 101087215-ESPERANCE         2 
'European Union (EU)'                'European Union' 101159708-MILESTONE         3 
'European Union (EU)'                'European Union' '101159708-iNEXT Discovery' 4 
# 
_pdbx_initial_refinement_model.id               1 
_pdbx_initial_refinement_model.entity_id_list   ? 
_pdbx_initial_refinement_model.type             'in silico model' 
_pdbx_initial_refinement_model.source_name      AlphaFold 
_pdbx_initial_refinement_model.accession_code   AF-Q8IXQ6-F1 
_pdbx_initial_refinement_model.details          ? 
# 
_atom_sites.entry_id                    9QYD 
_atom_sites.Cartn_transf_matrix[1][1]   ? 
_atom_sites.Cartn_transf_matrix[1][2]   ? 
_atom_sites.Cartn_transf_matrix[1][3]   ? 
_atom_sites.Cartn_transf_matrix[2][1]   ? 
_atom_sites.Cartn_transf_matrix[2][2]   ? 
_atom_sites.Cartn_transf_matrix[2][3]   ? 
_atom_sites.Cartn_transf_matrix[3][1]   ? 
_atom_sites.Cartn_transf_matrix[3][2]   ? 
_atom_sites.Cartn_transf_matrix[3][3]   ? 
_atom_sites.Cartn_transf_vector[1]      ? 
_atom_sites.Cartn_transf_vector[2]      ? 
_atom_sites.Cartn_transf_vector[3]      ? 
_atom_sites.Cartn_transform_axes        ? 
_atom_sites.fract_transf_matrix[1][1]   0.01676913 
_atom_sites.fract_transf_matrix[1][2]   -0.01313139 
_atom_sites.fract_transf_matrix[1][3]   0.01344612 
_atom_sites.fract_transf_matrix[2][1]   0.01098266 
_atom_sites.fract_transf_matrix[2][2]   0.00301672 
_atom_sites.fract_transf_matrix[2][3]   -0.01075076 
_atom_sites.fract_transf_matrix[3][1]   0.00366789 
_atom_sites.fract_transf_matrix[3][2]   0.01195619 
_atom_sites.fract_transf_matrix[3][3]   0.00710198 
_atom_sites.fract_transf_vector[1]      -0.119830 
_atom_sites.fract_transf_vector[2]      -0.261297 
_atom_sites.fract_transf_vector[3]      -0.241938 
_atom_sites.solution_primary            ? 
_atom_sites.solution_secondary          ? 
_atom_sites.solution_hydrogens          ? 
_atom_sites.special_details             ? 
# 
loop_
_atom_type.symbol 
C 
N 
O 
S 
# 
loop_
_atom_site.group_PDB 
_atom_site.id 
_atom_site.type_symbol 
_atom_site.label_atom_id 
_atom_site.label_alt_id 
_atom_site.label_comp_id 
_atom_site.label_asym_id 
_atom_site.label_entity_id 
_atom_site.label_seq_id 
_atom_site.pdbx_PDB_ins_code 
_atom_site.Cartn_x 
_atom_site.Cartn_y 
_atom_site.Cartn_z 
_atom_site.occupancy 
_atom_site.B_iso_or_equiv 
_atom_site.pdbx_formal_charge 
_atom_site.auth_seq_id 
_atom_site.auth_comp_id 
_atom_site.auth_asym_id 
_atom_site.auth_atom_id 
_atom_site.pdbx_PDB_model_num 
ATOM   1    N N   . SER A 1 9   ? -0.879  1.722   18.114  1.00 46.35 ? 106 SER A N   1 
ATOM   2    C CA  . SER A 1 9   ? -0.470  0.643   17.180  1.00 43.66 ? 106 SER A CA  1 
ATOM   3    C C   . SER A 1 9   ? -0.720  -0.722  17.815  1.00 43.57 ? 106 SER A C   1 
ATOM   4    O O   . SER A 1 9   ? -0.548  -0.903  19.019  1.00 49.79 ? 106 SER A O   1 
ATOM   5    C CB  . SER A 1 9   ? 0.975   0.783   16.795  1.00 47.81 ? 106 SER A CB  1 
ATOM   6    O OG  . SER A 1 9   ? 1.832   0.434   17.877  1.00 57.02 ? 106 SER A OG  1 
ATOM   7    N N   . LEU A 1 10  ? -1.039  -1.704  16.976  1.00 36.32 ? 107 LEU A N   1 
ATOM   8    C CA  . LEU A 1 10  ? -1.210  -3.073  17.427  1.00 33.13 ? 107 LEU A CA  1 
ATOM   9    C C   . LEU A 1 10  ? -0.993  -4.007  16.248  1.00 27.60 ? 107 LEU A C   1 
ATOM   10   O O   . LEU A 1 10  ? -1.733  -3.948  15.267  1.00 22.88 ? 107 LEU A O   1 
ATOM   11   C CB  . LEU A 1 10  ? -2.617  -3.271  18.001  1.00 35.54 ? 107 LEU A CB  1 
ATOM   12   C CG  . LEU A 1 10  ? -2.915  -4.673  18.546  1.00 39.74 ? 107 LEU A CG  1 
ATOM   13   C CD1 . LEU A 1 10  ? -1.918  -4.976  19.680  1.00 35.79 ? 107 LEU A CD1 1 
ATOM   14   C CD2 . LEU A 1 10  ? -4.393  -4.828  18.968  1.00 40.68 ? 107 LEU A CD2 1 
ATOM   15   N N   . GLN A 1 11  ? 0.012   -4.875  16.373  1.00 26.50 ? 108 GLN A N   1 
ATOM   16   C CA  . GLN A 1 11  ? 0.249   -5.930  15.398  1.00 29.76 ? 108 GLN A CA  1 
ATOM   17   C C   . GLN A 1 11  ? -0.587  -7.185  15.695  1.00 29.75 ? 108 GLN A C   1 
ATOM   18   O O   . GLN A 1 11  ? -0.405  -7.840  16.720  1.00 30.28 ? 108 GLN A O   1 
ATOM   19   C CB  . GLN A 1 11  ? 1.746   -6.236  15.433  1.00 28.65 ? 108 GLN A CB  1 
ATOM   20   C CG  . GLN A 1 11  ? 2.194   -7.163  14.318  1.00 29.60 ? 108 GLN A CG  1 
ATOM   21   C CD  . GLN A 1 11  ? 3.647   -7.547  14.445  1.00 30.24 ? 108 GLN A CD  1 
ATOM   22   O OE1 . GLN A 1 11  ? 4.031   -8.283  15.346  1.00 34.46 ? 108 GLN A OE1 1 
ATOM   23   N NE2 . GLN A 1 11  ? 4.468   -7.072  13.533  1.00 27.68 ? 108 GLN A NE2 1 
ATOM   24   N N   . VAL A 1 12  ? -1.452  -7.572  14.752  1.00 25.88 ? 109 VAL A N   1 
ATOM   25   C CA  . VAL A 1 12  ? -2.404  -8.645  14.974  1.00 25.82 ? 109 VAL A CA  1 
ATOM   26   C C   . VAL A 1 12  ? -2.028  -9.893  14.179  1.00 25.14 ? 109 VAL A C   1 
ATOM   27   O O   . VAL A 1 12  ? -2.623  -10.945 14.362  1.00 23.53 ? 109 VAL A O   1 
ATOM   28   C CB  . VAL A 1 12  ? -3.836  -8.184  14.620  1.00 25.92 ? 109 VAL A CB  1 
ATOM   29   C CG1 . VAL A 1 12  ? -4.278  -6.993  15.465  1.00 24.64 ? 109 VAL A CG1 1 
ATOM   30   C CG2 . VAL A 1 12  ? -4.005  -7.905  13.129  1.00 27.45 ? 109 VAL A CG2 1 
ATOM   31   N N   . PHE A 1 13  ? -1.043  -9.786  13.287  1.00 26.68 ? 110 PHE A N   1 
ATOM   32   C CA  . PHE A 1 13  ? -0.633  -10.907 12.470  1.00 25.45 ? 110 PHE A CA  1 
ATOM   33   C C   . PHE A 1 13  ? 0.803   -10.660 12.042  1.00 24.93 ? 110 PHE A C   1 
ATOM   34   O O   . PHE A 1 13  ? 1.167   -9.522  11.771  1.00 25.22 ? 110 PHE A O   1 
ATOM   35   C CB  . PHE A 1 13  ? -1.522  -11.060 11.223  1.00 26.82 ? 110 PHE A CB  1 
ATOM   36   C CG  . PHE A 1 13  ? -1.142  -12.256 10.356  1.00 23.14 ? 110 PHE A CG  1 
ATOM   37   C CD1 . PHE A 1 13  ? -0.127  -12.165 9.402   1.00 24.10 ? 110 PHE A CD1 1 
ATOM   38   C CD2 . PHE A 1 13  ? -1.802  -13.473 10.499  1.00 23.68 ? 110 PHE A CD2 1 
ATOM   39   C CE1 . PHE A 1 13  ? 0.250   -13.284 8.658   1.00 24.59 ? 110 PHE A CE1 1 
ATOM   40   C CE2 . PHE A 1 13  ? -1.442  -14.575 9.742   1.00 20.61 ? 110 PHE A CE2 1 
ATOM   41   C CZ  . PHE A 1 13  ? -0.421  -14.487 8.829   1.00 21.98 ? 110 PHE A CZ  1 
ATOM   42   N N   . ARG A 1 14  ? 1.608   -11.726 11.971  1.00 25.08 ? 111 ARG A N   1 
ATOM   43   C CA  . ARG A 1 14  ? 2.941   -11.659 11.392  1.00 24.48 ? 111 ARG A CA  1 
ATOM   44   C C   . ARG A 1 14  ? 3.371   -13.044 10.896  1.00 29.09 ? 111 ARG A C   1 
ATOM   45   O O   . ARG A 1 14  ? 3.016   -14.079 11.472  1.00 26.55 ? 111 ARG A O   1 
ATOM   46   C CB  . ARG A 1 14  ? 3.974   -11.072 12.364  1.00 28.19 ? 111 ARG A CB  1 
ATOM   47   C CG  . ARG A 1 14  ? 4.265   -11.940 13.584  1.00 30.15 ? 111 ARG A CG  1 
ATOM   48   C CD  . ARG A 1 14  ? 5.380   -11.394 14.470  1.00 31.63 ? 111 ARG A CD  1 
ATOM   49   N NE  . ARG A 1 14  ? 6.651   -11.529 13.761  1.00 33.34 ? 111 ARG A NE  1 
ATOM   50   C CZ  . ARG A 1 14  ? 7.352   -12.656 13.606  1.00 37.55 ? 111 ARG A CZ  1 
ATOM   51   N NH1 . ARG A 1 14  ? 7.098   -13.740 14.328  1.00 33.95 ? 111 ARG A NH1 1 
ATOM   52   N NH2 . ARG A 1 14  ? 8.354   -12.679 12.742  1.00 38.62 ? 111 ARG A NH2 1 
ATOM   53   N N   . LYS A 1 15  ? 4.144   -13.056 9.798   1.00 26.92 ? 112 LYS A N   1 
ATOM   54   C CA  . LYS A 1 15  ? 4.649   -14.292 9.259   1.00 27.24 ? 112 LYS A CA  1 
ATOM   55   C C   . LYS A 1 15  ? 5.833   -14.014 8.347   1.00 27.74 ? 112 LYS A C   1 
ATOM   56   O O   . LYS A 1 15  ? 5.797   -13.085 7.547   1.00 25.46 ? 112 LYS A O   1 
ATOM   57   C CB  . LYS A 1 15  ? 3.560   -15.005 8.450   1.00 29.72 ? 112 LYS A CB  1 
ATOM   58   C CG  . LYS A 1 15  ? 3.994   -16.377 7.955   1.00 33.13 ? 112 LYS A CG  1 
ATOM   59   C CD  . LYS A 1 15  ? 2.858   -17.373 7.844   1.00 37.88 ? 112 LYS A CD  1 
ATOM   60   C CE  . LYS A 1 15  ? 3.307   -18.777 8.090   1.00 39.03 ? 112 LYS A CE  1 
ATOM   61   N NZ  . LYS A 1 15  ? 2.223   -19.439 8.811   1.00 40.92 ? 112 LYS A NZ  1 
ATOM   62   N N   . MET A 1 16  ? 6.842   -14.881 8.425   1.00 23.69 ? 113 MET A N   1 
ATOM   63   C CA  . MET A 1 16  ? 7.964   -14.791 7.514   1.00 25.89 ? 113 MET A CA  1 
ATOM   64   C C   . MET A 1 16  ? 7.555   -15.370 6.158   1.00 27.16 ? 113 MET A C   1 
ATOM   65   O O   . MET A 1 16  ? 7.196   -16.538 6.065   1.00 25.31 ? 113 MET A O   1 
ATOM   66   C CB  . MET A 1 16  ? 9.175   -15.527 8.104   1.00 26.39 ? 113 MET A CB  1 
ATOM   67   C CG  . MET A 1 16  ? 9.648   -14.961 9.442   1.00 28.01 ? 113 MET A CG  1 
ATOM   68   S SD  . MET A 1 16  ? 10.088  -13.208 9.426   1.00 28.62 ? 113 MET A SD  1 
ATOM   69   C CE  . MET A 1 16  ? 11.404  -13.089 8.215   1.00 29.57 ? 113 MET A CE  1 
ATOM   70   N N   . LEU A 1 17  ? 7.548   -14.522 5.119   1.00 26.91 ? 114 LEU A N   1 
ATOM   71   C CA  . LEU A 1 17  ? 7.313   -14.947 3.745   1.00 26.30 ? 114 LEU A CA  1 
ATOM   72   C C   . LEU A 1 17  ? 8.577   -15.565 3.158   1.00 28.37 ? 114 LEU A C   1 
ATOM   73   O O   . LEU A 1 17  ? 8.487   -16.440 2.308   1.00 28.53 ? 114 LEU A O   1 
ATOM   74   C CB  . LEU A 1 17  ? 6.901   -13.761 2.875   1.00 30.64 ? 114 LEU A CB  1 
ATOM   75   C CG  . LEU A 1 17  ? 5.649   -13.010 3.332   1.00 33.81 ? 114 LEU A CG  1 
ATOM   76   C CD1 . LEU A 1 17  ? 5.291   -11.858 2.409   1.00 36.09 ? 114 LEU A CD1 1 
ATOM   77   C CD2 . LEU A 1 17  ? 4.508   -13.993 3.434   1.00 37.45 ? 114 LEU A CD2 1 
ATOM   78   N N   . THR A 1 18  ? 9.726   -15.003 3.546   1.00 27.26 ? 115 THR A N   1 
ATOM   79   C CA  . THR A 1 18  ? 11.043  -15.514 3.214   1.00 31.30 ? 115 THR A CA  1 
ATOM   80   C C   . THR A 1 18  ? 11.820  -15.542 4.533   1.00 31.20 ? 115 THR A C   1 
ATOM   81   O O   . THR A 1 18  ? 11.285  -15.143 5.554   1.00 30.89 ? 115 THR A O   1 
ATOM   82   C CB  . THR A 1 18  ? 11.773  -14.646 2.168   1.00 29.70 ? 115 THR A CB  1 
ATOM   83   O OG1 . THR A 1 18  ? 12.218  -13.437 2.784   1.00 29.07 ? 115 THR A OG1 1 
ATOM   84   C CG2 . THR A 1 18  ? 10.931  -14.295 0.953   1.00 28.98 ? 115 THR A CG2 1 
ATOM   85   N N   . PRO A 1 19  ? 13.088  -16.007 4.551   1.00 33.59 ? 116 PRO A N   1 
ATOM   86   C CA  . PRO A 1 19  ? 13.941  -15.900 5.743   1.00 35.24 ? 116 PRO A CA  1 
ATOM   87   C C   . PRO A 1 19  ? 14.214  -14.478 6.225   1.00 34.11 ? 116 PRO A C   1 
ATOM   88   O O   . PRO A 1 19  ? 14.519  -14.297 7.398   1.00 37.92 ? 116 PRO A O   1 
ATOM   89   C CB  . PRO A 1 19  ? 15.251  -16.610 5.328   1.00 38.39 ? 116 PRO A CB  1 
ATOM   90   C CG  . PRO A 1 19  ? 14.828  -17.523 4.191   1.00 39.84 ? 116 PRO A CG  1 
ATOM   91   C CD  . PRO A 1 19  ? 13.729  -16.761 3.458   1.00 36.72 ? 116 PRO A CD  1 
ATOM   92   N N   . ARG A 1 20  ? 14.059  -13.489 5.341   1.00 31.30 ? 117 ARG A N   1 
ATOM   93   C CA  . ARG A 1 20  ? 14.320  -12.102 5.677   1.00 33.03 ? 117 ARG A CA  1 
ATOM   94   C C   . ARG A 1 20  ? 13.058  -11.232 5.658   1.00 30.28 ? 117 ARG A C   1 
ATOM   95   O O   . ARG A 1 20  ? 13.031  -10.203 6.327   1.00 28.25 ? 117 ARG A O   1 
ATOM   96   C CB  . ARG A 1 20  ? 15.340  -11.520 4.701   1.00 38.38 ? 117 ARG A CB  1 
ATOM   97   C CG  . ARG A 1 20  ? 15.600  -10.046 4.981   1.00 48.85 ? 117 ARG A CG  1 
ATOM   98   C CD  . ARG A 1 20  ? 16.609  -9.404  4.037   1.00 56.77 ? 117 ARG A CD  1 
ATOM   99   N NE  . ARG A 1 20  ? 16.775  -7.988  4.381   1.00 62.06 ? 117 ARG A NE  1 
ATOM   100  C CZ  . ARG A 1 20  ? 17.430  -7.513  5.452   1.00 77.83 ? 117 ARG A CZ  1 
ATOM   101  N NH1 . ARG A 1 20  ? 18.098  -8.324  6.262   1.00 79.29 ? 117 ARG A NH1 1 
ATOM   102  N NH2 . ARG A 1 20  ? 17.448  -6.209  5.695   1.00 80.91 ? 117 ARG A NH2 1 
ATOM   103  N N   . ILE A 1 21  ? 12.029  -11.585 4.883   1.00 26.39 ? 118 ILE A N   1 
ATOM   104  C CA  . ILE A 1 21  ? 10.913  -10.661 4.719   1.00 26.45 ? 118 ILE A CA  1 
ATOM   105  C C   . ILE A 1 21  ? 9.716   -11.139 5.545   1.00 24.80 ? 118 ILE A C   1 
ATOM   106  O O   . ILE A 1 21  ? 9.215   -12.241 5.346   1.00 23.80 ? 118 ILE A O   1 
ATOM   107  C CB  . ILE A 1 21  ? 10.532  -10.463 3.245   1.00 27.89 ? 118 ILE A CB  1 
ATOM   108  C CG1 . ILE A 1 21  ? 11.700  -9.921  2.404   1.00 29.41 ? 118 ILE A CG1 1 
ATOM   109  C CG2 . ILE A 1 21  ? 9.291   -9.572  3.137   1.00 26.80 ? 118 ILE A CG2 1 
ATOM   110  C CD1 . ILE A 1 21  ? 11.483  -10.020 0.904   1.00 29.88 ? 118 ILE A CD1 1 
ATOM   111  N N   . GLU A 1 22  ? 9.261   -10.260 6.451   1.00 22.58 ? 119 GLU A N   1 
ATOM   112  C CA  . GLU A 1 22  ? 8.089   -10.504 7.279   1.00 22.99 ? 119 GLU A CA  1 
ATOM   113  C C   . GLU A 1 22  ? 6.911   -9.686  6.762   1.00 21.51 ? 119 GLU A C   1 
ATOM   114  O O   . GLU A 1 22  ? 7.040   -8.469  6.516   1.00 20.43 ? 119 GLU A O   1 
ATOM   115  C CB  . GLU A 1 22  ? 8.381   -9.976  8.680   1.00 24.25 ? 119 GLU A CB  1 
ATOM   116  C CG  . GLU A 1 22  ? 7.249   -10.133 9.693   1.00 27.02 ? 119 GLU A CG  1 
ATOM   117  C CD  . GLU A 1 22  ? 7.579   -9.344  10.953  1.00 30.53 ? 119 GLU A CD  1 
ATOM   118  O OE1 . GLU A 1 22  ? 8.023   -9.952  11.957  1.00 32.08 ? 119 GLU A OE1 1 
ATOM   119  O OE2 . GLU A 1 22  ? 7.433   -8.107  10.890  1.00 29.58 ? 119 GLU A OE2 1 
ATOM   120  N N   . LEU A 1 23  ? 5.758   -10.355 6.660   1.00 21.66 ? 120 LEU A N   1 
ATOM   121  C CA  . LEU A 1 23  ? 4.484   -9.684  6.426   1.00 23.36 ? 120 LEU A CA  1 
ATOM   122  C C   . LEU A 1 23  ? 3.763   -9.542  7.756   1.00 22.43 ? 120 LEU A C   1 
ATOM   123  O O   . LEU A 1 23  ? 3.654   -10.508 8.521   1.00 23.21 ? 120 LEU A O   1 
ATOM   124  C CB  . LEU A 1 23  ? 3.645   -10.488 5.430   1.00 25.82 ? 120 LEU A CB  1 
ATOM   125  C CG  . LEU A 1 23  ? 2.312   -9.852  5.010   1.00 28.45 ? 120 LEU A CG  1 
ATOM   126  C CD1 . LEU A 1 23  ? 2.573   -8.677  4.094   1.00 28.34 ? 120 LEU A CD1 1 
ATOM   127  C CD2 . LEU A 1 23  ? 1.392   -10.816 4.307   1.00 33.72 ? 120 LEU A CD2 1 
ATOM   128  N N   . SER A 1 24  ? 3.237   -8.350  8.026   1.00 22.58 ? 121 SER A N   1 
ATOM   129  C CA  . SER A 1 24  ? 2.483   -8.132  9.241   1.00 23.59 ? 121 SER A CA  1 
ATOM   130  C C   . SER A 1 24  ? 1.236   -7.300  8.964   1.00 22.61 ? 121 SER A C   1 
ATOM   131  O O   . SER A 1 24  ? 1.187   -6.562  7.972   1.00 23.54 ? 121 SER A O   1 
ATOM   132  C CB  . SER A 1 24  ? 3.346   -7.509  10.314  1.00 23.19 ? 121 SER A CB  1 
ATOM   133  O OG  . SER A 1 24  ? 3.862   -6.249  9.909   1.00 25.07 ? 121 SER A OG  1 
ATOM   134  N N   . VAL A 1 25  ? 0.227   -7.478  9.824   1.00 20.62 ? 122 VAL A N   1 
ATOM   135  C CA  . VAL A 1 25  ? -1.016  -6.716  9.785   1.00 21.26 ? 122 VAL A CA  1 
ATOM   136  C C   . VAL A 1 25  ? -1.130  -5.887  11.061  1.00 21.69 ? 122 VAL A C   1 
ATOM   137  O O   . VAL A 1 25  ? -0.928  -6.407  12.152  1.00 24.52 ? 122 VAL A O   1 
ATOM   138  C CB  . VAL A 1 25  ? -2.259  -7.605  9.607   1.00 22.53 ? 122 VAL A CB  1 
ATOM   139  C CG1 . VAL A 1 25  ? -3.525  -6.781  9.457   1.00 25.70 ? 122 VAL A CG1 1 
ATOM   140  C CG2 . VAL A 1 25  ? -2.114  -8.552  8.428   1.00 22.70 ? 122 VAL A CG2 1 
ATOM   141  N N   . TRP A 1 26  ? -1.509  -4.609  10.917  1.00 20.76 ? 123 TRP A N   1 
ATOM   142  C CA  . TRP A 1 26  ? -1.559  -3.661  12.011  1.00 23.66 ? 123 TRP A CA  1 
ATOM   143  C C   . TRP A 1 26  ? -2.871  -2.889  12.030  1.00 25.99 ? 123 TRP A C   1 
ATOM   144  O O   . TRP A 1 26  ? -3.361  -2.426  10.989  1.00 22.85 ? 123 TRP A O   1 
ATOM   145  C CB  . TRP A 1 26  ? -0.432  -2.632  11.922  1.00 22.04 ? 123 TRP A CB  1 
ATOM   146  C CG  . TRP A 1 26  ? 0.958   -3.213  11.924  1.00 24.09 ? 123 TRP A CG  1 
ATOM   147  C CD1 . TRP A 1 26  ? 1.584   -3.924  10.945  1.00 24.42 ? 123 TRP A CD1 1 
ATOM   148  C CD2 . TRP A 1 26  ? 1.919   -3.060  12.986  1.00 25.71 ? 123 TRP A CD2 1 
ATOM   149  N NE1 . TRP A 1 26  ? 2.859   -4.230  11.333  1.00 25.51 ? 123 TRP A NE1 1 
ATOM   150  C CE2 . TRP A 1 26  ? 3.095   -3.708  12.571  1.00 24.15 ? 123 TRP A CE2 1 
ATOM   151  C CE3 . TRP A 1 26  ? 1.872   -2.452  14.242  1.00 26.72 ? 123 TRP A CE3 1 
ATOM   152  C CZ2 . TRP A 1 26  ? 4.234   -3.755  13.371  1.00 27.20 ? 123 TRP A CZ2 1 
ATOM   153  C CZ3 . TRP A 1 26  ? 3.001   -2.498  15.025  1.00 28.67 ? 123 TRP A CZ3 1 
ATOM   154  C CH2 . TRP A 1 26  ? 4.161   -3.141  14.596  1.00 27.07 ? 123 TRP A CH2 1 
ATOM   155  N N   . LYS A 1 27  ? -3.349  -2.684  13.262  1.00 24.38 ? 124 LYS A N   1 
ATOM   156  C CA  . LYS A 1 27  ? -4.284  -1.619  13.580  1.00 25.74 ? 124 LYS A CA  1 
ATOM   157  C C   . LYS A 1 27  ? -3.492  -0.367  13.914  1.00 24.31 ? 124 LYS A C   1 
ATOM   158  O O   . LYS A 1 27  ? -2.777  -0.331  14.914  1.00 23.32 ? 124 LYS A O   1 
ATOM   159  C CB  . LYS A 1 27  ? -5.138  -2.102  14.756  1.00 29.39 ? 124 LYS A CB  1 
ATOM   160  C CG  . LYS A 1 27  ? -6.026  -1.033  15.387  1.00 31.60 ? 124 LYS A CG  1 
ATOM   161  C CD  . LYS A 1 27  ? -7.161  -0.547  14.495  1.00 31.72 ? 124 LYS A CD  1 
ATOM   162  C CE  . LYS A 1 27  ? -7.941  0.601   15.143  1.00 38.79 ? 124 LYS A CE  1 
ATOM   163  N NZ  . LYS A 1 27  ? -8.772  0.202   16.280  1.00 39.07 ? 124 LYS A NZ  1 
ATOM   164  N N   . ASP A 1 28  ? -3.561  0.657   13.058  1.00 24.31 ? 125 ASP A N   1 
ATOM   165  C CA  . ASP A 1 28  ? -2.817  1.878   13.330  1.00 24.76 ? 125 ASP A CA  1 
ATOM   166  C C   . ASP A 1 28  ? -3.266  2.997   12.398  1.00 25.69 ? 125 ASP A C   1 
ATOM   167  O O   . ASP A 1 28  ? -3.838  2.742   11.342  1.00 24.34 ? 125 ASP A O   1 
ATOM   168  C CB  . ASP A 1 28  ? -1.313  1.704   13.154  1.00 25.99 ? 125 ASP A CB  1 
ATOM   169  C CG  . ASP A 1 28  ? -0.412  2.624   13.978  1.00 26.95 ? 125 ASP A CG  1 
ATOM   170  O OD1 . ASP A 1 28  ? -0.952  3.509   14.682  1.00 23.79 ? 125 ASP A OD1 1 
ATOM   171  O OD2 . ASP A 1 28  ? 0.832   2.482   13.875  1.00 28.56 ? 125 ASP A OD2 1 
ATOM   172  N N   . ASP A 1 29  ? -2.974  4.223   12.824  1.00 25.35 ? 126 ASP A N   1 
ATOM   173  C CA  . ASP A 1 29  ? -3.139  5.422   12.019  1.00 26.69 ? 126 ASP A CA  1 
ATOM   174  C C   . ASP A 1 29  ? -1.907  5.581   11.126  1.00 24.74 ? 126 ASP A C   1 
ATOM   175  O O   . ASP A 1 29  ? -0.793  5.764   11.627  1.00 25.15 ? 126 ASP A O   1 
ATOM   176  C CB  . ASP A 1 29  ? -3.396  6.621   12.929  1.00 29.91 ? 126 ASP A CB  1 
ATOM   177  C CG  . ASP A 1 29  ? -3.567  7.970   12.229  1.00 37.01 ? 126 ASP A CG  1 
ATOM   178  O OD1 . ASP A 1 29  ? -3.181  8.094   11.043  1.00 31.15 ? 126 ASP A OD1 1 
ATOM   179  O OD2 . ASP A 1 29  ? -4.134  8.883   12.854  1.00 41.27 ? 126 ASP A OD2 1 
ATOM   180  N N   . LEU A 1 30  ? -2.101  5.519   9.803   1.00 21.79 ? 127 LEU A N   1 
ATOM   181  C CA  . LEU A 1 30  ? -0.989  5.630   8.852   1.00 25.08 ? 127 LEU A CA  1 
ATOM   182  C C   . LEU A 1 30  ? -0.254  6.972   8.937   1.00 24.00 ? 127 LEU A C   1 
ATOM   183  O O   . LEU A 1 30  ? 0.897   7.064   8.527   1.00 26.24 ? 127 LEU A O   1 
ATOM   184  C CB  . LEU A 1 30  ? -1.414  5.338   7.417   1.00 25.95 ? 127 LEU A CB  1 
ATOM   185  C CG  . LEU A 1 30  ? -1.457  3.856   7.041   1.00 27.32 ? 127 LEU A CG  1 
ATOM   186  C CD1 . LEU A 1 30  ? -2.064  3.584   5.695   1.00 29.08 ? 127 LEU A CD1 1 
ATOM   187  C CD2 . LEU A 1 30  ? -0.078  3.281   7.071   1.00 29.14 ? 127 LEU A CD2 1 
ATOM   188  N N   . THR A 1 31  ? -0.875  8.004   9.505   1.00 24.12 ? 128 THR A N   1 
ATOM   189  C CA  . THR A 1 31  ? -0.180  9.260   9.717   1.00 24.60 ? 128 THR A CA  1 
ATOM   190  C C   . THR A 1 31  ? 0.742   9.182   10.935  1.00 26.19 ? 128 THR A C   1 
ATOM   191  O O   . THR A 1 31  ? 1.573   10.063  11.102  1.00 29.84 ? 128 THR A O   1 
ATOM   192  C CB  . THR A 1 31  ? -1.154  10.423  9.829   1.00 26.00 ? 128 THR A CB  1 
ATOM   193  O OG1 . THR A 1 31  ? -1.813  10.311  11.088  1.00 26.71 ? 128 THR A OG1 1 
ATOM   194  C CG2 . THR A 1 31  ? -2.133  10.460  8.669   1.00 25.95 ? 128 THR A CG2 1 
ATOM   195  N N   . THR A 1 32  ? 0.646   8.138   11.771  1.00 25.84 ? 129 THR A N   1 
ATOM   196  C CA  . THR A 1 32  ? 1.511   8.026   12.940  1.00 27.13 ? 129 THR A CA  1 
ATOM   197  C C   . THR A 1 32  ? 2.350   6.742   12.874  1.00 29.84 ? 129 THR A C   1 
ATOM   198  O O   . THR A 1 32  ? 2.974   6.379   13.860  1.00 32.76 ? 129 THR A O   1 
ATOM   199  C CB  . THR A 1 32  ? 0.674   8.057   14.228  1.00 31.96 ? 129 THR A CB  1 
ATOM   200  O OG1 . THR A 1 32  ? -0.185  6.922   14.341  1.00 31.35 ? 129 THR A OG1 1 
ATOM   201  C CG2 . THR A 1 32  ? -0.241  9.267   14.311  1.00 35.53 ? 129 THR A CG2 1 
ATOM   202  N N   . HIS A 1 33  ? 2.351   6.051   11.732  1.00 25.47 ? 130 HIS A N   1 
ATOM   203  C CA  . HIS A 1 33  ? 2.938   4.726   11.590  1.00 24.96 ? 130 HIS A CA  1 
ATOM   204  C C   . HIS A 1 33  ? 4.336   4.856   10.994  1.00 22.97 ? 130 HIS A C   1 
ATOM   205  O O   . HIS A 1 33  ? 4.523   5.330   9.885   1.00 25.75 ? 130 HIS A O   1 
ATOM   206  C CB  . HIS A 1 33  ? 2.019   3.822   10.754  1.00 24.70 ? 130 HIS A CB  1 
ATOM   207  C CG  . HIS A 1 33  ? 2.469   2.386   10.685  1.00 24.92 ? 130 HIS A CG  1 
ATOM   208  N ND1 . HIS A 1 33  ? 2.230   1.484   11.696  1.00 25.60 ? 130 HIS A ND1 1 
ATOM   209  C CD2 . HIS A 1 33  ? 3.158   1.709   9.741   1.00 25.23 ? 130 HIS A CD2 1 
ATOM   210  C CE1 . HIS A 1 33  ? 2.765   0.304   11.373  1.00 26.89 ? 130 HIS A CE1 1 
ATOM   211  N NE2 . HIS A 1 33  ? 3.334   0.415   10.188  1.00 26.25 ? 130 HIS A NE2 1 
ATOM   212  N N   . ALA A 1 34  ? 5.348   4.466   11.772  1.00 24.93 ? 131 ALA A N   1 
ATOM   213  C CA  . ALA A 1 34  ? 6.733   4.726   11.435  1.00 25.15 ? 131 ALA A CA  1 
ATOM   214  C C   . ALA A 1 34  ? 7.248   3.635   10.508  1.00 24.15 ? 131 ALA A C   1 
ATOM   215  O O   . ALA A 1 34  ? 7.394   2.507   10.949  1.00 26.90 ? 131 ALA A O   1 
ATOM   216  C CB  . ALA A 1 34  ? 7.566   4.772   12.714  1.00 25.57 ? 131 ALA A CB  1 
ATOM   217  N N   . VAL A 1 35  ? 7.519   3.981   9.245   1.00 22.04 ? 132 VAL A N   1 
ATOM   218  C CA  . VAL A 1 35  ? 8.089   3.103   8.240   1.00 21.14 ? 132 VAL A CA  1 
ATOM   219  C C   . VAL A 1 35  ? 8.958   3.960   7.321   1.00 20.85 ? 132 VAL A C   1 
ATOM   220  O O   . VAL A 1 35  ? 8.869   5.204   7.315   1.00 23.44 ? 132 VAL A O   1 
ATOM   221  C CB  . VAL A 1 35  ? 6.994   2.377   7.422   1.00 23.01 ? 132 VAL A CB  1 
ATOM   222  C CG1 . VAL A 1 35  ? 6.394   1.169   8.139   1.00 24.70 ? 132 VAL A CG1 1 
ATOM   223  C CG2 . VAL A 1 35  ? 5.897   3.339   6.946   1.00 21.87 ? 132 VAL A CG2 1 
ATOM   224  N N   . ASP A 1 36  ? 9.737   3.303   6.466   1.00 20.12 ? 133 ASP A N   1 
ATOM   225  C CA  . ASP A 1 36  ? 10.527  4.042   5.492   1.00 20.83 ? 133 ASP A CA  1 
ATOM   226  C C   . ASP A 1 36  ? 9.627   4.645   4.416   1.00 22.37 ? 133 ASP A C   1 
ATOM   227  O O   . ASP A 1 36  ? 9.894   5.753   3.948   1.00 21.94 ? 133 ASP A O   1 
ATOM   228  C CB  . ASP A 1 36  ? 11.634  3.203   4.892   1.00 21.58 ? 133 ASP A CB  1 
ATOM   229  C CG  . ASP A 1 36  ? 12.721  2.826   5.893   1.00 24.62 ? 133 ASP A CG  1 
ATOM   230  O OD1 . ASP A 1 36  ? 12.994  3.649   6.787   1.00 24.60 ? 133 ASP A OD1 1 
ATOM   231  O OD2 . ASP A 1 36  ? 13.261  1.729   5.768   1.00 25.41 ? 133 ASP A OD2 1 
ATOM   232  N N   . ALA A 1 37  ? 8.588   3.907   4.007   1.00 21.52 ? 134 ALA A N   1 
ATOM   233  C CA  . ALA A 1 37  ? 7.728   4.374   2.926   1.00 20.93 ? 134 ALA A CA  1 
ATOM   234  C C   . ALA A 1 37  ? 6.270   4.032   3.230   1.00 21.39 ? 134 ALA A C   1 
ATOM   235  O O   . ALA A 1 37  ? 5.952   2.896   3.563   1.00 20.03 ? 134 ALA A O   1 
ATOM   236  C CB  . ALA A 1 37  ? 8.166   3.740   1.627   1.00 22.76 ? 134 ALA A CB  1 
ATOM   237  N N   A VAL A 1 38  ? 5.383   5.032   3.115   0.50 22.02 ? 135 VAL A N   1 
ATOM   238  N N   B VAL A 1 38  ? 5.390   5.036   3.146   0.50 22.20 ? 135 VAL A N   1 
ATOM   239  C CA  A VAL A 1 38  ? 3.962   4.798   3.288   0.50 21.79 ? 135 VAL A CA  1 
ATOM   240  C CA  B VAL A 1 38  ? 3.968   4.791   3.275   0.50 22.03 ? 135 VAL A CA  1 
ATOM   241  C C   A VAL A 1 38  ? 3.307   4.852   1.910   0.50 22.07 ? 135 VAL A C   1 
ATOM   242  C C   B VAL A 1 38  ? 3.372   4.793   1.871   0.50 21.85 ? 135 VAL A C   1 
ATOM   243  O O   A VAL A 1 38  ? 3.644   5.710   1.100   0.50 24.24 ? 135 VAL A O   1 
ATOM   244  O O   B VAL A 1 38  ? 3.826   5.538   1.008   0.50 23.03 ? 135 VAL A O   1 
ATOM   245  C CB  A VAL A 1 38  ? 3.343   5.811   4.267   0.50 21.92 ? 135 VAL A CB  1 
ATOM   246  C CB  B VAL A 1 38  ? 3.319   5.836   4.197   0.50 22.66 ? 135 VAL A CB  1 
ATOM   247  C CG1 A VAL A 1 38  ? 3.182   7.196   3.649   0.50 21.59 ? 135 VAL A CG1 1 
ATOM   248  C CG1 B VAL A 1 38  ? 1.812   5.905   3.997   0.50 23.01 ? 135 VAL A CG1 1 
ATOM   249  C CG2 A VAL A 1 38  ? 2.011   5.303   4.803   0.50 22.38 ? 135 VAL A CG2 1 
ATOM   250  C CG2 B VAL A 1 38  ? 3.651   5.568   5.658   0.50 23.05 ? 135 VAL A CG2 1 
ATOM   251  N N   . VAL A 1 39  ? 2.399   3.910   1.648   1.00 20.92 ? 136 VAL A N   1 
ATOM   252  C CA  . VAL A 1 39  ? 1.657   3.886   0.413   1.00 20.52 ? 136 VAL A CA  1 
ATOM   253  C C   . VAL A 1 39  ? 0.396   4.721   0.622   1.00 20.27 ? 136 VAL A C   1 
ATOM   254  O O   . VAL A 1 39  ? -0.361  4.483   1.538   1.00 19.43 ? 136 VAL A O   1 
ATOM   255  C CB  . VAL A 1 39  ? 1.398   2.452   -0.083  1.00 20.72 ? 136 VAL A CB  1 
ATOM   256  C CG1 . VAL A 1 39  ? 0.495   2.424   -1.320  1.00 21.32 ? 136 VAL A CG1 1 
ATOM   257  C CG2 . VAL A 1 39  ? 2.711   1.739   -0.380  1.00 21.64 ? 136 VAL A CG2 1 
ATOM   258  N N   . ASN A 1 40  ? 0.246   5.770   -0.199  1.00 22.09 ? 137 ASN A N   1 
ATOM   259  C CA  . ASN A 1 40  ? -0.961  6.566   -0.258  1.00 20.67 ? 137 ASN A CA  1 
ATOM   260  C C   . ASN A 1 40  ? -1.918  5.960   -1.284  1.00 20.96 ? 137 ASN A C   1 
ATOM   261  O O   . ASN A 1 40  ? -1.497  5.390   -2.286  1.00 20.49 ? 137 ASN A O   1 
ATOM   262  C CB  . ASN A 1 40  ? -0.621  7.998   -0.657  1.00 23.12 ? 137 ASN A CB  1 
ATOM   263  C CG  . ASN A 1 40  ? -1.832  8.899   -0.688  1.00 21.55 ? 137 ASN A CG  1 
ATOM   264  O OD1 . ASN A 1 40  ? -2.826  8.617   -0.016  1.00 21.40 ? 137 ASN A OD1 1 
ATOM   265  N ND2 . ASN A 1 40  ? -1.777  9.977   -1.457  1.00 22.65 ? 137 ASN A ND2 1 
ATOM   266  N N   . ALA A 1 41  ? -3.222  6.099   -1.028  1.00 21.62 ? 138 ALA A N   1 
ATOM   267  C CA  . ALA A 1 41  ? -4.256  5.709   -1.970  1.00 22.27 ? 138 ALA A CA  1 
ATOM   268  C C   . ALA A 1 41  ? -4.642  6.959   -2.749  1.00 21.83 ? 138 ALA A C   1 
ATOM   269  O O   . ALA A 1 41  ? -5.380  7.791   -2.233  1.00 23.39 ? 138 ALA A O   1 
ATOM   270  C CB  . ALA A 1 41  ? -5.451  5.132   -1.218  1.00 21.35 ? 138 ALA A CB  1 
ATOM   271  N N   . ALA A 1 42  ? -4.101  7.106   -3.962  1.00 22.18 ? 139 ALA A N   1 
ATOM   272  C CA  . ALA A 1 42  ? -4.229  8.350   -4.708  1.00 23.57 ? 139 ALA A CA  1 
ATOM   273  C C   . ALA A 1 42  ? -5.171  8.196   -5.899  1.00 23.08 ? 139 ALA A C   1 
ATOM   274  O O   . ALA A 1 42  ? -5.540  7.085   -6.276  1.00 25.18 ? 139 ALA A O   1 
ATOM   275  C CB  . ALA A 1 42  ? -2.859  8.797   -5.167  1.00 23.66 ? 139 ALA A CB  1 
ATOM   276  N N   . ASN A 1 43  ? -5.529  9.342   -6.494  1.00 24.93 ? 140 ASN A N   1 
ATOM   277  C CA  . ASN A 1 43  ? -6.188  9.360   -7.789  1.00 24.02 ? 140 ASN A CA  1 
ATOM   278  C C   . ASN A 1 43  ? -5.185  9.794   -8.853  1.00 26.19 ? 140 ASN A C   1 
ATOM   279  O O   . ASN A 1 43  ? -4.046  10.117  -8.557  1.00 27.51 ? 140 ASN A O   1 
ATOM   280  C CB  . ASN A 1 43  ? -7.439  10.221  -7.774  1.00 25.78 ? 140 ASN A CB  1 
ATOM   281  C CG  . ASN A 1 43  ? -7.143  11.639  -7.365  1.00 25.80 ? 140 ASN A CG  1 
ATOM   282  O OD1 . ASN A 1 43  ? -6.275  12.297  -7.959  1.00 26.47 ? 140 ASN A OD1 1 
ATOM   283  N ND2 . ASN A 1 43  ? -7.867  12.114  -6.367  1.00 26.23 ? 140 ASN A ND2 1 
ATOM   284  N N   . GLU A 1 44  ? -5.610  9.786   -10.112 1.00 26.51 ? 141 GLU A N   1 
ATOM   285  C CA  . GLU A 1 44  ? -4.682  9.955   -11.218 1.00 26.66 ? 141 GLU A CA  1 
ATOM   286  C C   . GLU A 1 44  ? -4.119  11.374  -11.271 1.00 24.94 ? 141 GLU A C   1 
ATOM   287  O O   . GLU A 1 44  ? -3.047  11.569  -11.861 1.00 27.22 ? 141 GLU A O   1 
ATOM   288  C CB  . GLU A 1 44  ? -5.359  9.541   -12.529 1.00 30.30 ? 141 GLU A CB  1 
ATOM   289  C CG  . GLU A 1 44  ? -6.461  10.501  -12.953 1.00 36.63 ? 141 GLU A CG  1 
ATOM   290  C CD  . GLU A 1 44  ? -7.828  10.163  -12.394 1.00 52.40 ? 141 GLU A CD  1 
ATOM   291  O OE1 . GLU A 1 44  ? -7.918  9.351   -11.424 1.00 55.20 ? 141 GLU A OE1 1 
ATOM   292  O OE2 . GLU A 1 44  ? -8.812  10.689  -12.977 1.00 56.10 ? 141 GLU A OE2 1 
ATOM   293  N N   . ASP A 1 45  ? -4.800  12.357  -10.650 1.00 22.69 ? 142 ASP A N   1 
ATOM   294  C CA  . ASP A 1 45  ? -4.326  13.734  -10.640 1.00 24.51 ? 142 ASP A CA  1 
ATOM   295  C C   . ASP A 1 45  ? -3.450  14.014  -9.419  1.00 23.82 ? 142 ASP A C   1 
ATOM   296  O O   . ASP A 1 45  ? -2.976  15.137  -9.237  1.00 19.85 ? 142 ASP A O   1 
ATOM   297  C CB  . ASP A 1 45  ? -5.480  14.725  -10.658 1.00 25.90 ? 142 ASP A CB  1 
ATOM   298  C CG  . ASP A 1 45  ? -6.283  14.661  -11.938 1.00 30.20 ? 142 ASP A CG  1 
ATOM   299  O OD1 . ASP A 1 45  ? -5.637  14.652  -12.991 1.00 35.12 ? 142 ASP A OD1 1 
ATOM   300  O OD2 . ASP A 1 45  ? -7.515  14.529  -11.863 1.00 37.34 ? 142 ASP A OD2 1 
ATOM   301  N N   . LEU A 1 46  ? -3.277  13.000  -8.567  1.00 23.53 ? 143 LEU A N   1 
ATOM   302  C CA  . LEU A 1 46  ? -2.639  13.186  -7.270  1.00 23.66 ? 143 LEU A CA  1 
ATOM   303  C C   . LEU A 1 46  ? -3.204  14.402  -6.527  1.00 24.70 ? 143 LEU A C   1 
ATOM   304  O O   . LEU A 1 46  ? -2.465  15.152  -5.891  1.00 23.74 ? 143 LEU A O   1 
ATOM   305  C CB  . LEU A 1 46  ? -1.138  13.314  -7.511  1.00 24.67 ? 143 LEU A CB  1 
ATOM   306  C CG  . LEU A 1 46  ? -0.415  12.125  -8.144  1.00 23.43 ? 143 LEU A CG  1 
ATOM   307  C CD1 . LEU A 1 46  ? 1.098   12.348  -8.079  1.00 21.80 ? 143 LEU A CD1 1 
ATOM   308  C CD2 . LEU A 1 46  ? -0.805  10.821  -7.476  1.00 24.82 ? 143 LEU A CD2 1 
ATOM   309  N N   . LEU A 1 47  ? -4.524  14.617  -6.600  1.00 25.32 ? 144 LEU A N   1 
ATOM   310  C CA  . LEU A 1 47  ? -5.146  15.631  -5.774  1.00 25.71 ? 144 LEU A CA  1 
ATOM   311  C C   . LEU A 1 47  ? -5.669  14.974  -4.505  1.00 25.34 ? 144 LEU A C   1 
ATOM   312  O O   . LEU A 1 47  ? -6.605  14.190  -4.573  1.00 24.64 ? 144 LEU A O   1 
ATOM   313  C CB  . LEU A 1 47  ? -6.281  16.280  -6.561  1.00 30.68 ? 144 LEU A CB  1 
ATOM   314  C CG  . LEU A 1 47  ? -6.915  17.507  -5.899  1.00 36.34 ? 144 LEU A CG  1 
ATOM   315  C CD1 . LEU A 1 47  ? -5.907  18.629  -5.726  1.00 39.16 ? 144 LEU A CD1 1 
ATOM   316  C CD2 . LEU A 1 47  ? -8.101  18.012  -6.684  1.00 40.31 ? 144 LEU A CD2 1 
ATOM   317  N N   . HIS A 1 48  ? -5.085  15.310  -3.353  1.00 24.65 ? 145 HIS A N   1 
ATOM   318  C CA  . HIS A 1 48  ? -5.334  14.573  -2.117  1.00 23.88 ? 145 HIS A CA  1 
ATOM   319  C C   . HIS A 1 48  ? -6.529  15.168  -1.361  1.00 26.05 ? 145 HIS A C   1 
ATOM   320  O O   . HIS A 1 48  ? -6.370  15.750  -0.295  1.00 25.02 ? 145 HIS A O   1 
ATOM   321  C CB  . HIS A 1 48  ? -4.042  14.574  -1.307  1.00 23.79 ? 145 HIS A CB  1 
ATOM   322  C CG  . HIS A 1 48  ? -2.919  14.028  -2.135  1.00 22.01 ? 145 HIS A CG  1 
ATOM   323  N ND1 . HIS A 1 48  ? -2.978  12.868  -2.888  1.00 22.43 ? 145 HIS A ND1 1 
ATOM   324  C CD2 . HIS A 1 48  ? -1.679  14.527  -2.294  1.00 21.43 ? 145 HIS A CD2 1 
ATOM   325  C CE1 . HIS A 1 48  ? -1.814  12.694  -3.488  1.00 21.77 ? 145 HIS A CE1 1 
ATOM   326  N NE2 . HIS A 1 48  ? -0.997  13.672  -3.125  1.00 23.76 ? 145 HIS A NE2 1 
ATOM   327  N N   . GLY A 1 49  ? -7.722  15.016  -1.950  1.00 27.40 ? 146 GLY A N   1 
ATOM   328  C CA  . GLY A 1 49  ? -8.915  15.757  -1.547  1.00 27.36 ? 146 GLY A CA  1 
ATOM   329  C C   . GLY A 1 49  ? -9.771  15.032  -0.503  1.00 29.64 ? 146 GLY A C   1 
ATOM   330  O O   . GLY A 1 49  ? -10.626 15.656  0.135   1.00 30.40 ? 146 GLY A O   1 
ATOM   331  N N   . GLY A 1 50  ? -9.563  13.721  -0.311  1.00 27.66 ? 147 GLY A N   1 
ATOM   332  C CA  . GLY A 1 50  ? -10.294 13.016  0.730   1.00 28.92 ? 147 GLY A CA  1 
ATOM   333  C C   . GLY A 1 50  ? -9.553  11.771  1.188   1.00 31.89 ? 147 GLY A C   1 
ATOM   334  O O   . GLY A 1 50  ? -8.472  11.465  0.674   1.00 29.14 ? 147 GLY A O   1 
ATOM   335  N N   . GLY A 1 51  ? -10.133 11.110  2.197   1.00 30.55 ? 148 GLY A N   1 
ATOM   336  C CA  . GLY A 1 51  ? -9.674  9.800   2.626   1.00 29.02 ? 148 GLY A CA  1 
ATOM   337  C C   . GLY A 1 51  ? -8.258  9.867   3.179   1.00 26.81 ? 148 GLY A C   1 
ATOM   338  O O   . GLY A 1 51  ? -7.840  10.882  3.730   1.00 26.28 ? 148 GLY A O   1 
ATOM   339  N N   . LEU A 1 52  ? -7.537  8.758   3.020   1.00 24.56 ? 149 LEU A N   1 
ATOM   340  C CA  . LEU A 1 52  ? -6.167  8.653   3.486   1.00 24.83 ? 149 LEU A CA  1 
ATOM   341  C C   . LEU A 1 52  ? -5.304  9.761   2.887   1.00 21.60 ? 149 LEU A C   1 
ATOM   342  O O   . LEU A 1 52  ? -4.468  10.317  3.579   1.00 21.71 ? 149 LEU A O   1 
ATOM   343  C CB  . LEU A 1 52  ? -5.649  7.266   3.108   1.00 24.73 ? 149 LEU A CB  1 
ATOM   344  C CG  . LEU A 1 52  ? -4.149  7.047   3.302   1.00 24.16 ? 149 LEU A CG  1 
ATOM   345  C CD1 . LEU A 1 52  ? -3.736  7.277   4.740   1.00 23.52 ? 149 LEU A CD1 1 
ATOM   346  C CD2 . LEU A 1 52  ? -3.816  5.623   2.811   1.00 23.73 ? 149 LEU A CD2 1 
ATOM   347  N N   . ALA A 1 53  ? -5.511  10.084  1.607   1.00 23.28 ? 150 ALA A N   1 
ATOM   348  C CA  . ALA A 1 53  ? -4.682  11.064  0.906   1.00 22.75 ? 150 ALA A CA  1 
ATOM   349  C C   . ALA A 1 53  ? -4.735  12.413  1.638   1.00 26.08 ? 150 ALA A C   1 
ATOM   350  O O   . ALA A 1 53  ? -3.696  13.008  1.964   1.00 23.41 ? 150 ALA A O   1 
ATOM   351  C CB  . ALA A 1 53  ? -5.120  11.181  -0.553  1.00 21.95 ? 150 ALA A CB  1 
ATOM   352  N N   . LEU A 1 54  ? -5.963  12.861  1.954   1.00 25.43 ? 151 LEU A N   1 
ATOM   353  C CA  . LEU A 1 54  ? -6.182  14.112  2.674   1.00 26.24 ? 151 LEU A CA  1 
ATOM   354  C C   . LEU A 1 54  ? -5.547  14.057  4.058   1.00 24.62 ? 151 LEU A C   1 
ATOM   355  O O   . LEU A 1 54  ? -4.925  15.017  4.489   1.00 22.30 ? 151 LEU A O   1 
ATOM   356  C CB  . LEU A 1 54  ? -7.676  14.418  2.781   1.00 25.50 ? 151 LEU A CB  1 
ATOM   357  C CG  . LEU A 1 54  ? -8.034  15.677  3.579   1.00 27.42 ? 151 LEU A CG  1 
ATOM   358  C CD1 . LEU A 1 54  ? -7.398  16.895  2.950   1.00 25.92 ? 151 LEU A CD1 1 
ATOM   359  C CD2 . LEU A 1 54  ? -9.560  15.777  3.663   1.00 27.91 ? 151 LEU A CD2 1 
ATOM   360  N N   . ALA A 1 55  ? -5.678  12.915  4.738   1.00 25.67 ? 152 ALA A N   1 
ATOM   361  C CA  . ALA A 1 55  ? -5.063  12.757  6.054   1.00 25.71 ? 152 ALA A CA  1 
ATOM   362  C C   . ALA A 1 55  ? -3.544  12.923  5.984   1.00 24.19 ? 152 ALA A C   1 
ATOM   363  O O   . ALA A 1 55  ? -2.931  13.534  6.869   1.00 25.55 ? 152 ALA A O   1 
ATOM   364  C CB  . ALA A 1 55  ? -5.466  11.408  6.647   1.00 26.24 ? 152 ALA A CB  1 
ATOM   365  N N   . LEU A 1 56  ? -2.908  12.309  4.982   1.00 23.54 ? 153 LEU A N   1 
ATOM   366  C CA  . LEU A 1 56  ? -1.457  12.388  4.844   1.00 24.60 ? 153 LEU A CA  1 
ATOM   367  C C   . LEU A 1 56  ? -1.010  13.844  4.647   1.00 24.55 ? 153 LEU A C   1 
ATOM   368  O O   . LEU A 1 56  ? -0.056  14.321  5.271   1.00 25.57 ? 153 LEU A O   1 
ATOM   369  C CB  . LEU A 1 56  ? -1.015  11.471  3.698   1.00 26.25 ? 153 LEU A CB  1 
ATOM   370  C CG  . LEU A 1 56  ? -1.164  9.966   3.939   1.00 26.98 ? 153 LEU A CG  1 
ATOM   371  C CD1 . LEU A 1 56  ? -0.705  9.186   2.720   1.00 28.62 ? 153 LEU A CD1 1 
ATOM   372  C CD2 . LEU A 1 56  ? -0.428  9.449   5.167   1.00 27.63 ? 153 LEU A CD2 1 
ATOM   373  N N   . VAL A 1 57  ? -1.723  14.598  3.818   1.00 23.04 ? 154 VAL A N   1 
ATOM   374  C CA  . VAL A 1 57  ? -1.376  16.002  3.626   1.00 23.32 ? 154 VAL A CA  1 
ATOM   375  C C   . VAL A 1 57  ? -1.593  16.835  4.895   1.00 25.31 ? 154 VAL A C   1 
ATOM   376  O O   . VAL A 1 57  ? -0.774  17.698  5.209   1.00 24.99 ? 154 VAL A O   1 
ATOM   377  C CB  . VAL A 1 57  ? -2.108  16.593  2.413   1.00 24.17 ? 154 VAL A CB  1 
ATOM   378  C CG1 . VAL A 1 57  ? -1.886  18.103  2.296   1.00 26.43 ? 154 VAL A CG1 1 
ATOM   379  C CG2 . VAL A 1 57  ? -1.661  15.870  1.150   1.00 25.84 ? 154 VAL A CG2 1 
ATOM   380  N N   . LYS A 1 58  ? -2.723  16.628  5.590   1.00 25.84 ? 155 LYS A N   1 
ATOM   381  C CA  . LYS A 1 58  ? -3.014  17.357  6.811   1.00 26.38 ? 155 LYS A CA  1 
ATOM   382  C C   . LYS A 1 58  ? -1.950  17.071  7.865   1.00 27.38 ? 155 LYS A C   1 
ATOM   383  O O   . LYS A 1 58  ? -1.523  17.995  8.554   1.00 27.47 ? 155 LYS A O   1 
ATOM   384  C CB  . LYS A 1 58  ? -4.415  17.047  7.335   1.00 26.54 ? 155 LYS A CB  1 
ATOM   385  C CG  . LYS A 1 58  ? -5.525  17.711  6.526   1.00 30.37 ? 155 LYS A CG  1 
ATOM   386  C CD  . LYS A 1 58  ? -6.922  17.168  6.774   1.00 37.52 ? 155 LYS A CD  1 
ATOM   387  C CE  . LYS A 1 58  ? -7.417  17.392  8.160   1.00 48.91 ? 155 LYS A CE  1 
ATOM   388  N NZ  . LYS A 1 58  ? -8.096  18.675  8.351   1.00 56.56 ? 155 LYS A NZ  1 
ATOM   389  N N   . ALA A 1 59  ? -1.493  15.811  7.970   1.00 26.29 ? 156 ALA A N   1 
ATOM   390  C CA  . ALA A 1 59  ? -0.478  15.447  8.952   1.00 24.76 ? 156 ALA A CA  1 
ATOM   391  C C   . ALA A 1 59  ? 0.936   15.869  8.521   1.00 25.55 ? 156 ALA A C   1 
ATOM   392  O O   . ALA A 1 59  ? 1.763   16.327  9.333   1.00 31.27 ? 156 ALA A O   1 
ATOM   393  C CB  . ALA A 1 59  ? -0.561  13.960  9.212   1.00 24.06 ? 156 ALA A CB  1 
ATOM   394  N N   . GLY A 1 60  ? 1.246   15.696  7.235   1.00 24.22 ? 157 GLY A N   1 
ATOM   395  C CA  . GLY A 1 60  ? 2.602   15.828  6.745   1.00 21.99 ? 157 GLY A CA  1 
ATOM   396  C C   . GLY A 1 60  ? 2.925   17.198  6.151   1.00 23.94 ? 157 GLY A C   1 
ATOM   397  O O   . GLY A 1 60  ? 4.086   17.570  6.072   1.00 22.50 ? 157 GLY A O   1 
ATOM   398  N N   . GLY A 1 61  ? 1.915   17.962  5.724   1.00 26.50 ? 158 GLY A N   1 
ATOM   399  C CA  . GLY A 1 61  ? 2.166   19.312  5.258   1.00 25.37 ? 158 GLY A CA  1 
ATOM   400  C C   . GLY A 1 61  ? 1.777   19.478  3.787   1.00 26.30 ? 158 GLY A C   1 
ATOM   401  O O   . GLY A 1 61  ? 1.792   18.531  2.994   1.00 24.36 ? 158 GLY A O   1 
ATOM   402  N N   . PHE A 1 62  ? 1.458   20.720  3.426   1.00 26.13 ? 159 PHE A N   1 
ATOM   403  C CA  . PHE A 1 62  ? 0.995   21.034  2.086   1.00 24.68 ? 159 PHE A CA  1 
ATOM   404  C C   . PHE A 1 62  ? 2.051   20.761  1.020   1.00 23.00 ? 159 PHE A C   1 
ATOM   405  O O   . PHE A 1 62  ? 1.734   20.521  -0.141  1.00 23.52 ? 159 PHE A O   1 
ATOM   406  C CB  . PHE A 1 62  ? 0.599   22.509  2.053   1.00 27.73 ? 159 PHE A CB  1 
ATOM   407  C CG  . PHE A 1 62  ? -0.049  22.826  0.723   1.00 27.90 ? 159 PHE A CG  1 
ATOM   408  C CD1 . PHE A 1 62  ? -1.322  22.358  0.439   1.00 30.70 ? 159 PHE A CD1 1 
ATOM   409  C CD2 . PHE A 1 62  ? 0.620   23.570  -0.233  1.00 31.13 ? 159 PHE A CD2 1 
ATOM   410  C CE1 . PHE A 1 62  ? -1.911  22.639  -0.790  1.00 33.81 ? 159 PHE A CE1 1 
ATOM   411  C CE2 . PHE A 1 62  ? 0.024   23.844  -1.456  1.00 31.02 ? 159 PHE A CE2 1 
ATOM   412  C CZ  . PHE A 1 62  ? -1.231  23.366  -1.732  1.00 30.17 ? 159 PHE A CZ  1 
ATOM   413  N N   . GLU A 1 63  ? 3.326   20.801  1.400   1.00 23.99 ? 160 GLU A N   1 
ATOM   414  C CA  . GLU A 1 63  ? 4.388   20.497  0.459   1.00 24.90 ? 160 GLU A CA  1 
ATOM   415  C C   . GLU A 1 63  ? 4.195   19.137  -0.227  1.00 23.29 ? 160 GLU A C   1 
ATOM   416  O O   . GLU A 1 63  ? 4.724   18.937  -1.316  1.00 22.20 ? 160 GLU A O   1 
ATOM   417  C CB  . GLU A 1 63  ? 5.768   20.513  1.122   1.00 27.46 ? 160 GLU A CB  1 
ATOM   418  C CG  . GLU A 1 63  ? 5.955   19.387  2.130   1.00 31.45 ? 160 GLU A CG  1 
ATOM   419  C CD  . GLU A 1 63  ? 7.163   19.575  3.031   1.00 36.67 ? 160 GLU A CD  1 
ATOM   420  O OE1 . GLU A 1 63  ? 8.295   19.193  2.663   1.00 40.92 ? 160 GLU A OE1 1 
ATOM   421  O OE2 . GLU A 1 63  ? 6.940   20.152  4.110   1.00 43.00 ? 160 GLU A OE2 1 
ATOM   422  N N   . ILE A 1 64  ? 3.505   18.189  0.418   1.00 23.20 ? 161 ILE A N   1 
ATOM   423  C CA  . ILE A 1 64  ? 3.231   16.899  -0.189  1.00 23.96 ? 161 ILE A CA  1 
ATOM   424  C C   . ILE A 1 64  ? 2.341   17.101  -1.422  1.00 24.35 ? 161 ILE A C   1 
ATOM   425  O O   . ILE A 1 64  ? 2.566   16.514  -2.472  1.00 24.74 ? 161 ILE A O   1 
ATOM   426  C CB  . ILE A 1 64  ? 2.590   15.949  0.840   1.00 24.23 ? 161 ILE A CB  1 
ATOM   427  C CG1 . ILE A 1 64  ? 3.588   15.593  1.944   1.00 23.60 ? 161 ILE A CG1 1 
ATOM   428  C CG2 . ILE A 1 64  ? 2.062   14.674  0.189   1.00 24.58 ? 161 ILE A CG2 1 
ATOM   429  C CD1 . ILE A 1 64  ? 2.935   14.988  3.171   1.00 23.88 ? 161 ILE A CD1 1 
ATOM   430  N N   . GLN A 1 65  ? 1.325   17.945  -1.261  1.00 25.48 ? 162 GLN A N   1 
ATOM   431  C CA  . GLN A 1 65  ? 0.427   18.276  -2.353  1.00 22.87 ? 162 GLN A CA  1 
ATOM   432  C C   . GLN A 1 65  ? 1.159   19.041  -3.456  1.00 22.25 ? 162 GLN A C   1 
ATOM   433  O O   . GLN A 1 65  ? 0.865   18.853  -4.643  1.00 22.93 ? 162 GLN A O   1 
ATOM   434  C CB  . GLN A 1 65  ? -0.759  19.069  -1.819  1.00 22.58 ? 162 GLN A CB  1 
ATOM   435  C CG  . GLN A 1 65  ? -1.795  19.363  -2.894  1.00 23.60 ? 162 GLN A CG  1 
ATOM   436  C CD  . GLN A 1 65  ? -2.403  18.111  -3.476  1.00 22.70 ? 162 GLN A CD  1 
ATOM   437  O OE1 . GLN A 1 65  ? -3.331  17.539  -2.894  1.00 23.21 ? 162 GLN A OE1 1 
ATOM   438  N NE2 . GLN A 1 65  ? -1.853  17.651  -4.590  1.00 21.85 ? 162 GLN A NE2 1 
ATOM   439  N N   . GLU A 1 66  ? 2.052   19.948  -3.053  1.00 25.68 ? 163 GLU A N   1 
ATOM   440  C CA  . GLU A 1 66  ? 2.800   20.755  -4.002  1.00 28.84 ? 163 GLU A CA  1 
ATOM   441  C C   . GLU A 1 66  ? 3.661   19.836  -4.863  1.00 27.74 ? 163 GLU A C   1 
ATOM   442  O O   . GLU A 1 66  ? 3.682   19.957  -6.081  1.00 25.71 ? 163 GLU A O   1 
ATOM   443  C CB  . GLU A 1 66  ? 3.727   21.773  -3.338  1.00 32.21 ? 163 GLU A CB  1 
ATOM   444  C CG  . GLU A 1 66  ? 3.011   22.875  -2.568  1.00 42.15 ? 163 GLU A CG  1 
ATOM   445  C CD  . GLU A 1 66  ? 3.962   23.853  -1.861  1.00 51.65 ? 163 GLU A CD  1 
ATOM   446  O OE1 . GLU A 1 66  ? 5.168   23.890  -2.184  1.00 51.38 ? 163 GLU A OE1 1 
ATOM   447  O OE2 . GLU A 1 66  ? 3.502   24.580  -0.964  1.00 59.20 ? 163 GLU A OE2 1 
ATOM   448  N N   . GLU A 1 67  ? 4.370   18.893  -4.227  1.00 24.68 ? 164 GLU A N   1 
ATOM   449  C CA  . GLU A 1 67  ? 5.255   18.032  -4.990  1.00 23.67 ? 164 GLU A CA  1 
ATOM   450  C C   . GLU A 1 67  ? 4.427   17.110  -5.888  1.00 24.68 ? 164 GLU A C   1 
ATOM   451  O O   . GLU A 1 67  ? 4.779   16.885  -7.052  1.00 28.16 ? 164 GLU A O   1 
ATOM   452  C CB  . GLU A 1 67  ? 6.260   17.335  -4.069  1.00 27.48 ? 164 GLU A CB  1 
ATOM   453  C CG  . GLU A 1 67  ? 7.252   16.496  -4.866  1.00 31.68 ? 164 GLU A CG  1 
ATOM   454  C CD  . GLU A 1 67  ? 8.233   15.682  -4.034  1.00 33.34 ? 164 GLU A CD  1 
ATOM   455  O OE1 . GLU A 1 67  ? 8.241   15.818  -2.801  1.00 27.06 ? 164 GLU A OE1 1 
ATOM   456  O OE2 . GLU A 1 67  ? 8.968   14.889  -4.657  1.00 39.38 ? 164 GLU A OE2 1 
ATOM   457  N N   . SER A 1 68  ? 3.281   16.643  -5.383  1.00 22.21 ? 165 SER A N   1 
ATOM   458  C CA  . SER A 1 68  ? 2.367   15.825  -6.159  1.00 23.17 ? 165 SER A CA  1 
ATOM   459  C C   . SER A 1 68  ? 1.931   16.548  -7.429  1.00 24.60 ? 165 SER A C   1 
ATOM   460  O O   . SER A 1 68  ? 1.813   15.922  -8.473  1.00 23.85 ? 165 SER A O   1 
ATOM   461  C CB  . SER A 1 68  ? 1.177   15.384  -5.338  1.00 23.51 ? 165 SER A CB  1 
ATOM   462  O OG  . SER A 1 68  ? 1.604   14.530  -4.270  1.00 21.62 ? 165 SER A OG  1 
ATOM   463  N N   . LYS A 1 69  ? 1.640   17.848  -7.339  1.00 25.06 ? 166 LYS A N   1 
ATOM   464  C CA  . LYS A 1 69  ? 1.215   18.563  -8.529  1.00 29.42 ? 166 LYS A CA  1 
ATOM   465  C C   . LYS A 1 69  ? 2.382   18.697  -9.499  1.00 28.68 ? 166 LYS A C   1 
ATOM   466  O O   . LYS A 1 69  ? 2.208   18.621  -10.711 1.00 26.56 ? 166 LYS A O   1 
ATOM   467  C CB  . LYS A 1 69  ? 0.618   19.917  -8.148  1.00 33.48 ? 166 LYS A CB  1 
ATOM   468  C CG  . LYS A 1 69  ? -0.796  19.833  -7.642  1.00 37.78 ? 166 LYS A CG  1 
ATOM   469  C CD  . LYS A 1 69  ? -1.798  19.419  -8.706  1.00 41.01 ? 166 LYS A CD  1 
ATOM   470  C CE  . LYS A 1 69  ? -2.377  18.075  -8.527  1.00 45.98 ? 166 LYS A CE  1 
ATOM   471  N NZ  . LYS A 1 69  ? -3.325  17.778  -9.620  1.00 51.38 ? 166 LYS A NZ  1 
ATOM   472  N N   . GLN A 1 70  ? 3.573   18.899  -8.945  1.00 27.66 ? 167 GLN A N   1 
ATOM   473  C CA  . GLN A 1 70  ? 4.780   19.014  -9.741  1.00 30.25 ? 167 GLN A CA  1 
ATOM   474  C C   . GLN A 1 70  ? 4.999   17.703  -10.482 1.00 29.52 ? 167 GLN A C   1 
ATOM   475  O O   . GLN A 1 70  ? 5.349   17.714  -11.650 1.00 30.39 ? 167 GLN A O   1 
ATOM   476  C CB  . GLN A 1 70  ? 5.989   19.387  -8.876  1.00 32.10 ? 167 GLN A CB  1 
ATOM   477  C CG  . GLN A 1 70  ? 5.865   20.773  -8.252  1.00 38.33 ? 167 GLN A CG  1 
ATOM   478  C CD  . GLN A 1 70  ? 6.941   21.114  -7.239  1.00 43.25 ? 167 GLN A CD  1 
ATOM   479  O OE1 . GLN A 1 70  ? 7.591   20.249  -6.637  1.00 42.78 ? 167 GLN A OE1 1 
ATOM   480  N NE2 . GLN A 1 70  ? 7.112   22.405  -7.014  1.00 47.60 ? 167 GLN A NE2 1 
ATOM   481  N N   . PHE A 1 71  ? 4.792   16.576  -9.795  1.00 27.57 ? 168 PHE A N   1 
ATOM   482  C CA  . PHE A 1 71  ? 4.954   15.278  -10.422 1.00 25.59 ? 168 PHE A CA  1 
ATOM   483  C C   . PHE A 1 71  ? 4.054   15.174  -11.650 1.00 25.56 ? 168 PHE A C   1 
ATOM   484  O O   . PHE A 1 71  ? 4.524   14.813  -12.724 1.00 25.32 ? 168 PHE A O   1 
ATOM   485  C CB  . PHE A 1 71  ? 4.603   14.168  -9.435  1.00 25.50 ? 168 PHE A CB  1 
ATOM   486  C CG  . PHE A 1 71  ? 4.951   12.799  -9.999  1.00 25.79 ? 168 PHE A CG  1 
ATOM   487  C CD1 . PHE A 1 71  ? 4.086   12.152  -10.877 1.00 24.22 ? 168 PHE A CD1 1 
ATOM   488  C CD2 . PHE A 1 71  ? 6.132   12.163  -9.635  1.00 25.64 ? 168 PHE A CD2 1 
ATOM   489  C CE1 . PHE A 1 71  ? 4.417   10.913  -11.409 1.00 24.91 ? 168 PHE A CE1 1 
ATOM   490  C CE2 . PHE A 1 71  ? 6.462   10.936  -10.176 1.00 25.83 ? 168 PHE A CE2 1 
ATOM   491  C CZ  . PHE A 1 71  ? 5.601   10.305  -11.060 1.00 26.26 ? 168 PHE A CZ  1 
ATOM   492  N N   . VAL A 1 72  ? 2.764   15.501  -11.473 1.00 26.57 ? 169 VAL A N   1 
ATOM   493  C CA  . VAL A 1 72  ? 1.793   15.381  -12.548 1.00 27.11 ? 169 VAL A CA  1 
ATOM   494  C C   . VAL A 1 72  ? 2.067   16.387  -13.681 1.00 29.09 ? 169 VAL A C   1 
ATOM   495  O O   . VAL A 1 72  ? 1.723   16.111  -14.828 1.00 27.52 ? 169 VAL A O   1 
ATOM   496  C CB  . VAL A 1 72  ? 0.364   15.532  -12.010 1.00 28.69 ? 169 VAL A CB  1 
ATOM   497  C CG1 . VAL A 1 72  ? -0.632  15.780  -13.132 1.00 31.48 ? 169 VAL A CG1 1 
ATOM   498  C CG2 . VAL A 1 72  ? -0.046  14.308  -11.186 1.00 31.48 ? 169 VAL A CG2 1 
ATOM   499  N N   . ALA A 1 73  ? 2.583   17.584  -13.364 1.00 30.77 ? 170 ALA A N   1 
ATOM   500  C CA  . ALA A 1 73  ? 2.899   18.564  -14.396 1.00 32.88 ? 170 ALA A CA  1 
ATOM   501  C C   . ALA A 1 73  ? 4.035   18.065  -15.297 1.00 33.91 ? 170 ALA A C   1 
ATOM   502  O O   . ALA A 1 73  ? 4.075   18.338  -16.496 1.00 37.45 ? 170 ALA A O   1 
ATOM   503  C CB  . ALA A 1 73  ? 3.244   19.887  -13.752 1.00 33.69 ? 170 ALA A CB  1 
ATOM   504  N N   . ARG A 1 74  ? 4.947   17.288  -14.722 1.00 32.92 ? 171 ARG A N   1 
ATOM   505  C CA  . ARG A 1 74  ? 6.061   16.727  -15.459 1.00 32.94 ? 171 ARG A CA  1 
ATOM   506  C C   . ARG A 1 74  ? 5.728   15.385  -16.140 1.00 34.15 ? 171 ARG A C   1 
ATOM   507  O O   . ARG A 1 74  ? 6.140   15.210  -17.280 1.00 37.00 ? 171 ARG A O   1 
ATOM   508  C CB  . ARG A 1 74  ? 7.259   16.662  -14.514 1.00 32.35 ? 171 ARG A CB  1 
ATOM   509  C CG  . ARG A 1 74  ? 8.385   15.826  -15.096 1.00 34.33 ? 171 ARG A CG  1 
ATOM   510  C CD  . ARG A 1 74  ? 9.646   16.029  -14.328 1.00 33.58 ? 171 ARG A CD  1 
ATOM   511  N NE  . ARG A 1 74  ? 9.983   17.447  -14.477 1.00 33.03 ? 171 ARG A NE  1 
ATOM   512  C CZ  . ARG A 1 74  ? 10.787  18.115  -13.667 1.00 34.40 ? 171 ARG A CZ  1 
ATOM   513  N NH1 . ARG A 1 74  ? 11.443  17.453  -12.742 1.00 36.49 ? 171 ARG A NH1 1 
ATOM   514  N NH2 . ARG A 1 74  ? 10.930  19.426  -13.785 1.00 31.26 ? 171 ARG A NH2 1 
ATOM   515  N N   . TYR A 1 75  ? 4.985   14.452  -15.507 1.00 33.99 ? 172 TYR A N   1 
ATOM   516  C CA  . TYR A 1 75  ? 4.823   13.103  -16.051 1.00 30.91 ? 172 TYR A CA  1 
ATOM   517  C C   . TYR A 1 75  ? 3.386   12.799  -16.457 1.00 33.92 ? 172 TYR A C   1 
ATOM   518  O O   . TYR A 1 75  ? 3.097   11.730  -16.985 1.00 35.89 ? 172 TYR A O   1 
ATOM   519  C CB  . TYR A 1 75  ? 5.218   12.037  -15.033 1.00 34.41 ? 172 TYR A CB  1 
ATOM   520  C CG  . TYR A 1 75  ? 6.686   12.154  -14.679 1.00 34.47 ? 172 TYR A CG  1 
ATOM   521  C CD1 . TYR A 1 75  ? 7.653   11.718  -15.573 1.00 39.90 ? 172 TYR A CD1 1 
ATOM   522  C CD2 . TYR A 1 75  ? 7.097   12.739  -13.495 1.00 35.44 ? 172 TYR A CD2 1 
ATOM   523  C CE1 . TYR A 1 75  ? 9.000   11.828  -15.273 1.00 42.01 ? 172 TYR A CE1 1 
ATOM   524  C CE2 . TYR A 1 75  ? 8.435   12.872  -13.192 1.00 39.36 ? 172 TYR A CE2 1 
ATOM   525  C CZ  . TYR A 1 75  ? 9.390   12.410  -14.081 1.00 40.75 ? 172 TYR A CZ  1 
ATOM   526  O OH  . TYR A 1 75  ? 10.716  12.530  -13.788 1.00 39.82 ? 172 TYR A OH  1 
ATOM   527  N N   . GLY A 1 76  ? 2.488   13.745  -16.245 1.00 31.39 ? 173 GLY A N   1 
ATOM   528  C CA  . GLY A 1 76  ? 1.088   13.512  -16.521 1.00 33.00 ? 173 GLY A CA  1 
ATOM   529  C C   . GLY A 1 76  ? 0.401   12.724  -15.412 1.00 29.31 ? 173 GLY A C   1 
ATOM   530  O O   . GLY A 1 76  ? 0.995   12.427  -14.380 1.00 31.93 ? 173 GLY A O   1 
ATOM   531  N N   . LYS A 1 77  ? -0.855  12.387  -15.686 1.00 32.02 ? 174 LYS A N   1 
ATOM   532  C CA  . LYS A 1 77  ? -1.720  11.665  -14.776 1.00 32.95 ? 174 LYS A CA  1 
ATOM   533  C C   . LYS A 1 77  ? -1.151  10.270  -14.533 1.00 32.58 ? 174 LYS A C   1 
ATOM   534  O O   . LYS A 1 77  ? -0.567  9.679   -15.426 1.00 31.08 ? 174 LYS A O   1 
ATOM   535  C CB  . LYS A 1 77  ? -3.085  11.575  -15.457 1.00 36.74 ? 174 LYS A CB  1 
ATOM   536  C CG  . LYS A 1 77  ? -3.782  12.904  -15.677 1.00 39.54 ? 174 LYS A CG  1 
ATOM   537  C CD  . LYS A 1 77  ? -5.114  12.696  -16.379 1.00 40.99 ? 174 LYS A CD  1 
ATOM   538  C CE  . LYS A 1 77  ? -5.926  13.949  -16.328 1.00 48.40 ? 174 LYS A CE  1 
ATOM   539  N NZ  . LYS A 1 77  ? -5.167  15.127  -16.761 1.00 50.57 ? 174 LYS A NZ  1 
ATOM   540  N N   . VAL A 1 78  ? -1.325  9.751   -13.317 1.00 32.59 ? 175 VAL A N   1 
ATOM   541  C CA  . VAL A 1 78  ? -0.852  8.423   -12.974 1.00 29.66 ? 175 VAL A CA  1 
ATOM   542  C C   . VAL A 1 78  ? -1.992  7.441   -13.267 1.00 29.40 ? 175 VAL A C   1 
ATOM   543  O O   . VAL A 1 78  ? -3.062  7.569   -12.678 1.00 30.80 ? 175 VAL A O   1 
ATOM   544  C CB  . VAL A 1 78  ? -0.428  8.445   -11.492 1.00 30.63 ? 175 VAL A CB  1 
ATOM   545  C CG1 . VAL A 1 78  ? 0.092   7.096   -11.044 1.00 31.46 ? 175 VAL A CG1 1 
ATOM   546  C CG2 . VAL A 1 78  ? 0.608   9.523   -11.189 1.00 33.05 ? 175 VAL A CG2 1 
ATOM   547  N N   . SER A 1 79  ? -1.782  6.454   -14.156 1.00 30.35 ? 176 SER A N   1 
ATOM   548  C CA  . SER A 1 79  ? -2.828  5.469   -14.443 1.00 33.99 ? 176 SER A CA  1 
ATOM   549  C C   . SER A 1 79  ? -3.062  4.522   -13.265 1.00 29.79 ? 176 SER A C   1 
ATOM   550  O O   . SER A 1 79  ? -2.189  4.348   -12.426 1.00 27.11 ? 176 SER A O   1 
ATOM   551  C CB  . SER A 1 79  ? -2.529  4.678   -15.692 1.00 34.07 ? 176 SER A CB  1 
ATOM   552  O OG  . SER A 1 79  ? -2.617  5.532   -16.822 1.00 42.94 ? 176 SER A OG  1 
ATOM   553  N N   . ALA A 1 80  ? -4.248  3.898   -13.240 1.00 29.62 ? 177 ALA A N   1 
ATOM   554  C CA  . ALA A 1 80  ? -4.571  2.886   -12.249 1.00 30.26 ? 177 ALA A CA  1 
ATOM   555  C C   . ALA A 1 80  ? -3.591  1.735   -12.389 1.00 29.78 ? 177 ALA A C   1 
ATOM   556  O O   . ALA A 1 80  ? -3.346  1.278   -13.503 1.00 30.51 ? 177 ALA A O   1 
ATOM   557  C CB  . ALA A 1 80  ? -6.001  2.414   -12.408 1.00 31.18 ? 177 ALA A CB  1 
ATOM   558  N N   . GLY A 1 81  ? -2.987  1.333   -11.271 1.00 27.44 ? 178 GLY A N   1 
ATOM   559  C CA  . GLY A 1 81  ? -1.963  0.303   -11.273 1.00 26.46 ? 178 GLY A CA  1 
ATOM   560  C C   . GLY A 1 81  ? -0.544  0.861   -11.248 1.00 26.20 ? 178 GLY A C   1 
ATOM   561  O O   . GLY A 1 81  ? 0.380   0.079   -11.085 1.00 24.84 ? 178 GLY A O   1 
ATOM   562  N N   . GLU A 1 82  ? -0.389  2.191   -11.387 1.00 28.10 ? 179 GLU A N   1 
ATOM   563  C CA  . GLU A 1 82  ? 0.902   2.867   -11.449 1.00 30.51 ? 179 GLU A CA  1 
ATOM   564  C C   . GLU A 1 82  ? 1.181   3.633   -10.152 1.00 26.27 ? 179 GLU A C   1 
ATOM   565  O O   . GLU A 1 82  ? 0.301   3.829   -9.309  1.00 27.76 ? 179 GLU A O   1 
ATOM   566  C CB  . GLU A 1 82  ? 1.009   3.872   -12.603 1.00 34.86 ? 179 GLU A CB  1 
ATOM   567  C CG  . GLU A 1 82  ? 0.985   3.245   -13.996 1.00 41.29 ? 179 GLU A CG  1 
ATOM   568  C CD  . GLU A 1 82  ? 0.977   4.254   -15.157 1.00 52.14 ? 179 GLU A CD  1 
ATOM   569  O OE1 . GLU A 1 82  ? 0.623   5.460   -14.999 1.00 51.85 ? 179 GLU A OE1 1 
ATOM   570  O OE2 . GLU A 1 82  ? 1.353   3.824   -16.272 1.00 55.83 ? 179 GLU A OE2 1 
ATOM   571  N N   . ILE A 1 83  ? 2.432   4.056   -10.002 1.00 25.62 ? 180 ILE A N   1 
ATOM   572  C CA  . ILE A 1 83  ? 2.845   4.760   -8.801  1.00 26.44 ? 180 ILE A CA  1 
ATOM   573  C C   . ILE A 1 83  ? 3.596   6.044   -9.143  1.00 24.44 ? 180 ILE A C   1 
ATOM   574  O O   . ILE A 1 83  ? 4.234   6.184   -10.167 1.00 26.46 ? 180 ILE A O   1 
ATOM   575  C CB  . ILE A 1 83  ? 3.683   3.876   -7.857  1.00 25.49 ? 180 ILE A CB  1 
ATOM   576  C CG1 . ILE A 1 83  ? 5.024   3.520   -8.446  1.00 27.14 ? 180 ILE A CG1 1 
ATOM   577  C CG2 . ILE A 1 83  ? 2.921   2.631   -7.399  1.00 25.84 ? 180 ILE A CG2 1 
ATOM   578  C CD1 . ILE A 1 83  ? 5.963   2.872   -7.440  1.00 25.84 ? 180 ILE A CD1 1 
ATOM   579  N N   . ALA A 1 84  ? 3.547   6.967   -8.191  1.00 24.49 ? 181 ALA A N   1 
ATOM   580  C CA  . ALA A 1 84  ? 4.362   8.155   -8.183  1.00 24.33 ? 181 ALA A CA  1 
ATOM   581  C C   . ALA A 1 84  ? 4.935   8.278   -6.780  1.00 25.61 ? 181 ALA A C   1 
ATOM   582  O O   . ALA A 1 84  ? 4.258   7.959   -5.813  1.00 27.40 ? 181 ALA A O   1 
ATOM   583  C CB  . ALA A 1 84  ? 3.518   9.350   -8.567  1.00 24.00 ? 181 ALA A CB  1 
ATOM   584  N N   . VAL A 1 85  ? 6.183   8.720   -6.667  1.00 21.53 ? 182 VAL A N   1 
ATOM   585  C CA  . VAL A 1 85  ? 6.788   8.855   -5.361  1.00 22.08 ? 182 VAL A CA  1 
ATOM   586  C C   . VAL A 1 85  ? 7.092   10.327  -5.103  1.00 21.04 ? 182 VAL A C   1 
ATOM   587  O O   . VAL A 1 85  ? 7.611   11.011  -5.981  1.00 26.14 ? 182 VAL A O   1 
ATOM   588  C CB  . VAL A 1 85  ? 8.063   8.010   -5.263  1.00 22.48 ? 182 VAL A CB  1 
ATOM   589  C CG1 . VAL A 1 85  ? 8.729   8.214   -3.900  1.00 22.37 ? 182 VAL A CG1 1 
ATOM   590  C CG2 . VAL A 1 85  ? 7.777   6.548   -5.574  1.00 24.59 ? 182 VAL A CG2 1 
ATOM   591  N N   . THR A 1 86  ? 6.759   10.792  -3.895  1.00 20.27 ? 183 THR A N   1 
ATOM   592  C CA  . THR A 1 86  ? 7.152   12.105  -3.419  1.00 21.90 ? 183 THR A CA  1 
ATOM   593  C C   . THR A 1 86  ? 7.843   11.990  -2.069  1.00 23.38 ? 183 THR A C   1 
ATOM   594  O O   . THR A 1 86  ? 7.949   10.902  -1.487  1.00 24.98 ? 183 THR A O   1 
ATOM   595  C CB  . THR A 1 86  ? 5.960   13.062  -3.326  1.00 22.19 ? 183 THR A CB  1 
ATOM   596  O OG1 . THR A 1 86  ? 5.164   12.697  -2.204  1.00 21.43 ? 183 THR A OG1 1 
ATOM   597  C CG2 . THR A 1 86  ? 5.178   13.074  -4.628  1.00 23.64 ? 183 THR A CG2 1 
ATOM   598  N N   . GLY A 1 87  ? 8.362   13.141  -1.616  1.00 22.13 ? 184 GLY A N   1 
ATOM   599  C CA  . GLY A 1 87  ? 8.732   13.333  -0.228  1.00 23.89 ? 184 GLY A CA  1 
ATOM   600  C C   . GLY A 1 87  ? 7.527   13.132  0.688   1.00 24.47 ? 184 GLY A C   1 
ATOM   601  O O   . GLY A 1 87  ? 6.364   13.167  0.253   1.00 21.29 ? 184 GLY A O   1 
ATOM   602  N N   . ALA A 1 88  ? 7.856   12.919  1.960   1.00 24.18 ? 185 ALA A N   1 
ATOM   603  C CA  . ALA A 1 88  ? 6.918   12.571  3.014   1.00 27.04 ? 185 ALA A CA  1 
ATOM   604  C C   . ALA A 1 88  ? 6.606   13.783  3.891   1.00 24.67 ? 185 ALA A C   1 
ATOM   605  O O   . ALA A 1 88  ? 5.902   13.650  4.882   1.00 24.39 ? 185 ALA A O   1 
ATOM   606  C CB  . ALA A 1 88  ? 7.517   11.461  3.844   1.00 26.90 ? 185 ALA A CB  1 
ATOM   607  N N   . GLY A 1 89  ? 7.165   14.955  3.544   1.00 24.16 ? 186 GLY A N   1 
ATOM   608  C CA  . GLY A 1 89  ? 6.954   16.163  4.325   1.00 24.54 ? 186 GLY A CA  1 
ATOM   609  C C   . GLY A 1 89  ? 7.300   15.910  5.790   1.00 25.90 ? 186 GLY A C   1 
ATOM   610  O O   . GLY A 1 89  ? 8.404   15.460  6.047   1.00 25.00 ? 186 GLY A O   1 
ATOM   611  N N   . ARG A 1 90  ? 6.325   16.091  6.702   1.00 27.54 ? 187 ARG A N   1 
ATOM   612  C CA  . ARG A 1 90  ? 6.534   15.865  8.134   1.00 27.30 ? 187 ARG A CA  1 
ATOM   613  C C   . ARG A 1 90  ? 5.838   14.599  8.631   1.00 26.96 ? 187 ARG A C   1 
ATOM   614  O O   . ARG A 1 90  ? 5.566   14.454  9.839   1.00 29.55 ? 187 ARG A O   1 
ATOM   615  C CB  . ARG A 1 90  ? 6.053   17.061  8.952   1.00 27.03 ? 187 ARG A CB  1 
ATOM   616  C CG  . ARG A 1 90  ? 6.884   18.272  8.561   1.00 33.60 ? 187 ARG A CG  1 
ATOM   617  C CD  . ARG A 1 90  ? 6.559   19.515  9.336   1.00 36.92 ? 187 ARG A CD  1 
ATOM   618  N NE  . ARG A 1 90  ? 5.341   20.086  8.790   1.00 41.58 ? 187 ARG A NE  1 
ATOM   619  C CZ  . ARG A 1 90  ? 5.272   21.185  8.064   1.00 46.18 ? 187 ARG A CZ  1 
ATOM   620  N NH1 . ARG A 1 90  ? 6.332   21.945  7.896   1.00 45.33 ? 187 ARG A NH1 1 
ATOM   621  N NH2 . ARG A 1 90  ? 4.127   21.500  7.489   1.00 43.71 ? 187 ARG A NH2 1 
ATOM   622  N N   . LEU A 1 91  ? 5.586   13.658  7.720   1.00 24.78 ? 188 LEU A N   1 
ATOM   623  C CA  . LEU A 1 91  ? 5.109   12.347  8.137   1.00 24.23 ? 188 LEU A CA  1 
ATOM   624  C C   . LEU A 1 91  ? 6.240   11.554  8.787   1.00 22.77 ? 188 LEU A C   1 
ATOM   625  O O   . LEU A 1 91  ? 7.401   11.774  8.481   1.00 21.64 ? 188 LEU A O   1 
ATOM   626  C CB  . LEU A 1 91  ? 4.557   11.531  6.976   1.00 24.68 ? 188 LEU A CB  1 
ATOM   627  C CG  . LEU A 1 91  ? 3.314   12.095  6.298   1.00 24.14 ? 188 LEU A CG  1 
ATOM   628  C CD1 . LEU A 1 91  ? 3.018   11.267  5.055   1.00 26.21 ? 188 LEU A CD1 1 
ATOM   629  C CD2 . LEU A 1 91  ? 2.173   12.093  7.265   1.00 26.21 ? 188 LEU A CD2 1 
ATOM   630  N N   . PRO A 1 92  ? 5.915   10.556  9.636   1.00 25.52 ? 189 PRO A N   1 
ATOM   631  C CA  . PRO A 1 92  ? 6.900   9.585   10.121  1.00 25.66 ? 189 PRO A CA  1 
ATOM   632  C C   . PRO A 1 92  ? 7.269   8.510   9.097   1.00 28.97 ? 189 PRO A C   1 
ATOM   633  O O   . PRO A 1 92  ? 7.146   7.306   9.333   1.00 33.52 ? 189 PRO A O   1 
ATOM   634  C CB  . PRO A 1 92  ? 6.195   9.015   11.344  1.00 25.00 ? 189 PRO A CB  1 
ATOM   635  C CG  . PRO A 1 92  ? 4.753   9.028   10.972  1.00 26.36 ? 189 PRO A CG  1 
ATOM   636  C CD  . PRO A 1 92  ? 4.573   10.321  10.180  1.00 24.64 ? 189 PRO A CD  1 
ATOM   637  N N   . CYS A 1 93  ? 7.783   8.962   7.960   1.00 26.16 ? 190 CYS A N   1 
ATOM   638  C CA  . CYS A 1 93  ? 8.301   8.094   6.921   1.00 24.75 ? 190 CYS A CA  1 
ATOM   639  C C   . CYS A 1 93  ? 9.203   8.964   6.070   1.00 24.56 ? 190 CYS A C   1 
ATOM   640  O O   . CYS A 1 93  ? 9.210   10.173  6.261   1.00 26.13 ? 190 CYS A O   1 
ATOM   641  C CB  . CYS A 1 93  ? 7.207   7.375   6.133   1.00 25.01 ? 190 CYS A CB  1 
ATOM   642  S SG  . CYS A 1 93  ? 6.026   8.472   5.303   1.00 30.13 ? 190 CYS A SG  1 
ATOM   643  N N   . LYS A 1 94  ? 9.914   8.345   5.130   1.00 24.18 ? 191 LYS A N   1 
ATOM   644  C CA  . LYS A 1 94  ? 10.913  9.051   4.361   1.00 26.90 ? 191 LYS A CA  1 
ATOM   645  C C   . LYS A 1 94  ? 10.389  9.325   2.956   1.00 28.71 ? 191 LYS A C   1 
ATOM   646  O O   . LYS A 1 94  ? 10.829  10.264  2.321   1.00 28.03 ? 191 LYS A O   1 
ATOM   647  C CB  . LYS A 1 94  ? 12.217  8.254   4.320   1.00 28.56 ? 191 LYS A CB  1 
ATOM   648  C CG  . LYS A 1 94  ? 12.808  7.988   5.674   1.00 29.58 ? 191 LYS A CG  1 
ATOM   649  C CD  . LYS A 1 94  ? 13.813  6.846   5.619   1.00 31.50 ? 191 LYS A CD  1 
ATOM   650  C CE  . LYS A 1 94  ? 14.301  6.448   6.966   1.00 32.37 ? 191 LYS A CE  1 
ATOM   651  N NZ  . LYS A 1 94  ? 15.234  5.336   6.781   1.00 34.68 ? 191 LYS A NZ  1 
ATOM   652  N N   . GLN A 1 95  ? 9.479   8.497   2.470   1.00 28.15 ? 192 GLN A N   1 
ATOM   653  C CA  . GLN A 1 95  ? 8.885   8.754   1.141   1.00 26.16 ? 192 GLN A CA  1 
ATOM   654  C C   . GLN A 1 95  ? 7.425   8.316   1.117   1.00 24.85 ? 192 GLN A C   1 
ATOM   655  O O   . GLN A 1 95  ? 7.061   7.446   1.904   1.00 25.66 ? 192 GLN A O   1 
ATOM   656  C CB  . GLN A 1 95  ? 9.570   7.957   0.032   1.00 29.36 ? 192 GLN A CB  1 
ATOM   657  C CG  . GLN A 1 95  ? 11.037  8.271   -0.211  1.00 32.37 ? 192 GLN A CG  1 
ATOM   658  C CD  . GLN A 1 95  ? 11.948  7.149   0.225   1.00 32.74 ? 192 GLN A CD  1 
ATOM   659  O OE1 . GLN A 1 95  ? 11.528  6.181   0.867   1.00 37.87 ? 192 GLN A OE1 1 
ATOM   660  N NE2 . GLN A 1 95  ? 13.222  7.290   -0.098  1.00 36.10 ? 192 GLN A NE2 1 
ATOM   661  N N   . ILE A 1 96  ? 6.627   8.925   0.256   1.00 22.53 ? 193 ILE A N   1 
ATOM   662  C CA  . ILE A 1 96  ? 5.277   8.460   0.040   1.00 21.74 ? 193 ILE A CA  1 
ATOM   663  C C   . ILE A 1 96  ? 5.235   7.853   -1.346  1.00 20.62 ? 193 ILE A C   1 
ATOM   664  O O   . ILE A 1 96  ? 5.590   8.512   -2.315  1.00 19.88 ? 193 ILE A O   1 
ATOM   665  C CB  . ILE A 1 96  ? 4.232   9.584   0.156   1.00 22.95 ? 193 ILE A CB  1 
ATOM   666  C CG1 . ILE A 1 96  ? 4.218   10.247  1.526   1.00 21.89 ? 193 ILE A CG1 1 
ATOM   667  C CG2 . ILE A 1 96  ? 2.845   9.034   -0.225  1.00 22.09 ? 193 ILE A CG2 1 
ATOM   668  C CD1 . ILE A 1 96  ? 3.569   11.618  1.531   1.00 23.26 ? 193 ILE A CD1 1 
ATOM   669  N N   . ILE A 1 97  ? 4.790   6.604   -1.410  1.00 20.29 ? 194 ILE A N   1 
ATOM   670  C CA  . ILE A 1 97  ? 4.476   5.925   -2.658  1.00 20.51 ? 194 ILE A CA  1 
ATOM   671  C C   . ILE A 1 97  ? 2.999   6.152   -2.954  1.00 20.58 ? 194 ILE A C   1 
ATOM   672  O O   . ILE A 1 97  ? 2.133   5.563   -2.305  1.00 20.76 ? 194 ILE A O   1 
ATOM   673  C CB  . ILE A 1 97  ? 4.821   4.423   -2.539  1.00 21.47 ? 194 ILE A CB  1 
ATOM   674  C CG1 . ILE A 1 97  ? 6.292   4.204   -2.189  1.00 21.51 ? 194 ILE A CG1 1 
ATOM   675  C CG2 . ILE A 1 97  ? 4.449   3.663   -3.814  1.00 21.22 ? 194 ILE A CG2 1 
ATOM   676  C CD1 . ILE A 1 97  ? 6.597   2.789   -1.731  1.00 23.87 ? 194 ILE A CD1 1 
ATOM   677  N N   . HIS A 1 98  ? 2.691   7.008   -3.931  1.00 20.25 ? 195 HIS A N   1 
ATOM   678  C CA  . HIS A 1 98  ? 1.305   7.287   -4.262  1.00 21.12 ? 195 HIS A CA  1 
ATOM   679  C C   . HIS A 1 98  ? 0.847   6.224   -5.265  1.00 22.40 ? 195 HIS A C   1 
ATOM   680  O O   . HIS A 1 98  ? 1.266   6.230   -6.428  1.00 22.96 ? 195 HIS A O   1 
ATOM   681  C CB  . HIS A 1 98  ? 1.134   8.722   -4.798  1.00 21.98 ? 195 HIS A CB  1 
ATOM   682  C CG  . HIS A 1 98  ? 1.582   9.819   -3.892  1.00 21.17 ? 195 HIS A CG  1 
ATOM   683  N ND1 . HIS A 1 98  ? 0.724   10.496  -3.041  1.00 20.06 ? 195 HIS A ND1 1 
ATOM   684  C CD2 . HIS A 1 98  ? 2.801   10.358  -3.711  1.00 20.30 ? 195 HIS A CD2 1 
ATOM   685  C CE1 . HIS A 1 98  ? 1.422   11.373  -2.349  1.00 20.70 ? 195 HIS A CE1 1 
ATOM   686  N NE2 . HIS A 1 98  ? 2.684   11.340  -2.771  1.00 21.60 ? 195 HIS A NE2 1 
ATOM   687  N N   . ALA A 1 99  ? 0.014   5.279   -4.814  1.00 20.94 ? 196 ALA A N   1 
ATOM   688  C CA  . ALA A 1 99  ? -0.469  4.211   -5.689  1.00 22.65 ? 196 ALA A CA  1 
ATOM   689  C C   . ALA A 1 99  ? -1.886  4.530   -6.126  1.00 22.41 ? 196 ALA A C   1 
ATOM   690  O O   . ALA A 1 99  ? -2.723  4.847   -5.293  1.00 22.65 ? 196 ALA A O   1 
ATOM   691  C CB  . ALA A 1 99  ? -0.422  2.851   -5.034  1.00 23.92 ? 196 ALA A CB  1 
ATOM   692  N N   . VAL A 1 100 ? -2.149  4.418   -7.436  1.00 22.28 ? 197 VAL A N   1 
ATOM   693  C CA  . VAL A 1 100 ? -3.486  4.674   -7.927  1.00 22.77 ? 197 VAL A CA  1 
ATOM   694  C C   . VAL A 1 100 ? -4.161  3.323   -8.119  1.00 25.48 ? 197 VAL A C   1 
ATOM   695  O O   . VAL A 1 100 ? -3.841  2.561   -9.033  1.00 25.40 ? 197 VAL A O   1 
ATOM   696  C CB  . VAL A 1 100 ? -3.495  5.518   -9.207  1.00 24.12 ? 197 VAL A CB  1 
ATOM   697  C CG1 . VAL A 1 100 ? -4.909  5.710   -9.749  1.00 25.01 ? 197 VAL A CG1 1 
ATOM   698  C CG2 . VAL A 1 100 ? -2.825  6.859   -8.962  1.00 26.29 ? 197 VAL A CG2 1 
ATOM   699  N N   . GLY A 1 101 ? -5.069  3.016   -7.191  1.00 27.20 ? 198 GLY A N   1 
ATOM   700  C CA  . GLY A 1 101 ? -5.880  1.829   -7.308  1.00 25.81 ? 198 GLY A CA  1 
ATOM   701  C C   . GLY A 1 101 ? -7.049  2.160   -8.204  1.00 26.24 ? 198 GLY A C   1 
ATOM   702  O O   . GLY A 1 101 ? -7.321  3.340   -8.443  1.00 28.54 ? 198 GLY A O   1 
ATOM   703  N N   . PRO A 1 102 ? -7.734  1.129   -8.736  1.00 26.39 ? 199 PRO A N   1 
ATOM   704  C CA  . PRO A 1 102 ? -8.867  1.364   -9.622  1.00 26.82 ? 199 PRO A CA  1 
ATOM   705  C C   . PRO A 1 102 ? -10.077 1.792   -8.798  1.00 25.34 ? 199 PRO A C   1 
ATOM   706  O O   . PRO A 1 102 ? -10.187 1.441   -7.625  1.00 24.74 ? 199 PRO A O   1 
ATOM   707  C CB  . PRO A 1 102 ? -9.029  -0.034  -10.240 1.00 23.11 ? 199 PRO A CB  1 
ATOM   708  C CG  . PRO A 1 102 ? -8.721  -0.954  -9.061  1.00 25.79 ? 199 PRO A CG  1 
ATOM   709  C CD  . PRO A 1 102 ? -7.474  -0.302  -8.492  1.00 25.90 ? 199 PRO A CD  1 
ATOM   710  N N   . ARG A 1 103 ? -10.967 2.547   -9.441  1.00 27.21 ? 200 ARG A N   1 
ATOM   711  C CA  . ARG A 1 103 ? -12.334 2.696   -8.998  1.00 28.96 ? 200 ARG A CA  1 
ATOM   712  C C   . ARG A 1 103 ? -13.036 1.369   -9.254  1.00 29.56 ? 200 ARG A C   1 
ATOM   713  O O   . ARG A 1 103 ? -12.911 0.800   -10.326 1.00 33.73 ? 200 ARG A O   1 
ATOM   714  C CB  . ARG A 1 103 ? -13.015 3.859   -9.727  1.00 32.79 ? 200 ARG A CB  1 
ATOM   715  C CG  . ARG A 1 103 ? -12.359 5.215   -9.511  1.00 31.34 ? 200 ARG A CG  1 
ATOM   716  C CD  . ARG A 1 103 ? -13.020 6.297   -10.376 1.00 35.15 ? 200 ARG A CD  1 
ATOM   717  N NE  . ARG A 1 103 ? -12.438 7.620   -10.138 1.00 35.31 ? 200 ARG A NE  1 
ATOM   718  C CZ  . ARG A 1 103 ? -12.695 8.394   -9.092  1.00 43.49 ? 200 ARG A CZ  1 
ATOM   719  N NH1 . ARG A 1 103 ? -13.690 8.129   -8.264  1.00 47.05 ? 200 ARG A NH1 1 
ATOM   720  N NH2 . ARG A 1 103 ? -11.986 9.485   -8.890  1.00 47.01 ? 200 ARG A NH2 1 
ATOM   721  N N   . TRP A 1 104 ? -13.786 0.903   -8.263  1.00 28.20 ? 201 TRP A N   1 
ATOM   722  C CA  . TRP A 1 104 ? -14.523 -0.374  -8.398  1.00 27.84 ? 201 TRP A CA  1 
ATOM   723  C C   . TRP A 1 104 ? -15.626 -0.257  -9.448  1.00 30.18 ? 201 TRP A C   1 
ATOM   724  O O   . TRP A 1 104 ? -16.380 0.719   -9.439  1.00 27.29 ? 201 TRP A O   1 
ATOM   725  C CB  . TRP A 1 104 ? -15.117 -0.827  -7.065  1.00 25.95 ? 201 TRP A CB  1 
ATOM   726  C CG  . TRP A 1 104 ? -15.831 -2.149  -7.123  1.00 28.06 ? 201 TRP A CG  1 
ATOM   727  C CD1 . TRP A 1 104 ? -17.158 -2.375  -6.919  1.00 28.09 ? 201 TRP A CD1 1 
ATOM   728  C CD2 . TRP A 1 104 ? -15.238 -3.437  -7.390  1.00 28.08 ? 201 TRP A CD2 1 
ATOM   729  N NE1 . TRP A 1 104 ? -17.435 -3.707  -7.044  1.00 30.24 ? 201 TRP A NE1 1 
ATOM   730  C CE2 . TRP A 1 104 ? -16.282 -4.383  -7.332  1.00 29.39 ? 201 TRP A CE2 1 
ATOM   731  C CE3 . TRP A 1 104 ? -13.941 -3.876  -7.667  1.00 28.99 ? 201 TRP A CE3 1 
ATOM   732  C CZ2 . TRP A 1 104 ? -16.060 -5.740  -7.539  1.00 30.44 ? 201 TRP A CZ2 1 
ATOM   733  C CZ3 . TRP A 1 104 ? -13.726 -5.218  -7.872  1.00 29.68 ? 201 TRP A CZ3 1 
ATOM   734  C CH2 . TRP A 1 104 ? -14.770 -6.135  -7.805  1.00 31.70 ? 201 TRP A CH2 1 
ATOM   735  N N   . MET A 1 105 ? -15.683 -1.246  -10.327 1.00 33.05 ? 202 MET A N   1 
ATOM   736  C CA  . MET A 1 105 ? -16.762 -1.299  -11.343 1.00 35.93 ? 202 MET A CA  1 
ATOM   737  C C   . MET A 1 105 ? -17.268 -2.738  -11.358 1.00 32.82 ? 202 MET A C   1 
ATOM   738  O O   . MET A 1 105 ? -16.512 -3.626  -11.762 1.00 34.20 ? 202 MET A O   1 
ATOM   739  C CB  . MET A 1 105 ? -16.259 -0.875  -12.723 1.00 36.97 ? 202 MET A CB  1 
ATOM   740  C CG  . MET A 1 105 ? -16.051 0.610   -12.862 1.00 44.24 ? 202 MET A CG  1 
ATOM   741  S SD  . MET A 1 105 ? -15.329 1.076   -14.447 1.00 60.80 ? 202 MET A SD  1 
ATOM   742  C CE  . MET A 1 105 ? -14.210 2.343   -13.839 1.00 53.04 ? 202 MET A CE  1 
ATOM   743  N N   . GLU A 1 106 ? -18.488 -2.935  -10.888 1.00 34.73 ? 203 GLU A N   1 
ATOM   744  C CA  . GLU A 1 106 ? -19.090 -4.285  -10.873 1.00 40.75 ? 203 GLU A CA  1 
ATOM   745  C C   . GLU A 1 106 ? -19.073 -4.848  -12.297 1.00 36.05 ? 203 GLU A C   1 
ATOM   746  O O   . GLU A 1 106 ? -19.055 -6.070  -12.446 1.00 36.48 ? 203 GLU A O   1 
ATOM   747  C CB  . GLU A 1 106 ? -20.500 -4.158  -10.307 1.00 44.64 ? 203 GLU A CB  1 
ATOM   748  C CG  . GLU A 1 106 ? -20.523 -3.987  -8.791  1.00 54.64 ? 203 GLU A CG  1 
ATOM   749  C CD  . GLU A 1 106 ? -20.457 -5.268  -7.978  1.00 58.00 ? 203 GLU A CD  1 
ATOM   750  O OE1 . GLU A 1 106 ? -20.959 -6.307  -8.450  1.00 60.26 ? 203 GLU A OE1 1 
ATOM   751  O OE2 . GLU A 1 106 ? -19.913 -5.223  -6.858  1.00 59.48 ? 203 GLU A OE2 1 
ATOM   752  N N   . TRP A 1 107 ? -19.053 -3.967  -13.288 1.00 32.01 ? 204 TRP A N   1 
ATOM   753  C CA  . TRP A 1 107 ? -19.065 -4.407  -14.676 1.00 34.88 ? 204 TRP A CA  1 
ATOM   754  C C   . TRP A 1 107 ? -17.711 -4.912  -15.173 1.00 35.81 ? 204 TRP A C   1 
ATOM   755  O O   . TRP A 1 107 ? -17.651 -5.496  -16.262 1.00 28.31 ? 204 TRP A O   1 
ATOM   756  C CB  . TRP A 1 107 ? -19.593 -3.272  -15.558 1.00 35.53 ? 204 TRP A CB  1 
ATOM   757  C CG  . TRP A 1 107 ? -21.088 -3.253  -15.474 1.00 41.51 ? 204 TRP A CG  1 
ATOM   758  C CD1 . TRP A 1 107 ? -21.828 -2.743  -14.454 1.00 45.91 ? 204 TRP A CD1 1 
ATOM   759  C CD2 . TRP A 1 107 ? -22.017 -3.877  -16.383 1.00 41.98 ? 204 TRP A CD2 1 
ATOM   760  N NE1 . TRP A 1 107 ? -23.159 -2.973  -14.679 1.00 47.83 ? 204 TRP A NE1 1 
ATOM   761  C CE2 . TRP A 1 107 ? -23.306 -3.665  -15.852 1.00 45.47 ? 204 TRP A CE2 1 
ATOM   762  C CE3 . TRP A 1 107 ? -21.891 -4.559  -17.593 1.00 45.47 ? 204 TRP A CE3 1 
ATOM   763  C CZ2 . TRP A 1 107 ? -24.457 -4.126  -16.481 1.00 43.83 ? 204 TRP A CZ2 1 
ATOM   764  C CZ3 . TRP A 1 107 ? -23.031 -5.000  -18.226 1.00 46.26 ? 204 TRP A CZ3 1 
ATOM   765  C CH2 . TRP A 1 107 ? -24.291 -4.808  -17.663 1.00 45.79 ? 204 TRP A CH2 1 
ATOM   766  N N   . ASP A 1 108 ? -16.630 -4.690  -14.406 1.00 31.09 ? 205 ASP A N   1 
ATOM   767  C CA  . ASP A 1 108 ? -15.339 -5.236  -14.787 1.00 28.65 ? 205 ASP A CA  1 
ATOM   768  C C   . ASP A 1 108 ? -14.544 -5.583  -13.536 1.00 30.57 ? 205 ASP A C   1 
ATOM   769  O O   . ASP A 1 108 ? -13.547 -4.933  -13.213 1.00 28.20 ? 205 ASP A O   1 
ATOM   770  C CB  . ASP A 1 108 ? -14.548 -4.299  -15.690 1.00 31.66 ? 205 ASP A CB  1 
ATOM   771  C CG  . ASP A 1 108 ? -13.301 -4.896  -16.339 1.00 32.01 ? 205 ASP A CG  1 
ATOM   772  O OD1 . ASP A 1 108 ? -13.089 -6.140  -16.238 1.00 35.74 ? 205 ASP A OD1 1 
ATOM   773  O OD2 . ASP A 1 108 ? -12.533 -4.127  -16.949 1.00 34.13 ? 205 ASP A OD2 1 
ATOM   774  N N   . LYS A 1 109 ? -14.968 -6.638  -12.853 1.00 31.17 ? 206 LYS A N   1 
ATOM   775  C CA  . LYS A 1 109 ? -14.307 -7.041  -11.620 1.00 30.77 ? 206 LYS A CA  1 
ATOM   776  C C   . LYS A 1 109 ? -12.887 -7.547  -11.881 1.00 32.63 ? 206 LYS A C   1 
ATOM   777  O O   . LYS A 1 109 ? -11.971 -7.283  -11.104 1.00 31.07 ? 206 LYS A O   1 
ATOM   778  C CB  . LYS A 1 109 ? -15.114 -8.133  -10.937 1.00 31.51 ? 206 LYS A CB  1 
ATOM   779  C CG  . LYS A 1 109 ? -16.480 -7.690  -10.495 1.00 35.87 ? 206 LYS A CG  1 
ATOM   780  C CD  . LYS A 1 109 ? -17.243 -8.784  -9.764  1.00 41.92 ? 206 LYS A CD  1 
ATOM   781  C CE  . LYS A 1 109 ? -18.668 -8.342  -9.568  1.00 48.98 ? 206 LYS A CE  1 
ATOM   782  N NZ  . LYS A 1 109 ? -19.513 -9.441  -9.097  1.00 50.32 ? 206 LYS A NZ  1 
ATOM   783  N N   . GLN A 1 110 ? -12.713 -8.315  -12.953 1.00 29.36 ? 207 GLN A N   1 
ATOM   784  C CA  . GLN A 1 110 ? -11.404 -8.828  -13.320 1.00 32.49 ? 207 GLN A CA  1 
ATOM   785  C C   . GLN A 1 110 ? -10.459 -7.684  -13.690 1.00 28.78 ? 207 GLN A C   1 
ATOM   786  O O   . GLN A 1 110 ? -9.284  -7.723  -13.340 1.00 27.58 ? 207 GLN A O   1 
ATOM   787  C CB  . GLN A 1 110 ? -11.497 -9.815  -14.479 1.00 34.55 ? 207 GLN A CB  1 
ATOM   788  C CG  . GLN A 1 110 ? -10.202 -9.957  -15.264 1.00 42.47 ? 207 GLN A CG  1 
ATOM   789  C CD  . GLN A 1 110 ? -10.433 -10.527 -16.644 1.00 55.23 ? 207 GLN A CD  1 
ATOM   790  O OE1 . GLN A 1 110 ? -11.003 -9.866  -17.518 1.00 56.92 ? 207 GLN A OE1 1 
ATOM   791  N NE2 . GLN A 1 110 ? -9.971  -11.753 -16.859 1.00 62.37 ? 207 GLN A NE2 1 
ATOM   792  N N   . GLY A 1 111 ? -10.944 -6.731  -14.487 1.00 25.57 ? 208 GLY A N   1 
ATOM   793  C CA  . GLY A 1 111 ? -10.180 -5.528  -14.787 1.00 27.72 ? 208 GLY A CA  1 
ATOM   794  C C   . GLY A 1 111 ? -9.693  -4.824  -13.514 1.00 27.49 ? 208 GLY A C   1 
ATOM   795  O O   . GLY A 1 111 ? -8.511  -4.503  -13.386 1.00 26.45 ? 208 GLY A O   1 
ATOM   796  N N   . CYS A 1 112 ? -10.621 -4.555  -12.592 1.00 26.04 ? 209 CYS A N   1 
ATOM   797  C CA  . CYS A 1 112 ? -10.317 -3.846  -11.357 1.00 26.98 ? 209 CYS A CA  1 
ATOM   798  C C   . CYS A 1 112 ? -9.304  -4.634  -10.517 1.00 26.92 ? 209 CYS A C   1 
ATOM   799  O O   . CYS A 1 112 ? -8.316  -4.071  -10.011 1.00 25.80 ? 209 CYS A O   1 
ATOM   800  C CB  . CYS A 1 112 ? -11.586 -3.594  -10.557 1.00 26.77 ? 209 CYS A CB  1 
ATOM   801  S SG  . CYS A 1 112 ? -12.700 -2.399  -11.334 1.00 32.26 ? 209 CYS A SG  1 
ATOM   802  N N   . THR A 1 113 ? -9.576  -5.936  -10.355 1.00 26.52 ? 210 THR A N   1 
ATOM   803  C CA  . THR A 1 113 ? -8.672  -6.808  -9.620  1.00 25.30 ? 210 THR A CA  1 
ATOM   804  C C   . THR A 1 113 ? -7.271  -6.754  -10.239 1.00 26.38 ? 210 THR A C   1 
ATOM   805  O O   . THR A 1 113 ? -6.263  -6.701  -9.543  1.00 23.32 ? 210 THR A O   1 
ATOM   806  C CB  . THR A 1 113 ? -9.249  -8.219  -9.587  1.00 23.34 ? 210 THR A CB  1 
ATOM   807  O OG1 . THR A 1 113 ? -10.488 -8.170  -8.893  1.00 24.79 ? 210 THR A OG1 1 
ATOM   808  C CG2 . THR A 1 113 ? -8.374  -9.170  -8.791  1.00 23.19 ? 210 THR A CG2 1 
ATOM   809  N N   . GLY A 1 114 ? -7.201  -6.763  -11.575 1.00 24.72 ? 211 GLY A N   1 
ATOM   810  C CA  . GLY A 1 114 ? -5.927  -6.707  -12.265 1.00 25.80 ? 211 GLY A CA  1 
ATOM   811  C C   . GLY A 1 114 ? -5.144  -5.431  -11.990 1.00 26.04 ? 211 GLY A C   1 
ATOM   812  O O   . GLY A 1 114 ? -3.926  -5.486  -11.821 1.00 26.46 ? 211 GLY A O   1 
ATOM   813  N N   . LYS A 1 115 ? -5.830  -4.277  -12.031 1.00 26.27 ? 212 LYS A N   1 
ATOM   814  C CA  . LYS A 1 115 ? -5.196  -3.009  -11.713 1.00 25.02 ? 212 LYS A CA  1 
ATOM   815  C C   . LYS A 1 115 ? -4.697  -2.995  -10.265 1.00 22.87 ? 212 LYS A C   1 
ATOM   816  O O   . LYS A 1 115 ? -3.620  -2.472  -9.998  1.00 25.05 ? 212 LYS A O   1 
ATOM   817  C CB  . LYS A 1 115 ? -6.144  -1.827  -11.924 1.00 28.31 ? 212 LYS A CB  1 
ATOM   818  C CG  . LYS A 1 115 ? -6.620  -1.615  -13.348 1.00 33.53 ? 212 LYS A CG  1 
ATOM   819  C CD  . LYS A 1 115 ? -5.478  -1.380  -14.307 1.00 38.75 ? 212 LYS A CD  1 
ATOM   820  C CE  . LYS A 1 115 ? -5.987  -1.045  -15.664 1.00 44.97 ? 212 LYS A CE  1 
ATOM   821  N NZ  . LYS A 1 115 ? -4.850  -1.242  -16.554 1.00 46.01 ? 212 LYS A NZ  1 
ATOM   822  N N   . LEU A 1 116 ? -5.465  -3.578  -9.344  1.00 22.14 ? 213 LEU A N   1 
ATOM   823  C CA  . LEU A 1 116 ? -5.061  -3.636  -7.944  1.00 22.22 ? 213 LEU A CA  1 
ATOM   824  C C   . LEU A 1 116 ? -3.796  -4.482  -7.840  1.00 21.83 ? 213 LEU A C   1 
ATOM   825  O O   . LEU A 1 116 ? -2.832  -4.092  -7.182  1.00 24.69 ? 213 LEU A O   1 
ATOM   826  C CB  . LEU A 1 116 ? -6.173  -4.165  -7.029  1.00 21.48 ? 213 LEU A CB  1 
ATOM   827  C CG  . LEU A 1 116 ? -5.831  -4.313  -5.527  1.00 22.73 ? 213 LEU A CG  1 
ATOM   828  C CD1 . LEU A 1 116 ? -5.260  -3.015  -4.906  1.00 24.70 ? 213 LEU A CD1 1 
ATOM   829  C CD2 . LEU A 1 116 ? -7.025  -4.793  -4.707  1.00 23.16 ? 213 LEU A CD2 1 
ATOM   830  N N   . GLN A 1 117 ? -3.824  -5.656  -8.469  1.00 20.89 ? 214 GLN A N   1 
ATOM   831  C CA  . GLN A 1 117 ? -2.670  -6.532  -8.476  1.00 23.45 ? 214 GLN A CA  1 
ATOM   832  C C   . GLN A 1 117 ? -1.491  -5.775  -9.062  1.00 22.90 ? 214 GLN A C   1 
ATOM   833  O O   . GLN A 1 117 ? -0.400  -5.820  -8.517  1.00 24.20 ? 214 GLN A O   1 
ATOM   834  C CB  . GLN A 1 117 ? -2.842  -7.814  -9.298  1.00 26.10 ? 214 GLN A CB  1 
ATOM   835  C CG  . GLN A 1 117 ? -3.966  -8.725  -8.823  1.00 28.89 ? 214 GLN A CG  1 
ATOM   836  C CD  . GLN A 1 117 ? -4.189  -9.910  -9.747  1.00 37.51 ? 214 GLN A CD  1 
ATOM   837  O OE1 . GLN A 1 117 ? -3.704  -9.955  -10.882 1.00 42.08 ? 214 GLN A OE1 1 
ATOM   838  N NE2 . GLN A 1 117 ? -4.937  -10.892 -9.272  1.00 37.94 ? 214 GLN A NE2 1 
ATOM   839  N N   . ARG A 1 118 ? -1.732  -5.043  -10.153 1.00 22.23 ? 215 ARG A N   1 
ATOM   840  C CA  . ARG A 1 118 ? -0.666  -4.276  -10.786 1.00 26.94 ? 215 ARG A CA  1 
ATOM   841  C C   . ARG A 1 118 ? -0.106  -3.198  -9.850  1.00 24.88 ? 215 ARG A C   1 
ATOM   842  O O   . ARG A 1 118 ? 1.096   -2.955  -9.855  1.00 23.30 ? 215 ARG A O   1 
ATOM   843  C CB  . ARG A 1 118 ? -1.169  -3.722  -12.125 1.00 30.52 ? 215 ARG A CB  1 
ATOM   844  C CG  . ARG A 1 118 ? -0.077  -3.055  -12.948 1.00 41.25 ? 215 ARG A CG  1 
ATOM   845  C CD  . ARG A 1 118 ? -0.625  -2.493  -14.262 1.00 52.07 ? 215 ARG A CD  1 
ATOM   846  N NE  . ARG A 1 118 ? -1.341  -3.539  -15.009 1.00 63.44 ? 215 ARG A NE  1 
ATOM   847  C CZ  . ARG A 1 118 ? -2.097  -3.356  -16.087 1.00 70.30 ? 215 ARG A CZ  1 
ATOM   848  N NH1 . ARG A 1 118 ? -2.052  -2.211  -16.747 1.00 70.20 ? 215 ARG A NH1 1 
ATOM   849  N NH2 . ARG A 1 118 ? -2.872  -4.340  -16.513 1.00 70.66 ? 215 ARG A NH2 1 
ATOM   850  N N   . ALA A 1 119 ? -0.946  -2.546  -9.037  1.00 25.95 ? 216 ALA A N   1 
ATOM   851  C CA  . ALA A 1 119 ? -0.457  -1.545  -8.090  1.00 24.97 ? 216 ALA A CA  1 
ATOM   852  C C   . ALA A 1 119 ? 0.487   -2.187  -7.070  1.00 22.49 ? 216 ALA A C   1 
ATOM   853  O O   . ALA A 1 119 ? 1.551   -1.662  -6.729  1.00 23.24 ? 216 ALA A O   1 
ATOM   854  C CB  . ALA A 1 119 ? -1.620  -0.864  -7.392  1.00 23.96 ? 216 ALA A CB  1 
ATOM   855  N N   . ILE A 1 120 ? 0.099   -3.358  -6.580  1.00 22.75 ? 217 ILE A N   1 
ATOM   856  C CA  . ILE A 1 120 ? 0.898   -4.003  -5.557  1.00 22.67 ? 217 ILE A CA  1 
ATOM   857  C C   . ILE A 1 120 ? 2.241   -4.447  -6.140  1.00 20.95 ? 217 ILE A C   1 
ATOM   858  O O   . ILE A 1 120 ? 3.260   -4.258  -5.499  1.00 20.58 ? 217 ILE A O   1 
ATOM   859  C CB  . ILE A 1 120 ? 0.114   -5.149  -4.901  1.00 23.00 ? 217 ILE A CB  1 
ATOM   860  C CG1 . ILE A 1 120 ? -1.140  -4.603  -4.219  1.00 23.49 ? 217 ILE A CG1 1 
ATOM   861  C CG2 . ILE A 1 120 ? 1.014   -5.951  -3.957  1.00 22.94 ? 217 ILE A CG2 1 
ATOM   862  C CD1 . ILE A 1 120 ? -0.889  -3.414  -3.299  1.00 24.69 ? 217 ILE A CD1 1 
ATOM   863  N N   . VAL A 1 121 ? 2.240   -4.989  -7.360  1.00 21.82 ? 218 VAL A N   1 
ATOM   864  C CA  . VAL A 1 121 ? 3.467   -5.380  -8.036  1.00 23.75 ? 218 VAL A CA  1 
ATOM   865  C C   . VAL A 1 121 ? 4.370   -4.160  -8.228  1.00 22.25 ? 218 VAL A C   1 
ATOM   866  O O   . VAL A 1 121 ? 5.569   -4.255  -7.999  1.00 22.48 ? 218 VAL A O   1 
ATOM   867  C CB  . VAL A 1 121 ? 3.165   -6.112  -9.366  1.00 25.78 ? 218 VAL A CB  1 
ATOM   868  C CG1 . VAL A 1 121 ? 4.429   -6.395  -10.170 1.00 30.44 ? 218 VAL A CG1 1 
ATOM   869  C CG2 . VAL A 1 121 ? 2.377   -7.399  -9.139  1.00 23.95 ? 218 VAL A CG2 1 
ATOM   870  N N   . SER A 1 122 ? 3.824   -2.996  -8.635  1.00 23.68 ? 219 SER A N   1 
ATOM   871  C CA  . SER A 1 122 ? 4.657   -1.801  -8.777  1.00 23.21 ? 219 SER A CA  1 
ATOM   872  C C   . SER A 1 122 ? 5.274   -1.402  -7.438  1.00 22.18 ? 219 SER A C   1 
ATOM   873  O O   . SER A 1 122 ? 6.442   -1.030  -7.381  1.00 21.71 ? 219 SER A O   1 
ATOM   874  C CB  . SER A 1 122 ? 3.930   -0.644  -9.414  1.00 25.32 ? 219 SER A CB  1 
ATOM   875  O OG  . SER A 1 122 ? 3.305   -1.041  -10.632 1.00 27.73 ? 219 SER A OG  1 
ATOM   876  N N   . ILE A 1 123 ? 4.498   -1.514  -6.351  1.00 24.13 ? 220 ILE A N   1 
ATOM   877  C CA  . ILE A 1 123 ? 4.984   -1.129  -5.036  1.00 23.22 ? 220 ILE A CA  1 
ATOM   878  C C   . ILE A 1 123 ? 6.160   -2.026  -4.684  1.00 23.23 ? 220 ILE A C   1 
ATOM   879  O O   . ILE A 1 123 ? 7.207   -1.557  -4.225  1.00 27.64 ? 220 ILE A O   1 
ATOM   880  C CB  . ILE A 1 123 ? 3.851   -1.158  -3.986  1.00 22.20 ? 220 ILE A CB  1 
ATOM   881  C CG1 . ILE A 1 123 ? 2.830   -0.040  -4.248  1.00 20.36 ? 220 ILE A CG1 1 
ATOM   882  C CG2 . ILE A 1 123 ? 4.410   -1.081  -2.561  1.00 22.13 ? 220 ILE A CG2 1 
ATOM   883  C CD1 . ILE A 1 123 ? 1.487   -0.229  -3.563  1.00 19.70 ? 220 ILE A CD1 1 
ATOM   884  N N   . LEU A 1 124 ? 5.998   -3.330  -4.930  1.00 23.77 ? 221 LEU A N   1 
ATOM   885  C CA  . LEU A 1 124 ? 6.989   -4.302  -4.505  1.00 22.56 ? 221 LEU A CA  1 
ATOM   886  C C   . LEU A 1 124 ? 8.276   -4.100  -5.286  1.00 24.50 ? 221 LEU A C   1 
ATOM   887  O O   . LEU A 1 124 ? 9.370   -4.103  -4.711  1.00 23.34 ? 221 LEU A O   1 
ATOM   888  C CB  . LEU A 1 124 ? 6.443   -5.710  -4.710  1.00 22.82 ? 221 LEU A CB  1 
ATOM   889  C CG  . LEU A 1 124 ? 5.322   -6.158  -3.774  1.00 22.75 ? 221 LEU A CG  1 
ATOM   890  C CD1 . LEU A 1 124 ? 4.900   -7.535  -4.175  1.00 24.50 ? 221 LEU A CD1 1 
ATOM   891  C CD2 . LEU A 1 124 ? 5.749   -6.179  -2.322  1.00 23.42 ? 221 LEU A CD2 1 
ATOM   892  N N   A ASN A 1 125 ? 8.127   -3.919  -6.607  0.50 24.08 ? 222 ASN A N   1 
ATOM   893  N N   B ASN A 1 125 ? 8.112   -3.934  -6.602  0.50 25.20 ? 222 ASN A N   1 
ATOM   894  C CA  A ASN A 1 125 ? 9.248   -3.712  -7.502  0.50 24.71 ? 222 ASN A CA  1 
ATOM   895  C CA  B ASN A 1 125 ? 9.205   -3.700  -7.519  0.50 26.62 ? 222 ASN A CA  1 
ATOM   896  C C   A ASN A 1 125 ? 10.011  -2.467  -7.076  0.50 26.38 ? 222 ASN A C   1 
ATOM   897  C C   B ASN A 1 125 ? 9.995   -2.487  -7.048  0.50 27.42 ? 222 ASN A C   1 
ATOM   898  O O   A ASN A 1 125 ? 11.244  -2.495  -7.025  0.50 25.03 ? 222 ASN A O   1 
ATOM   899  O O   B ASN A 1 125 ? 11.222  -2.561  -6.931  0.50 25.64 ? 222 ASN A O   1 
ATOM   900  C CB  A ASN A 1 125 ? 8.821   -3.651  -8.965  0.50 24.70 ? 222 ASN A CB  1 
ATOM   901  C CB  B ASN A 1 125 ? 8.683   -3.545  -8.941  0.50 28.37 ? 222 ASN A CB  1 
ATOM   902  C CG  A ASN A 1 125 ? 8.608   -5.028  -9.552  0.50 24.47 ? 222 ASN A CG  1 
ATOM   903  C CG  B ASN A 1 125 ? 9.792   -3.353  -9.944  0.50 30.15 ? 222 ASN A CG  1 
ATOM   904  O OD1 A ASN A 1 125 ? 9.386   -5.942  -9.280  0.50 25.72 ? 222 ASN A OD1 1 
ATOM   905  O OD1 B ASN A 1 125 ? 10.627  -4.246  -10.142 0.50 33.96 ? 222 ASN A OD1 1 
ATOM   906  N ND2 A ASN A 1 125 ? 7.557   -5.217  -10.332 0.50 26.29 ? 222 ASN A ND2 1 
ATOM   907  N ND2 B ASN A 1 125 ? 9.801   -2.205  -10.593 0.50 28.99 ? 222 ASN A ND2 1 
ATOM   908  N N   . TYR A 1 126 ? 9.256   -1.404  -6.746  1.00 27.34 ? 223 TYR A N   1 
ATOM   909  C CA  . TYR A 1 126 ? 9.841   -0.156  -6.274  1.00 25.91 ? 223 TYR A CA  1 
ATOM   910  C C   . TYR A 1 126 ? 10.702  -0.386  -5.033  1.00 25.81 ? 223 TYR A C   1 
ATOM   911  O O   . TYR A 1 126 ? 11.877  0.008   -5.016  1.00 27.67 ? 223 TYR A O   1 
ATOM   912  C CB  . TYR A 1 126 ? 8.786   0.935   -6.040  1.00 25.52 ? 223 TYR A CB  1 
ATOM   913  C CG  . TYR A 1 126 ? 9.417   2.183   -5.455  1.00 24.69 ? 223 TYR A CG  1 
ATOM   914  C CD1 . TYR A 1 126 ? 10.244  2.987   -6.236  1.00 25.96 ? 223 TYR A CD1 1 
ATOM   915  C CD2 . TYR A 1 126 ? 9.253   2.518   -4.114  1.00 24.98 ? 223 TYR A CD2 1 
ATOM   916  C CE1 . TYR A 1 126 ? 10.888  4.093   -5.696  1.00 27.21 ? 223 TYR A CE1 1 
ATOM   917  C CE2 . TYR A 1 126 ? 9.872   3.630   -3.567  1.00 24.05 ? 223 TYR A CE2 1 
ATOM   918  C CZ  . TYR A 1 126 ? 10.695  4.425   -4.357  1.00 26.76 ? 223 TYR A CZ  1 
ATOM   919  O OH  . TYR A 1 126 ? 11.312  5.507   -3.794  1.00 22.89 ? 223 TYR A OH  1 
ATOM   920  N N   . VAL A 1 127 ? 10.149  -1.048  -4.010  1.00 24.89 ? 224 VAL A N   1 
ATOM   921  C CA  . VAL A 1 127 ? 10.828  -1.135  -2.722  1.00 25.32 ? 224 VAL A CA  1 
ATOM   922  C C   . VAL A 1 127 ? 11.910  -2.221  -2.730  1.00 29.80 ? 224 VAL A C   1 
ATOM   923  O O   . VAL A 1 127 ? 12.792  -2.215  -1.867  1.00 32.19 ? 224 VAL A O   1 
ATOM   924  C CB  . VAL A 1 127 ? 9.866   -1.313  -1.530  1.00 26.60 ? 224 VAL A CB  1 
ATOM   925  C CG1 . VAL A 1 127 ? 8.807   -0.226  -1.488  1.00 27.36 ? 224 VAL A CG1 1 
ATOM   926  C CG2 . VAL A 1 127 ? 9.194   -2.680  -1.475  1.00 28.65 ? 224 VAL A CG2 1 
ATOM   927  N N   . ILE A 1 128 ? 11.852  -3.155  -3.686  1.00 28.64 ? 225 ILE A N   1 
ATOM   928  C CA  . ILE A 1 128 ? 12.831  -4.235  -3.739  1.00 30.88 ? 225 ILE A CA  1 
ATOM   929  C C   . ILE A 1 128 ? 13.984  -3.894  -4.694  1.00 30.22 ? 225 ILE A C   1 
ATOM   930  O O   . ILE A 1 128 ? 15.131  -4.019  -4.300  1.00 29.94 ? 225 ILE A O   1 
ATOM   931  C CB  . ILE A 1 128 ? 12.168  -5.579  -4.088  1.00 29.10 ? 225 ILE A CB  1 
ATOM   932  C CG1 . ILE A 1 128 ? 11.227  -6.033  -2.966  1.00 30.14 ? 225 ILE A CG1 1 
ATOM   933  C CG2 . ILE A 1 128 ? 13.227  -6.658  -4.389  1.00 28.57 ? 225 ILE A CG2 1 
ATOM   934  C CD1 . ILE A 1 128 ? 10.368  -7.214  -3.333  1.00 31.07 ? 225 ILE A CD1 1 
ATOM   935  N N   . TYR A 1 129 ? 13.690  -3.444  -5.921  1.00 33.38 ? 226 TYR A N   1 
ATOM   936  C CA  . TYR A 1 129 ? 14.692  -3.333  -6.971  1.00 34.08 ? 226 TYR A CA  1 
ATOM   937  C C   . TYR A 1 129 ? 15.046  -1.883  -7.300  1.00 35.67 ? 226 TYR A C   1 
ATOM   938  O O   . TYR A 1 129 ? 16.134  -1.655  -7.821  1.00 35.48 ? 226 TYR A O   1 
ATOM   939  C CB  . TYR A 1 129 ? 14.267  -3.956  -8.305  1.00 37.62 ? 226 TYR A CB  1 
ATOM   940  C CG  . TYR A 1 129 ? 14.053  -5.454  -8.213  1.00 42.20 ? 226 TYR A CG  1 
ATOM   941  C CD1 . TYR A 1 129 ? 15.121  -6.326  -8.052  1.00 46.54 ? 226 TYR A CD1 1 
ATOM   942  C CD2 . TYR A 1 129 ? 12.777  -5.986  -8.247  1.00 45.29 ? 226 TYR A CD2 1 
ATOM   943  C CE1 . TYR A 1 129 ? 14.917  -7.693  -7.944  1.00 49.30 ? 226 TYR A CE1 1 
ATOM   944  C CE2 . TYR A 1 129 ? 12.560  -7.347  -8.140  1.00 47.35 ? 226 TYR A CE2 1 
ATOM   945  C CZ  . TYR A 1 129 ? 13.631  -8.202  -7.986  1.00 50.49 ? 226 TYR A CZ  1 
ATOM   946  O OH  . TYR A 1 129 ? 13.369  -9.538  -7.868  1.00 52.91 ? 226 TYR A OH  1 
ATOM   947  N N   . LYS A 1 130 ? 14.153  -0.919  -7.042  1.00 29.37 ? 227 LYS A N   1 
ATOM   948  C CA  . LYS A 1 130 ? 14.383  0.462   -7.471  1.00 30.52 ? 227 LYS A CA  1 
ATOM   949  C C   . LYS A 1 130 ? 15.039  1.294   -6.370  1.00 28.85 ? 227 LYS A C   1 
ATOM   950  O O   . LYS A 1 130 ? 16.166  1.754   -6.537  1.00 30.02 ? 227 LYS A O   1 
ATOM   951  C CB  . LYS A 1 130 ? 13.080  1.073   -8.005  1.00 32.71 ? 227 LYS A CB  1 
ATOM   952  C CG  . LYS A 1 130 ? 12.652  0.497   -9.343  1.00 37.01 ? 227 LYS A CG  1 
ATOM   953  C CD  . LYS A 1 130 ? 11.490  1.283   -9.929  1.00 44.11 ? 227 LYS A CD  1 
ATOM   954  C CE  . LYS A 1 130 ? 11.110  0.841   -11.301 1.00 52.29 ? 227 LYS A CE  1 
ATOM   955  N NZ  . LYS A 1 130 ? 12.242  0.917   -12.224 1.00 57.36 ? 227 LYS A NZ  1 
ATOM   956  N N   . ASN A 1 131 ? 14.342  1.504   -5.253  1.00 26.98 ? 228 ASN A N   1 
ATOM   957  C CA  . ASN A 1 131 ? 14.914  2.177   -4.095  1.00 28.17 ? 228 ASN A CA  1 
ATOM   958  C C   . ASN A 1 131 ? 15.343  1.128   -3.084  1.00 30.13 ? 228 ASN A C   1 
ATOM   959  O O   . ASN A 1 131 ? 14.518  0.593   -2.344  1.00 37.69 ? 228 ASN A O   1 
ATOM   960  C CB  . ASN A 1 131 ? 13.924  3.141   -3.464  1.00 28.04 ? 228 ASN A CB  1 
ATOM   961  C CG  . ASN A 1 131 ? 14.501  3.969   -2.339  1.00 29.08 ? 228 ASN A CG  1 
ATOM   962  O OD1 . ASN A 1 131 ? 15.520  3.627   -1.716  1.00 26.08 ? 228 ASN A OD1 1 
ATOM   963  N ND2 . ASN A 1 131 ? 13.805  5.053   -2.035  1.00 28.71 ? 228 ASN A ND2 1 
ATOM   964  N N   . THR A 1 132 ? 16.641  0.842   -3.028  1.00 29.42 ? 229 THR A N   1 
ATOM   965  C CA  . THR A 1 132 ? 17.104  -0.314  -2.268  1.00 28.26 ? 229 THR A CA  1 
ATOM   966  C C   . THR A 1 132 ? 17.462  0.104   -0.844  1.00 31.15 ? 229 THR A C   1 
ATOM   967  O O   . THR A 1 132 ? 18.093  -0.662  -0.119  1.00 33.55 ? 229 THR A O   1 
ATOM   968  C CB  . THR A 1 132 ? 18.277  -0.978  -2.996  1.00 29.63 ? 229 THR A CB  1 
ATOM   969  O OG1 . THR A 1 132 ? 19.297  -0.001  -3.133  1.00 30.07 ? 229 THR A OG1 1 
ATOM   970  C CG2 . THR A 1 132 ? 17.926  -1.386  -4.411  1.00 29.02 ? 229 THR A CG2 1 
ATOM   971  N N   . HIS A 1 133 ? 17.079  1.318   -0.437  1.00 30.61 ? 230 HIS A N   1 
ATOM   972  C CA  . HIS A 1 133 ? 17.332  1.749   0.926   1.00 34.93 ? 230 HIS A CA  1 
ATOM   973  C C   . HIS A 1 133 ? 16.077  1.599   1.789   1.00 33.18 ? 230 HIS A C   1 
ATOM   974  O O   . HIS A 1 133 ? 16.096  2.007   2.946   1.00 37.22 ? 230 HIS A O   1 
ATOM   975  C CB  . HIS A 1 133 ? 17.885  3.180   0.940   1.00 40.79 ? 230 HIS A CB  1 
ATOM   976  C CG  . HIS A 1 133 ? 19.256  3.283   0.341   1.00 48.24 ? 230 HIS A CG  1 
ATOM   977  N ND1 . HIS A 1 133 ? 19.749  4.441   -0.219  1.00 54.40 ? 230 HIS A ND1 1 
ATOM   978  C CD2 . HIS A 1 133 ? 20.228  2.376   0.208   1.00 52.60 ? 230 HIS A CD2 1 
ATOM   979  C CE1 . HIS A 1 133 ? 20.966  4.222   -0.687  1.00 54.43 ? 230 HIS A CE1 1 
ATOM   980  N NE2 . HIS A 1 133 ? 21.275  2.975   -0.438  1.00 52.77 ? 230 HIS A NE2 1 
ATOM   981  N N   . ILE A 1 134 ? 14.992  1.041   1.228   1.00 32.59 ? 231 ILE A N   1 
ATOM   982  C CA  . ILE A 1 134 ? 13.725  0.872   1.938   1.00 28.84 ? 231 ILE A CA  1 
ATOM   983  C C   . ILE A 1 134 ? 13.741  -0.483  2.646   1.00 28.22 ? 231 ILE A C   1 
ATOM   984  O O   . ILE A 1 134 ? 13.847  -1.533  2.003   1.00 27.53 ? 231 ILE A O   1 
ATOM   985  C CB  . ILE A 1 134 ? 12.531  1.020   0.969   1.00 29.60 ? 231 ILE A CB  1 
ATOM   986  C CG1 . ILE A 1 134 ? 12.344  2.482   0.529   1.00 27.86 ? 231 ILE A CG1 1 
ATOM   987  C CG2 . ILE A 1 134 ? 11.241  0.472   1.582   1.00 29.51 ? 231 ILE A CG2 1 
ATOM   988  C CD1 . ILE A 1 134 ? 11.367  2.672   -0.617  1.00 29.39 ? 231 ILE A CD1 1 
ATOM   989  N N   . LYS A 1 135 ? 13.671  -0.439  3.979   1.00 26.17 ? 232 LYS A N   1 
ATOM   990  C CA  . LYS A 1 135 ? 13.617  -1.636  4.792   1.00 27.15 ? 232 LYS A CA  1 
ATOM   991  C C   . LYS A 1 135 ? 12.173  -1.985  5.171   1.00 24.75 ? 232 LYS A C   1 
ATOM   992  O O   . LYS A 1 135 ? 11.864  -3.161  5.297   1.00 23.83 ? 232 LYS A O   1 
ATOM   993  C CB  . LYS A 1 135 ? 14.430  -1.473  6.072   1.00 34.72 ? 232 LYS A CB  1 
ATOM   994  C CG  . LYS A 1 135 ? 15.941  -1.348  5.880   1.00 40.46 ? 232 LYS A CG  1 
ATOM   995  C CD  . LYS A 1 135 ? 16.387  0.087   5.655   1.00 51.38 ? 232 LYS A CD  1 
ATOM   996  C CE  . LYS A 1 135 ? 16.347  0.879   6.925   1.00 54.66 ? 232 LYS A CE  1 
ATOM   997  N NZ  . LYS A 1 135 ? 16.331  2.321   6.660   1.00 61.94 ? 232 LYS A NZ  1 
ATOM   998  N N   . THR A 1 136 ? 11.294  -0.979  5.341   1.00 23.30 ? 233 THR A N   1 
ATOM   999  C CA  . THR A 1 136 ? 9.931   -1.204  5.806   1.00 21.90 ? 233 THR A CA  1 
ATOM   1000 C C   . THR A 1 136 ? 8.949   -0.377  4.978   1.00 22.56 ? 233 THR A C   1 
ATOM   1001 O O   . THR A 1 136 ? 9.242   0.756   4.634   1.00 20.56 ? 233 THR A O   1 
ATOM   1002 C CB  . THR A 1 136 ? 9.800   -0.893  7.292   1.00 22.06 ? 233 THR A CB  1 
ATOM   1003 O OG1 . THR A 1 136 ? 10.003  0.499   7.540   1.00 24.54 ? 233 THR A OG1 1 
ATOM   1004 C CG2 . THR A 1 136 ? 10.811  -1.681  8.107   1.00 23.04 ? 233 THR A CG2 1 
ATOM   1005 N N   . VAL A 1 137 ? 7.799   -0.977  4.644   1.00 20.98 ? 234 VAL A N   1 
ATOM   1006 C CA  . VAL A 1 137 ? 6.788   -0.268  3.878   1.00 19.98 ? 234 VAL A CA  1 
ATOM   1007 C C   . VAL A 1 137 ? 5.421   -0.611  4.477   1.00 20.92 ? 234 VAL A C   1 
ATOM   1008 O O   . VAL A 1 137 ? 5.221   -1.717  4.980   1.00 22.16 ? 234 VAL A O   1 
ATOM   1009 C CB  . VAL A 1 137 ? 6.900   -0.649  2.392   1.00 18.84 ? 234 VAL A CB  1 
ATOM   1010 C CG1 . VAL A 1 137 ? 6.732   -2.161  2.189   1.00 18.67 ? 234 VAL A CG1 1 
ATOM   1011 C CG2 . VAL A 1 137 ? 5.936   0.134   1.496   1.00 18.92 ? 234 VAL A CG2 1 
ATOM   1012 N N   . ALA A 1 138 ? 4.486   0.351   4.416   1.00 20.04 ? 235 ALA A N   1 
ATOM   1013 C CA  . ALA A 1 138 ? 3.132   0.165   4.907   1.00 19.90 ? 235 ALA A CA  1 
ATOM   1014 C C   . ALA A 1 138 ? 2.159   0.407   3.760   1.00 19.27 ? 235 ALA A C   1 
ATOM   1015 O O   . ALA A 1 138 ? 2.296   1.384   3.018   1.00 20.24 ? 235 ALA A O   1 
ATOM   1016 C CB  . ALA A 1 138 ? 2.853   1.112   6.049   1.00 18.72 ? 235 ALA A CB  1 
ATOM   1017 N N   . ILE A 1 139 ? 1.233   -0.542  3.593   1.00 21.36 ? 236 ILE A N   1 
ATOM   1018 C CA  . ILE A 1 139 ? 0.303   -0.555  2.479   1.00 20.07 ? 236 ILE A CA  1 
ATOM   1019 C C   . ILE A 1 139 ? -1.103  -0.574  3.073   1.00 21.74 ? 236 ILE A C   1 
ATOM   1020 O O   . ILE A 1 139 ? -1.436  -1.426  3.902   1.00 19.69 ? 236 ILE A O   1 
ATOM   1021 C CB  . ILE A 1 139 ? 0.537   -1.763  1.548   1.00 20.50 ? 236 ILE A CB  1 
ATOM   1022 C CG1 . ILE A 1 139 ? 1.982   -1.906  1.090   1.00 20.62 ? 236 ILE A CG1 1 
ATOM   1023 C CG2 . ILE A 1 139 ? -0.408  -1.701  0.351   1.00 21.00 ? 236 ILE A CG2 1 
ATOM   1024 C CD1 . ILE A 1 139 ? 2.269   -3.170  0.295   1.00 21.37 ? 236 ILE A CD1 1 
ATOM   1025 N N   . PRO A 1 140 ? -1.991  0.352   2.652   1.00 20.69 ? 237 PRO A N   1 
ATOM   1026 C CA  . PRO A 1 140 ? -3.400  0.278   3.051   1.00 20.96 ? 237 PRO A CA  1 
ATOM   1027 C C   . PRO A 1 140 ? -4.229  -0.637  2.143   1.00 22.86 ? 237 PRO A C   1 
ATOM   1028 O O   . PRO A 1 140 ? -3.726  -1.169  1.148   1.00 21.38 ? 237 PRO A O   1 
ATOM   1029 C CB  . PRO A 1 140 ? -3.737  1.760   2.896   1.00 22.66 ? 237 PRO A CB  1 
ATOM   1030 C CG  . PRO A 1 140 ? -3.035  2.175   1.614   1.00 22.12 ? 237 PRO A CG  1 
ATOM   1031 C CD  . PRO A 1 140 ? -1.677  1.489   1.778   1.00 22.63 ? 237 PRO A CD  1 
ATOM   1032 N N   . ALA A 1 141 ? -5.517  -0.796  2.463   1.00 22.81 ? 238 ALA A N   1 
ATOM   1033 C CA  . ALA A 1 141 ? -6.444  -1.545  1.623   1.00 24.72 ? 238 ALA A CA  1 
ATOM   1034 C C   . ALA A 1 141 ? -6.846  -0.679  0.425   1.00 22.79 ? 238 ALA A C   1 
ATOM   1035 O O   . ALA A 1 141 ? -7.947  -0.121  0.378   1.00 22.46 ? 238 ALA A O   1 
ATOM   1036 C CB  . ALA A 1 141 ? -7.642  -2.008  2.445   1.00 24.97 ? 238 ALA A CB  1 
ATOM   1037 N N   A LEU A 1 142 ? -5.919  -0.573  -0.540  0.50 24.30 ? 239 LEU A N   1 
ATOM   1038 N N   B LEU A 1 142 ? -5.919  -0.566  -0.527  0.50 23.93 ? 239 LEU A N   1 
ATOM   1039 C CA  A LEU A 1 142 ? -6.065  0.308   -1.690  0.50 24.19 ? 239 LEU A CA  1 
ATOM   1040 C CA  B LEU A 1 142 ? -6.039  0.334   -1.659  0.50 23.59 ? 239 LEU A CA  1 
ATOM   1041 C C   A LEU A 1 142 ? -7.410  0.063   -2.346  0.50 23.51 ? 239 LEU A C   1 
ATOM   1042 C C   B LEU A 1 142 ? -7.346  0.088   -2.400  0.50 23.01 ? 239 LEU A C   1 
ATOM   1043 O O   A LEU A 1 142 ? -7.755  -1.082  -2.634  0.50 24.50 ? 239 LEU A O   1 
ATOM   1044 O O   B LEU A 1 142 ? -7.624  -1.054  -2.763  0.50 23.80 ? 239 LEU A O   1 
ATOM   1045 C CB  A LEU A 1 142 ? -4.964  0.094   -2.732  0.50 23.78 ? 239 LEU A CB  1 
ATOM   1046 C CB  B LEU A 1 142 ? -4.813  0.030   -2.521  0.50 22.75 ? 239 LEU A CB  1 
ATOM   1047 C CG  A LEU A 1 142 ? -3.532  0.446   -2.322  0.50 24.03 ? 239 LEU A CG  1 
ATOM   1048 C CG  B LEU A 1 142 ? -4.561  0.952   -3.712  0.50 22.48 ? 239 LEU A CG  1 
ATOM   1049 C CD1 A LEU A 1 142 ? -2.535  -0.189  -3.296  0.50 24.76 ? 239 LEU A CD1 1 
ATOM   1050 C CD1 B LEU A 1 142 ? -4.294  2.350   -3.199  0.50 22.82 ? 239 LEU A CD1 1 
ATOM   1051 C CD2 A LEU A 1 142 ? -3.329  1.949   -2.246  0.50 24.97 ? 239 LEU A CD2 1 
ATOM   1052 C CD2 B LEU A 1 142 ? -3.419  0.458   -4.591  0.50 20.95 ? 239 LEU A CD2 1 
ATOM   1053 N N   . SER A 1 143 ? -8.132  1.166   -2.563  1.00 23.26 ? 240 SER A N   1 
ATOM   1054 C CA  . SER A 1 143 ? -9.360  1.204   -3.352  1.00 25.63 ? 240 SER A CA  1 
ATOM   1055 C C   . SER A 1 143 ? -10.600 0.855   -2.527  1.00 25.32 ? 240 SER A C   1 
ATOM   1056 O O   . SER A 1 143 ? -11.717 1.001   -3.027  1.00 27.33 ? 240 SER A O   1 
ATOM   1057 C CB  . SER A 1 143 ? -9.297  0.382   -4.665  1.00 26.16 ? 240 SER A CB  1 
ATOM   1058 O OG  . SER A 1 143 ? -8.375  0.954   -5.605  1.00 27.54 ? 240 SER A OG  1 
ATOM   1059 N N   . SER A 1 144 ? -10.419 0.462   -1.271  1.00 23.96 ? 241 SER A N   1 
ATOM   1060 C CA  . SER A 1 144 ? -11.551 -0.025  -0.434  1.00 26.98 ? 241 SER A CA  1 
ATOM   1061 C C   . SER A 1 144 ? -12.467 1.096   0.076   1.00 30.75 ? 241 SER A C   1 
ATOM   1062 O O   . SER A 1 144 ? -13.624 0.822   0.355   1.00 36.31 ? 241 SER A O   1 
ATOM   1063 C CB  . SER A 1 144 ? -11.044 -0.854  0.717   1.00 25.56 ? 241 SER A CB  1 
ATOM   1064 O OG  . SER A 1 144 ? -10.228 -0.084  1.583   1.00 27.03 ? 241 SER A OG  1 
ATOM   1065 N N   . GLY A 1 145 ? -11.982 2.311   0.209   1.00 34.51 ? 242 GLY A N   1 
ATOM   1066 C CA  . GLY A 1 145 ? -12.895 3.309   0.798   1.00 41.45 ? 242 GLY A CA  1 
ATOM   1067 C C   . GLY A 1 145 ? -13.739 4.029   -0.230  1.00 36.76 ? 242 GLY A C   1 
ATOM   1068 O O   . GLY A 1 145 ? -14.793 3.501   -0.616  1.00 34.75 ? 242 GLY A O   1 
ATOM   1069 N N   . ILE A 1 146 ? -13.272 5.201   -0.645  1.00 36.85 ? 243 ILE A N   1 
ATOM   1070 C CA  . ILE A 1 146 ? -14.017 6.041   -1.617  1.00 37.57 ? 243 ILE A CA  1 
ATOM   1071 C C   . ILE A 1 146 ? -14.171 5.263   -2.928  1.00 34.86 ? 243 ILE A C   1 
ATOM   1072 O O   . ILE A 1 146 ? -15.198 5.446   -3.591  1.00 31.39 ? 243 ILE A O   1 
ATOM   1073 C CB  . ILE A 1 146 ? -13.236 7.358   -1.794  1.00 40.09 ? 243 ILE A CB  1 
ATOM   1074 C CG1 . ILE A 1 146 ? -13.110 8.111   -0.470  1.00 43.18 ? 243 ILE A CG1 1 
ATOM   1075 C CG2 . ILE A 1 146 ? -13.832 8.238   -2.892  1.00 39.78 ? 243 ILE A CG2 1 
ATOM   1076 C CD1 . ILE A 1 146 ? -12.055 9.200   -0.471  1.00 43.06 ? 243 ILE A CD1 1 
ATOM   1077 N N   . PHE A 1 147 ? -13.233 4.364   -3.225  1.00 29.49 ? 244 PHE A N   1 
ATOM   1078 C CA  . PHE A 1 147 ? -13.260 3.705   -4.522  1.00 29.15 ? 244 PHE A CA  1 
ATOM   1079 C C   . PHE A 1 147 ? -14.075 2.413   -4.498  1.00 29.68 ? 244 PHE A C   1 
ATOM   1080 O O   . PHE A 1 147 ? -14.199 1.784   -5.553  1.00 30.18 ? 244 PHE A O   1 
ATOM   1081 C CB  . PHE A 1 147 ? -11.827 3.517   -5.028  1.00 27.19 ? 244 PHE A CB  1 
ATOM   1082 C CG  . PHE A 1 147 ? -11.219 4.738   -5.710  1.00 29.39 ? 244 PHE A CG  1 
ATOM   1083 C CD1 . PHE A 1 147 ? -11.819 5.999   -5.632  1.00 30.37 ? 244 PHE A CD1 1 
ATOM   1084 C CD2 . PHE A 1 147 ? -10.013 4.627   -6.395  1.00 29.58 ? 244 PHE A CD2 1 
ATOM   1085 C CE1 . PHE A 1 147 ? -11.243 7.096   -6.261  1.00 34.94 ? 244 PHE A CE1 1 
ATOM   1086 C CE2 . PHE A 1 147 ? -9.425  5.732   -6.986  1.00 33.26 ? 244 PHE A CE2 1 
ATOM   1087 C CZ  . PHE A 1 147 ? -10.050 6.962   -6.935  1.00 30.81 ? 244 PHE A CZ  1 
ATOM   1088 N N   . GLN A 1 148 ? -14.607 2.046   -3.318  1.00 26.19 ? 245 GLN A N   1 
ATOM   1089 C CA  . GLN A 1 148 ? -15.690 1.083   -3.142  1.00 25.76 ? 245 GLN A CA  1 
ATOM   1090 C C   . GLN A 1 148 ? -15.322 -0.356  -3.508  1.00 24.73 ? 245 GLN A C   1 
ATOM   1091 O O   . GLN A 1 148 ? -16.197 -1.199  -3.710  1.00 25.47 ? 245 GLN A O   1 
ATOM   1092 C CB  . GLN A 1 148 ? -16.925 1.543   -3.914  1.00 29.18 ? 245 GLN A CB  1 
ATOM   1093 C CG  . GLN A 1 148 ? -17.496 2.843   -3.366  1.00 33.60 ? 245 GLN A CG  1 
ATOM   1094 C CD  . GLN A 1 148 ? -18.813 3.217   -4.010  1.00 37.44 ? 245 GLN A CD  1 
ATOM   1095 O OE1 . GLN A 1 148 ? -19.613 2.363   -4.388  1.00 49.06 ? 245 GLN A OE1 1 
ATOM   1096 N NE2 . GLN A 1 148 ? -19.052 4.505   -4.169  1.00 40.60 ? 245 GLN A NE2 1 
ATOM   1097 N N   . PHE A 1 149 ? -14.018 -0.662  -3.559  1.00 24.45 ? 246 PHE A N   1 
ATOM   1098 C CA  . PHE A 1 149 ? -13.560 -2.026  -3.773  1.00 24.17 ? 246 PHE A CA  1 
ATOM   1099 C C   . PHE A 1 149 ? -13.978 -2.856  -2.560  1.00 25.60 ? 246 PHE A C   1 
ATOM   1100 O O   . PHE A 1 149 ? -13.614 -2.550  -1.421  1.00 25.96 ? 246 PHE A O   1 
ATOM   1101 C CB  . PHE A 1 149 ? -12.041 -2.021  -3.966  1.00 21.90 ? 246 PHE A CB  1 
ATOM   1102 C CG  . PHE A 1 149 ? -11.497 -3.155  -4.800  1.00 20.16 ? 246 PHE A CG  1 
ATOM   1103 C CD1 . PHE A 1 149 ? -11.601 -4.468  -4.360  1.00 22.88 ? 246 PHE A CD1 1 
ATOM   1104 C CD2 . PHE A 1 149 ? -10.869 -2.901  -6.007  1.00 21.97 ? 246 PHE A CD2 1 
ATOM   1105 C CE1 . PHE A 1 149 ? -11.094 -5.518  -5.113  1.00 23.44 ? 246 PHE A CE1 1 
ATOM   1106 C CE2 . PHE A 1 149 ? -10.351 -3.949  -6.752  1.00 25.94 ? 246 PHE A CE2 1 
ATOM   1107 C CZ  . PHE A 1 149 ? -10.459 -5.260  -6.301  1.00 25.06 ? 246 PHE A CZ  1 
ATOM   1108 N N   . PRO A 1 150 ? -14.798 -3.900  -2.773  1.00 27.75 ? 247 PRO A N   1 
ATOM   1109 C CA  . PRO A 1 150 ? -15.188 -4.828  -1.704  1.00 29.38 ? 247 PRO A CA  1 
ATOM   1110 C C   . PRO A 1 150 ? -13.987 -5.256  -0.869  1.00 25.88 ? 247 PRO A C   1 
ATOM   1111 O O   . PRO A 1 150 ? -12.984 -5.693  -1.426  1.00 26.00 ? 247 PRO A O   1 
ATOM   1112 C CB  . PRO A 1 150 ? -15.761 -6.021  -2.484  1.00 28.88 ? 247 PRO A CB  1 
ATOM   1113 C CG  . PRO A 1 150 ? -16.256 -5.409  -3.761  1.00 28.30 ? 247 PRO A CG  1 
ATOM   1114 C CD  . PRO A 1 150 ? -15.333 -4.276  -4.092  1.00 27.89 ? 247 PRO A CD  1 
ATOM   1115 N N   . LEU A 1 151 ? -14.132 -5.174  0.453   1.00 25.35 ? 248 LEU A N   1 
ATOM   1116 C CA  . LEU A 1 151 ? -13.018 -5.271  1.386   1.00 28.74 ? 248 LEU A CA  1 
ATOM   1117 C C   . LEU A 1 151 ? -12.378 -6.665  1.346   1.00 30.17 ? 248 LEU A C   1 
ATOM   1118 O O   . LEU A 1 151 ? -11.147 -6.783  1.348   1.00 28.95 ? 248 LEU A O   1 
ATOM   1119 C CB  . LEU A 1 151 ? -13.597 -4.923  2.757   1.00 29.59 ? 248 LEU A CB  1 
ATOM   1120 C CG  . LEU A 1 151 ? -12.598 -4.596  3.865   1.00 31.88 ? 248 LEU A CG  1 
ATOM   1121 C CD1 . LEU A 1 151 ? -11.631 -3.499  3.438   1.00 31.05 ? 248 LEU A CD1 1 
ATOM   1122 C CD2 . LEU A 1 151 ? -13.382 -4.193  5.129   1.00 31.01 ? 248 LEU A CD2 1 
ATOM   1123 N N   A ASN A 1 152 ? -13.213 -7.717  1.274   0.50 28.36 ? 249 ASN A N   1 
ATOM   1124 N N   B ASN A 1 152 ? -13.255 -7.677  1.329   0.50 27.86 ? 249 ASN A N   1 
ATOM   1125 C CA  A ASN A 1 152 ? -12.756 -9.101  1.231   0.50 29.21 ? 249 ASN A CA  1 
ATOM   1126 C CA  B ASN A 1 152 ? -12.936 -9.088  1.184   0.50 28.31 ? 249 ASN A CA  1 
ATOM   1127 C C   A ASN A 1 152 ? -11.877 -9.346  0.006   0.50 29.08 ? 249 ASN A C   1 
ATOM   1128 C C   B ASN A 1 152 ? -11.944 -9.316  0.040   0.50 28.80 ? 249 ASN A C   1 
ATOM   1129 O O   A ASN A 1 152 ? -10.798 -9.927  0.120   0.50 30.74 ? 249 ASN A O   1 
ATOM   1130 O O   B ASN A 1 152 ? -10.845 -9.828  0.246   0.50 31.76 ? 249 ASN A O   1 
ATOM   1131 C CB  A ASN A 1 152 ? -13.928 -10.081 1.179   0.50 30.31 ? 249 ASN A CB  1 
ATOM   1132 C CB  B ASN A 1 152 ? -14.256 -9.836  0.976   0.50 27.70 ? 249 ASN A CB  1 
ATOM   1133 C CG  A ASN A 1 152 ? -14.740 -10.065 2.449   0.50 31.97 ? 249 ASN A CG  1 
ATOM   1134 C CG  B ASN A 1 152 ? -15.283 -8.960  0.272   0.50 27.23 ? 249 ASN A CG  1 
ATOM   1135 O OD1 A ASN A 1 152 ? -14.193 -9.775  3.517   0.50 32.37 ? 249 ASN A OD1 1 
ATOM   1136 O OD1 B ASN A 1 152 ? -15.984 -8.159  0.904   0.50 28.74 ? 249 ASN A OD1 1 
ATOM   1137 N ND2 A ASN A 1 152 ? -16.025 -10.384 2.360   0.50 36.11 ? 249 ASN A ND2 1 
ATOM   1138 N ND2 B ASN A 1 152 ? -15.380 -9.052  -1.043  0.50 24.82 ? 249 ASN A ND2 1 
ATOM   1139 N N   . LEU A 1 153 ? -12.363 -8.935  -1.170  1.00 26.03 ? 250 LEU A N   1 
ATOM   1140 C CA  . LEU A 1 153 ? -11.623 -9.143  -2.399  1.00 26.80 ? 250 LEU A CA  1 
ATOM   1141 C C   . LEU A 1 153 ? -10.357 -8.284  -2.441  1.00 25.50 ? 250 LEU A C   1 
ATOM   1142 O O   . LEU A 1 153 ? -9.340  -8.753  -2.950  1.00 25.96 ? 250 LEU A O   1 
ATOM   1143 C CB  . LEU A 1 153 ? -12.515 -8.891  -3.620  1.00 28.46 ? 250 LEU A CB  1 
ATOM   1144 C CG  . LEU A 1 153 ? -11.824 -9.031  -4.983  1.00 32.80 ? 250 LEU A CG  1 
ATOM   1145 C CD1 . LEU A 1 153 ? -11.293 -10.459 -5.128  1.00 34.08 ? 250 LEU A CD1 1 
ATOM   1146 C CD2 . LEU A 1 153 ? -12.738 -8.671  -6.152  1.00 33.51 ? 250 LEU A CD2 1 
ATOM   1147 N N   . CYS A 1 154 ? -10.459 -7.029  -1.974  1.00 24.56 ? 251 CYS A N   1 
ATOM   1148 C CA  . CYS A 1 154 ? -9.342  -6.100  -1.885  1.00 26.82 ? 251 CYS A CA  1 
ATOM   1149 C C   . CYS A 1 154 ? -8.185  -6.732  -1.101  1.00 23.34 ? 251 CYS A C   1 
ATOM   1150 O O   . CYS A 1 154 ? -7.062  -6.851  -1.605  1.00 20.16 ? 251 CYS A O   1 
ATOM   1151 C CB  . CYS A 1 154 ? -9.807  -4.790  -1.247  1.00 28.95 ? 251 CYS A CB  1 
ATOM   1152 S SG  . CYS A 1 154 ? -8.493  -3.578  -0.953  1.00 24.97 ? 251 CYS A SG  1 
ATOM   1153 N N   . THR A 1 155 ? -8.470  -7.146  0.133   1.00 22.00 ? 252 THR A N   1 
ATOM   1154 C CA  . THR A 1 155 ? -7.418  -7.620  1.028   1.00 22.78 ? 252 THR A CA  1 
ATOM   1155 C C   . THR A 1 155 ? -6.860  -8.956  0.546   1.00 22.91 ? 252 THR A C   1 
ATOM   1156 O O   . THR A 1 155 ? -5.652  -9.150  0.585   1.00 22.74 ? 252 THR A O   1 
ATOM   1157 C CB  . THR A 1 155 ? -7.914  -7.667  2.471   1.00 24.79 ? 252 THR A CB  1 
ATOM   1158 O OG1 . THR A 1 155 ? -9.090  -8.466  2.529   1.00 25.94 ? 252 THR A OG1 1 
ATOM   1159 C CG2 . THR A 1 155 ? -8.227  -6.278  2.990   1.00 26.25 ? 252 THR A CG2 1 
ATOM   1160 N N   . LYS A 1 156 ? -7.713  -9.838  0.003   1.00 24.06 ? 253 LYS A N   1 
ATOM   1161 C CA  . LYS A 1 156 ? -7.251  -11.099 -0.556  1.00 26.12 ? 253 LYS A CA  1 
ATOM   1162 C C   . LYS A 1 156 ? -6.349  -10.887 -1.777  1.00 25.09 ? 253 LYS A C   1 
ATOM   1163 O O   . LYS A 1 156 ? -5.352  -11.598 -1.928  1.00 22.05 ? 253 LYS A O   1 
ATOM   1164 C CB  . LYS A 1 156 ? -8.444  -12.021 -0.842  1.00 28.36 ? 253 LYS A CB  1 
ATOM   1165 C CG  . LYS A 1 156 ? -8.995  -12.632 0.430   1.00 34.15 ? 253 LYS A CG  1 
ATOM   1166 C CD  . LYS A 1 156 ? -10.341 -13.322 0.296   1.00 39.47 ? 253 LYS A CD  1 
ATOM   1167 C CE  . LYS A 1 156 ? -10.317 -14.453 -0.641  1.00 43.50 ? 253 LYS A CE  1 
ATOM   1168 N NZ  . LYS A 1 156 ? -11.666 -15.026 -0.628  1.00 48.63 ? 253 LYS A NZ  1 
ATOM   1169 N N   . THR A 1 157 ? -6.705  -9.946  -2.670  1.00 23.18 ? 254 THR A N   1 
ATOM   1170 C CA  . THR A 1 157 ? -5.887  -9.652  -3.854  1.00 22.11 ? 254 THR A CA  1 
ATOM   1171 C C   . THR A 1 157 ? -4.518  -9.137  -3.420  1.00 22.40 ? 254 THR A C   1 
ATOM   1172 O O   . THR A 1 157 ? -3.486  -9.455  -4.017  1.00 24.65 ? 254 THR A O   1 
ATOM   1173 C CB  . THR A 1 157 ? -6.550  -8.597  -4.741  1.00 21.86 ? 254 THR A CB  1 
ATOM   1174 O OG1 . THR A 1 157 ? -7.865  -9.067  -5.014  1.00 24.24 ? 254 THR A OG1 1 
ATOM   1175 C CG2 . THR A 1 157 ? -5.782  -8.359  -6.030  1.00 20.85 ? 254 THR A CG2 1 
ATOM   1176 N N   . ILE A 1 158 ? -4.518  -8.276  -2.412  1.00 21.51 ? 255 ILE A N   1 
ATOM   1177 C CA  . ILE A 1 158 ? -3.259  -7.721  -1.950  1.00 20.57 ? 255 ILE A CA  1 
ATOM   1178 C C   . ILE A 1 158 ? -2.374  -8.842  -1.409  1.00 20.66 ? 255 ILE A C   1 
ATOM   1179 O O   . ILE A 1 158 ? -1.194  -8.939  -1.791  1.00 20.32 ? 255 ILE A O   1 
ATOM   1180 C CB  . ILE A 1 158 ? -3.465  -6.568  -0.957  1.00 19.24 ? 255 ILE A CB  1 
ATOM   1181 C CG1 . ILE A 1 158 ? -4.112  -5.387  -1.653  1.00 19.22 ? 255 ILE A CG1 1 
ATOM   1182 C CG2 . ILE A 1 158 ? -2.148  -6.187  -0.264  1.00 19.98 ? 255 ILE A CG2 1 
ATOM   1183 C CD1 . ILE A 1 158 ? -4.613  -4.291  -0.722  1.00 19.92 ? 255 ILE A CD1 1 
ATOM   1184 N N   . VAL A 1 159 ? -2.932  -9.636  -0.493  1.00 22.63 ? 256 VAL A N   1 
ATOM   1185 C CA  . VAL A 1 159 ? -2.168  -10.671 0.185   1.00 22.76 ? 256 VAL A CA  1 
ATOM   1186 C C   . VAL A 1 159 ? -1.728  -11.723 -0.835  1.00 23.44 ? 256 VAL A C   1 
ATOM   1187 O O   . VAL A 1 159 ? -0.576  -12.139 -0.795  1.00 24.89 ? 256 VAL A O   1 
ATOM   1188 C CB  . VAL A 1 159 ? -2.904  -11.309 1.383   1.00 23.40 ? 256 VAL A CB  1 
ATOM   1189 C CG1 . VAL A 1 159 ? -2.143  -12.494 1.964   1.00 22.90 ? 256 VAL A CG1 1 
ATOM   1190 C CG2 . VAL A 1 159 ? -3.218  -10.290 2.462   1.00 23.40 ? 256 VAL A CG2 1 
ATOM   1191 N N   . GLU A 1 160 ? -2.620  -12.149 -1.753  1.00 22.91 ? 257 GLU A N   1 
ATOM   1192 C CA  . GLU A 1 160 ? -2.252  -13.150 -2.754  1.00 21.41 ? 257 GLU A CA  1 
ATOM   1193 C C   . GLU A 1 160 ? -1.163  -12.620 -3.695  1.00 22.01 ? 257 GLU A C   1 
ATOM   1194 O O   . GLU A 1 160 ? -0.279  -13.375 -4.116  1.00 20.06 ? 257 GLU A O   1 
ATOM   1195 C CB  . GLU A 1 160 ? -3.444  -13.657 -3.572  1.00 24.28 ? 257 GLU A CB  1 
ATOM   1196 C CG  . GLU A 1 160 ? -3.085  -14.612 -4.714  1.00 24.66 ? 257 GLU A CG  1 
ATOM   1197 C CD  . GLU A 1 160 ? -2.639  -16.023 -4.344  1.00 26.25 ? 257 GLU A CD  1 
ATOM   1198 O OE1 . GLU A 1 160 ? -2.433  -16.304 -3.151  1.00 27.42 ? 257 GLU A OE1 1 
ATOM   1199 O OE2 . GLU A 1 160 ? -2.496  -16.864 -5.256  1.00 26.33 ? 257 GLU A OE2 1 
ATOM   1200 N N   . THR A 1 161 ? -1.220  -11.326 -4.050  1.00 21.75 ? 258 THR A N   1 
ATOM   1201 C CA  . THR A 1 161 ? -0.231  -10.761 -4.962  1.00 22.85 ? 258 THR A CA  1 
ATOM   1202 C C   . THR A 1 161 ? 1.150   -10.779 -4.286  1.00 22.46 ? 258 THR A C   1 
ATOM   1203 O O   . THR A 1 161 ? 2.167   -11.078 -4.936  1.00 23.19 ? 258 THR A O   1 
ATOM   1204 C CB  . THR A 1 161 ? -0.612  -9.349  -5.412  1.00 23.80 ? 258 THR A CB  1 
ATOM   1205 O OG1 . THR A 1 161 ? -1.872  -9.411  -6.078  1.00 25.55 ? 258 THR A OG1 1 
ATOM   1206 C CG2 . THR A 1 161 ? 0.409   -8.787  -6.383  1.00 25.36 ? 258 THR A CG2 1 
ATOM   1207 N N   . ILE A 1 162 ? 1.176   -10.484 -2.979  1.00 20.34 ? 259 ILE A N   1 
ATOM   1208 C CA  . ILE A 1 162 ? 2.441   -10.449 -2.253  1.00 21.80 ? 259 ILE A CA  1 
ATOM   1209 C C   . ILE A 1 162 ? 3.025   -11.863 -2.181  1.00 24.07 ? 259 ILE A C   1 
ATOM   1210 O O   . ILE A 1 162 ? 4.218   -12.055 -2.425  1.00 26.22 ? 259 ILE A O   1 
ATOM   1211 C CB  . ILE A 1 162 ? 2.244   -9.808  -0.872  1.00 22.19 ? 259 ILE A CB  1 
ATOM   1212 C CG1 . ILE A 1 162 ? 1.963   -8.314  -1.022  1.00 23.70 ? 259 ILE A CG1 1 
ATOM   1213 C CG2 . ILE A 1 162 ? 3.446   -10.092 0.030   1.00 22.90 ? 259 ILE A CG2 1 
ATOM   1214 C CD1 . ILE A 1 162 ? 1.519   -7.611  0.244   1.00 23.72 ? 259 ILE A CD1 1 
ATOM   1215 N N   . ARG A 1 163 ? 2.188   -12.842 -1.849  1.00 26.74 ? 260 ARG A N   1 
ATOM   1216 C CA  . ARG A 1 163 ? 2.629   -14.257 -1.766  1.00 28.16 ? 260 ARG A CA  1 
ATOM   1217 C C   . ARG A 1 163 ? 3.186   -14.728 -3.122  1.00 27.90 ? 260 ARG A C   1 
ATOM   1218 O O   . ARG A 1 163 ? 4.304   -15.241 -3.145  1.00 28.18 ? 260 ARG A O   1 
ATOM   1219 C CB  . ARG A 1 163 ? 1.474   -15.152 -1.317  1.00 31.89 ? 260 ARG A CB  1 
ATOM   1220 C CG  . ARG A 1 163 ? 1.810   -16.620 -1.519  1.00 39.36 ? 260 ARG A CG  1 
ATOM   1221 C CD  . ARG A 1 163 ? 0.900   -17.510 -0.718  1.00 46.46 ? 260 ARG A CD  1 
ATOM   1222 N NE  . ARG A 1 163 ? -0.188  -17.962 -1.586  1.00 51.60 ? 260 ARG A NE  1 
ATOM   1223 C CZ  . ARG A 1 163 ? -0.411  -19.225 -1.892  1.00 56.36 ? 260 ARG A CZ  1 
ATOM   1224 N NH1 . ARG A 1 163 ? 0.369   -20.168 -1.399  1.00 67.28 ? 260 ARG A NH1 1 
ATOM   1225 N NH2 . ARG A 1 163 ? -1.414  -19.538 -2.692  1.00 57.86 ? 260 ARG A NH2 1 
ATOM   1226 N N   . VAL A 1 164 ? 2.422   -14.544 -4.201  1.00 24.17 ? 261 VAL A N   1 
ATOM   1227 C CA  . VAL A 1 164 ? 2.918   -15.011 -5.481  1.00 27.43 ? 261 VAL A CA  1 
ATOM   1228 C C   . VAL A 1 164 ? 4.223   -14.304 -5.860  1.00 26.32 ? 261 VAL A C   1 
ATOM   1229 O O   . VAL A 1 164 ? 5.122   -14.918 -6.425  1.00 26.61 ? 261 VAL A O   1 
ATOM   1230 C CB  . VAL A 1 164 ? 1.869   -14.907 -6.608  1.00 29.28 ? 261 VAL A CB  1 
ATOM   1231 C CG1 . VAL A 1 164 ? 2.498   -15.192 -7.963  1.00 31.96 ? 261 VAL A CG1 1 
ATOM   1232 C CG2 . VAL A 1 164 ? 0.680   -15.830 -6.334  1.00 30.99 ? 261 VAL A CG2 1 
ATOM   1233 N N   . SER A 1 165 ? 4.356   -13.024 -5.527  1.00 25.97 ? 262 SER A N   1 
ATOM   1234 C CA  . SER A 1 165 ? 5.549   -12.253 -5.845  1.00 29.64 ? 262 SER A CA  1 
ATOM   1235 C C   . SER A 1 165 ? 6.775   -12.687 -5.050  1.00 31.10 ? 262 SER A C   1 
ATOM   1236 O O   . SER A 1 165 ? 7.862   -12.708 -5.607  1.00 35.92 ? 262 SER A O   1 
ATOM   1237 C CB  . SER A 1 165 ? 5.312   -10.786 -5.633  1.00 30.55 ? 262 SER A CB  1 
ATOM   1238 O OG  . SER A 1 165 ? 4.281   -10.354 -6.507  1.00 28.34 ? 262 SER A OG  1 
ATOM   1239 N N   . LEU A 1 166 ? 6.607   -13.022 -3.769  1.00 34.17 ? 263 LEU A N   1 
ATOM   1240 C CA  . LEU A 1 166 ? 7.777   -13.240 -2.886  1.00 33.41 ? 263 LEU A CA  1 
ATOM   1241 C C   . LEU A 1 166 ? 7.818   -14.561 -2.107  1.00 39.82 ? 263 LEU A C   1 
ATOM   1242 O O   . LEU A 1 166 ? 8.935   -15.039 -1.899  1.00 41.06 ? 263 LEU A O   1 
ATOM   1243 C CB  . LEU A 1 166 ? 7.613   -12.109 -1.877  1.00 32.70 ? 263 LEU A CB  1 
ATOM   1244 C CG  . LEU A 1 166 ? 7.712   -10.672 -2.389  1.00 33.09 ? 263 LEU A CG  1 
ATOM   1245 C CD1 . LEU A 1 166 ? 7.358   -9.741  -1.250  1.00 34.39 ? 263 LEU A CD1 1 
ATOM   1246 C CD2 . LEU A 1 166 ? 9.130   -10.430 -2.842  1.00 36.55 ? 263 LEU A CD2 1 
ATOM   1247 N N   . GLN A 1 167 ? 6.689   -15.085 -1.616  1.00 39.89 ? 264 GLN A N   1 
ATOM   1248 C CA  . GLN A 1 167 ? 6.717   -16.248 -0.676  1.00 49.18 ? 264 GLN A CA  1 
ATOM   1249 C C   . GLN A 1 167 ? 7.617   -17.402 -1.148  1.00 53.86 ? 264 GLN A C   1 
ATOM   1250 O O   . GLN A 1 167 ? 7.550   -17.769 -2.331  1.00 52.51 ? 264 GLN A O   1 
ATOM   1251 C CB  . GLN A 1 167 ? 5.329   -16.775 -0.310  1.00 56.23 ? 264 GLN A CB  1 
ATOM   1252 C CG  . GLN A 1 167 ? 5.345   -17.862 0.756   1.00 62.82 ? 264 GLN A CG  1 
ATOM   1253 C CD  . GLN A 1 167 ? 3.962   -18.253 1.225   1.00 68.58 ? 264 GLN A CD  1 
ATOM   1254 O OE1 . GLN A 1 167 ? 2.958   -17.654 0.829   1.00 83.28 ? 264 GLN A OE1 1 
ATOM   1255 N NE2 . GLN A 1 167 ? 3.896   -19.263 2.077   1.00 72.49 ? 264 GLN A NE2 1 
ATOM   1256 N N   . GLY A 1 168 ? 8.448   -17.928 -0.239  1.00 58.24 ? 265 GLY A N   1 
ATOM   1257 C CA  . GLY A 1 168 ? 9.323   -19.072 -0.547  1.00 55.76 ? 265 GLY A CA  1 
ATOM   1258 C C   . GLY A 1 168 ? 10.494  -18.669 -1.404  1.00 60.46 ? 265 GLY A C   1 
ATOM   1259 O O   . GLY A 1 168 ? 11.359  -19.519 -1.640  1.00 60.16 ? 265 GLY A O   1 
ATOM   1260 N N   . LYS A 1 169 ? 10.538  -17.412 -1.832  1.00 63.89 ? 266 LYS A N   1 
ATOM   1261 C CA  . LYS A 1 169 ? 11.598  -16.990 -2.783  1.00 69.82 ? 266 LYS A CA  1 
ATOM   1262 C C   . LYS A 1 169 ? 12.663  -16.141 -2.085  1.00 74.85 ? 266 LYS A C   1 
ATOM   1263 O O   . LYS A 1 169 ? 12.409  -14.956 -1.821  1.00 77.47 ? 266 LYS A O   1 
ATOM   1264 C CB  . LYS A 1 169 ? 10.989  -16.241 -3.976  1.00 73.83 ? 266 LYS A CB  1 
ATOM   1265 C CG  . LYS A 1 169 ? 9.813   -16.944 -4.640  1.00 73.40 ? 266 LYS A CG  1 
ATOM   1266 C CD  . LYS A 1 169 ? 9.092   -16.092 -5.676  1.00 75.56 ? 266 LYS A CD  1 
ATOM   1267 C CE  . LYS A 1 169 ? 10.045  -15.188 -6.381  1.00 79.96 ? 266 LYS A CE  1 
ATOM   1268 N NZ  . LYS A 1 169 ? 9.392   -14.427 -7.447  1.00 85.91 ? 266 LYS A NZ  1 
ATOM   1269 N N   . PRO A 1 170 ? 13.851  -16.699 -1.792  1.00 79.77 ? 267 PRO A N   1 
ATOM   1270 C CA  . PRO A 1 170 ? 14.936  -15.908 -1.237  1.00 84.67 ? 267 PRO A CA  1 
ATOM   1271 C C   . PRO A 1 170 ? 15.359  -14.803 -2.189  1.00 82.67 ? 267 PRO A C   1 
ATOM   1272 O O   . PRO A 1 170 ? 16.027  -15.089 -3.192  1.00 82.25 ? 267 PRO A O   1 
ATOM   1273 C CB  . PRO A 1 170 ? 16.032  -16.964 -1.081  1.00 84.44 ? 267 PRO A CB  1 
ATOM   1274 C CG  . PRO A 1 170 ? 15.273  -18.260 -0.939  1.00 81.88 ? 267 PRO A CG  1 
ATOM   1275 C CD  . PRO A 1 170 ? 14.176  -18.100 -1.968  1.00 80.32 ? 267 PRO A CD  1 
ATOM   1276 N N   . MET A 1 171 ? 14.961  -13.568 -1.893  1.00 80.18 ? 268 MET A N   1 
ATOM   1277 C CA  . MET A 1 171 ? 15.411  -12.425 -2.717  1.00 73.98 ? 268 MET A CA  1 
ATOM   1278 C C   . MET A 1 171 ? 16.685  -11.864 -2.100  1.00 74.33 ? 268 MET A C   1 
ATOM   1279 O O   . MET A 1 171 ? 16.947  -12.168 -0.923  1.00 81.88 ? 268 MET A O   1 
ATOM   1280 C CB  . MET A 1 171 ? 14.398  -11.282 -2.673  1.00 73.25 ? 268 MET A CB  1 
ATOM   1281 C CG  . MET A 1 171 ? 12.985  -11.727 -2.405  1.00 72.92 ? 268 MET A CG  1 
ATOM   1282 S SD  . MET A 1 171 ? 12.276  -12.158 -4.003  1.00 70.25 ? 268 MET A SD  1 
ATOM   1283 C CE  . MET A 1 171 ? 12.354  -10.528 -4.754  1.00 65.11 ? 268 MET A CE  1 
ATOM   1284 N N   . MET A 1 172 ? 17.458  -11.106 -2.868  1.00 72.27 ? 269 MET A N   1 
ATOM   1285 C CA  . MET A 1 172 ? 18.627  -10.412 -2.274  1.00 74.59 ? 269 MET A CA  1 
ATOM   1286 C C   . MET A 1 172 ? 18.170  -8.961  -2.106  1.00 66.96 ? 269 MET A C   1 
ATOM   1287 O O   . MET A 1 172 ? 18.220  -8.213  -3.102  1.00 79.57 ? 269 MET A O   1 
ATOM   1288 C CB  . MET A 1 172 ? 19.863  -10.539 -3.171  1.00 80.33 ? 269 MET A CB  1 
ATOM   1289 C CG  . MET A 1 172 ? 20.968  -9.539  -2.885  1.00 86.33 ? 269 MET A CG  1 
ATOM   1290 S SD  . MET A 1 172 ? 22.061  -10.043 -1.543  1.00 95.38 ? 269 MET A SD  1 
ATOM   1291 C CE  . MET A 1 172 ? 22.166  -8.498  -0.630  1.00 83.00 ? 269 MET A CE  1 
ATOM   1292 N N   . SER A 1 173 ? 17.654  -8.607  -0.927  1.00 54.65 ? 270 SER A N   1 
ATOM   1293 C CA  . SER A 1 173 ? 17.070  -7.254  -0.785  1.00 48.43 ? 270 SER A CA  1 
ATOM   1294 C C   . SER A 1 173 ? 17.355  -6.628  0.577   1.00 39.73 ? 270 SER A C   1 
ATOM   1295 O O   . SER A 1 173 ? 17.748  -7.353  1.494   1.00 40.21 ? 270 SER A O   1 
ATOM   1296 C CB  . SER A 1 173 ? 15.579  -7.315  -1.002  1.00 49.07 ? 270 SER A CB  1 
ATOM   1297 O OG  . SER A 1 173 ? 14.916  -7.804  0.154   1.00 54.34 ? 270 SER A OG  1 
ATOM   1298 N N   . ASN A 1 174 ? 17.170  -5.320  0.673   1.00 32.10 ? 271 ASN A N   1 
ATOM   1299 C CA  . ASN A 1 174 ? 17.243  -4.669  1.998   1.00 31.43 ? 271 ASN A CA  1 
ATOM   1300 C C   . ASN A 1 174 ? 15.824  -4.685  2.600   1.00 29.50 ? 271 ASN A C   1 
ATOM   1301 O O   . ASN A 1 174 ? 15.691  -4.349  3.774   1.00 25.33 ? 271 ASN A O   1 
ATOM   1302 C CB  . ASN A 1 174 ? 17.864  -3.287  1.877   1.00 35.21 ? 271 ASN A CB  1 
ATOM   1303 C CG  . ASN A 1 174 ? 19.347  -3.372  1.613   1.00 44.85 ? 271 ASN A CG  1 
ATOM   1304 O OD1 . ASN A 1 174 ? 20.041  -4.176  2.243   1.00 41.68 ? 271 ASN A OD1 1 
ATOM   1305 N ND2 . ASN A 1 174 ? 19.845  -2.573  0.683   1.00 44.95 ? 271 ASN A ND2 1 
ATOM   1306 N N   . LEU A 1 175 ? 14.814  -5.077  1.804   1.00 26.51 ? 272 LEU A N   1 
ATOM   1307 C CA  . LEU A 1 175 ? 13.447  -5.085  2.311   1.00 25.56 ? 272 LEU A CA  1 
ATOM   1308 C C   . LEU A 1 175 ? 13.320  -6.122  3.430   1.00 24.41 ? 272 LEU A C   1 
ATOM   1309 O O   . LEU A 1 175 ? 13.705  -7.274  3.260   1.00 26.13 ? 272 LEU A O   1 
ATOM   1310 C CB  . LEU A 1 175 ? 12.410  -5.359  1.217   1.00 25.67 ? 272 LEU A CB  1 
ATOM   1311 C CG  . LEU A 1 175 ? 10.958  -5.355  1.717   1.00 26.54 ? 272 LEU A CG  1 
ATOM   1312 C CD1 . LEU A 1 175 ? 10.607  -3.944  2.166   1.00 28.25 ? 272 LEU A CD1 1 
ATOM   1313 C CD2 . LEU A 1 175 ? 10.000  -5.866  0.665   1.00 25.38 ? 272 LEU A CD2 1 
ATOM   1314 N N   . LYS A 1 176 ? 12.735  -5.711  4.558   1.00 23.92 ? 273 LYS A N   1 
ATOM   1315 C CA  . LYS A 1 176 ? 12.566  -6.594  5.705   1.00 26.62 ? 273 LYS A CA  1 
ATOM   1316 C C   . LYS A 1 176 ? 11.105  -6.740  6.134   1.00 25.30 ? 273 LYS A C   1 
ATOM   1317 O O   . LYS A 1 176 ? 10.764  -7.757  6.718   1.00 23.32 ? 273 LYS A O   1 
ATOM   1318 C CB  . LYS A 1 176 ? 13.220  -6.026  6.966   1.00 30.93 ? 273 LYS A CB  1 
ATOM   1319 C CG  . LYS A 1 176 ? 14.728  -5.938  6.999   1.00 37.32 ? 273 LYS A CG  1 
ATOM   1320 C CD  . LYS A 1 176 ? 15.192  -5.374  8.338   1.00 42.11 ? 273 LYS A CD  1 
ATOM   1321 C CE  . LYS A 1 176 ? 14.774  -3.940  8.476   1.00 48.80 ? 273 LYS A CE  1 
ATOM   1322 N NZ  . LYS A 1 176 ? 14.501  -3.470  9.843   1.00 54.03 ? 273 LYS A NZ  1 
ATOM   1323 N N   . GLU A 1 177 ? 10.285  -5.687  5.974   1.00 23.11 ? 274 GLU A N   1 
ATOM   1324 C CA  . GLU A 1 177 ? 8.941   -5.685  6.546   1.00 23.23 ? 274 GLU A CA  1 
ATOM   1325 C C   . GLU A 1 177 ? 7.963   -4.987  5.614   1.00 22.58 ? 274 GLU A C   1 
ATOM   1326 O O   . GLU A 1 177 ? 8.229   -3.889  5.125   1.00 26.05 ? 274 GLU A O   1 
ATOM   1327 C CB  . GLU A 1 177 ? 8.742   -4.991  7.891   1.00 22.72 ? 274 GLU A CB  1 
ATOM   1328 C CG  . GLU A 1 177 ? 9.730   -5.469  8.951   1.00 25.46 ? 274 GLU A CG  1 
ATOM   1329 C CD  . GLU A 1 177 ? 9.656   -4.765  10.299  1.00 26.45 ? 274 GLU A CD  1 
ATOM   1330 O OE1 . GLU A 1 177 ? 8.681   -4.063  10.561  1.00 27.90 ? 274 GLU A OE1 1 
ATOM   1331 O OE2 . GLU A 1 177 ? 10.551  -4.960  11.121  1.00 27.52 ? 274 GLU A OE2 1 
ATOM   1332 N N   . ILE A 1 178 ? 6.842   -5.675  5.398   1.00 22.34 ? 275 ILE A N   1 
ATOM   1333 C CA  . ILE A 1 178 ? 5.660   -5.154  4.726   1.00 20.71 ? 275 ILE A CA  1 
ATOM   1334 C C   . ILE A 1 178 ? 4.529   -5.205  5.744   1.00 20.74 ? 275 ILE A C   1 
ATOM   1335 O O   . ILE A 1 178 ? 4.158   -6.281  6.235   1.00 20.96 ? 275 ILE A O   1 
ATOM   1336 C CB  . ILE A 1 178 ? 5.309   -5.997  3.491   1.00 20.12 ? 275 ILE A CB  1 
ATOM   1337 C CG1 . ILE A 1 178 ? 6.450   -6.040  2.470   1.00 20.89 ? 275 ILE A CG1 1 
ATOM   1338 C CG2 . ILE A 1 178 ? 3.995   -5.495  2.884   1.00 20.07 ? 275 ILE A CG2 1 
ATOM   1339 C CD1 . ILE A 1 178 ? 6.237   -7.029  1.324   1.00 21.80 ? 275 ILE A CD1 1 
ATOM   1340 N N   . HIS A 1 179 ? 4.014   -4.016  6.062   1.00 20.07 ? 276 HIS A N   1 
ATOM   1341 C CA  . HIS A 1 179 ? 2.935   -3.819  7.005   1.00 19.21 ? 276 HIS A CA  1 
ATOM   1342 C C   . HIS A 1 179 ? 1.668   -3.568  6.184   1.00 20.42 ? 276 HIS A C   1 
ATOM   1343 O O   . HIS A 1 179 ? 1.683   -2.727  5.279   1.00 19.03 ? 276 HIS A O   1 
ATOM   1344 C CB  . HIS A 1 179 ? 3.250   -2.621  7.912   1.00 20.66 ? 276 HIS A CB  1 
ATOM   1345 C CG  . HIS A 1 179 ? 4.511   -2.723  8.712   1.00 20.76 ? 276 HIS A CG  1 
ATOM   1346 N ND1 . HIS A 1 179 ? 4.879   -1.734  9.594   1.00 20.21 ? 276 HIS A ND1 1 
ATOM   1347 C CD2 . HIS A 1 179 ? 5.433   -3.693  8.840   1.00 22.38 ? 276 HIS A CD2 1 
ATOM   1348 C CE1 . HIS A 1 179 ? 6.007   -2.091  10.220  1.00 23.10 ? 276 HIS A CE1 1 
ATOM   1349 N NE2 . HIS A 1 179 ? 6.380   -3.281  9.758   1.00 20.91 ? 276 HIS A NE2 1 
ATOM   1350 N N   . LEU A 1 180 ? 0.617   -4.338  6.463   1.00 18.84 ? 277 LEU A N   1 
ATOM   1351 C CA  . LEU A 1 180 ? -0.722  -4.050  5.972   1.00 20.84 ? 277 LEU A CA  1 
ATOM   1352 C C   . LEU A 1 180 ? -1.484  -3.390  7.118   1.00 21.70 ? 277 LEU A C   1 
ATOM   1353 O O   . LEU A 1 180 ? -1.662  -3.977  8.189   1.00 20.40 ? 277 LEU A O   1 
ATOM   1354 C CB  . LEU A 1 180 ? -1.389  -5.317  5.446   1.00 19.49 ? 277 LEU A CB  1 
ATOM   1355 C CG  . LEU A 1 180 ? -0.513  -6.248  4.601   1.00 22.23 ? 277 LEU A CG  1 
ATOM   1356 C CD1 . LEU A 1 180 ? -1.239  -7.532  4.197   1.00 23.18 ? 277 LEU A CD1 1 
ATOM   1357 C CD2 . LEU A 1 180 ? -0.002  -5.495  3.378   1.00 23.35 ? 277 LEU A CD2 1 
ATOM   1358 N N   . VAL A 1 181 ? -1.923  -2.153  6.902   1.00 20.04 ? 278 VAL A N   1 
ATOM   1359 C CA  . VAL A 1 181 ? -2.294  -1.268  7.986   1.00 20.84 ? 278 VAL A CA  1 
ATOM   1360 C C   . VAL A 1 181 ? -3.639  -0.608  7.692   1.00 23.77 ? 278 VAL A C   1 
ATOM   1361 O O   . VAL A 1 181 ? -3.879  -0.151  6.570   1.00 20.92 ? 278 VAL A O   1 
ATOM   1362 C CB  . VAL A 1 181 ? -1.193  -0.191  8.135   1.00 21.71 ? 278 VAL A CB  1 
ATOM   1363 C CG1 . VAL A 1 181 ? -1.440  0.690   9.354   1.00 19.90 ? 278 VAL A CG1 1 
ATOM   1364 C CG2 . VAL A 1 181 ? 0.219   -0.793  8.185   1.00 21.36 ? 278 VAL A CG2 1 
ATOM   1365 N N   . SER A 1 182 ? -4.477  -0.563  8.734   1.00 23.29 ? 279 SER A N   1 
ATOM   1366 C CA  . SER A 1 182 ? -5.696  0.235   8.754   1.00 24.11 ? 279 SER A CA  1 
ATOM   1367 C C   . SER A 1 182 ? -6.001  0.666   10.195  1.00 23.71 ? 279 SER A C   1 
ATOM   1368 O O   . SER A 1 182 ? -5.638  -0.014  11.155  1.00 23.88 ? 279 SER A O   1 
ATOM   1369 C CB  . SER A 1 182 ? -6.858  -0.507  8.137   1.00 24.98 ? 279 SER A CB  1 
ATOM   1370 O OG  . SER A 1 182 ? -8.028  0.308   8.152   1.00 25.85 ? 279 SER A OG  1 
ATOM   1371 N N   . ASN A 1 183 ? -6.593  1.858   10.322  1.00 23.10 ? 280 ASN A N   1 
ATOM   1372 C CA  . ASN A 1 183 ? -7.104  2.388   11.563  1.00 25.15 ? 280 ASN A CA  1 
ATOM   1373 C C   . ASN A 1 183 ? -8.570  2.006   11.751  1.00 25.85 ? 280 ASN A C   1 
ATOM   1374 O O   . ASN A 1 183 ? -9.198  2.464   12.701  1.00 27.59 ? 280 ASN A O   1 
ATOM   1375 C CB  . ASN A 1 183 ? -6.940  3.907   11.620  1.00 27.79 ? 280 ASN A CB  1 
ATOM   1376 C CG  . ASN A 1 183 ? -6.749  4.364   13.043  1.00 32.66 ? 280 ASN A CG  1 
ATOM   1377 O OD1 . ASN A 1 183 ? -6.402  3.544   13.902  1.00 31.92 ? 280 ASN A OD1 1 
ATOM   1378 N ND2 . ASN A 1 183 ? -6.989  5.637   13.322  1.00 34.99 ? 280 ASN A ND2 1 
ATOM   1379 N N   . GLU A 1 184 ? -9.114  1.181   10.856  1.00 24.79 ? 281 GLU A N   1 
ATOM   1380 C CA  . GLU A 1 184 ? -10.506 0.762   10.936  1.00 25.92 ? 281 GLU A CA  1 
ATOM   1381 C C   . GLU A 1 184 ? -10.571 -0.748  11.128  1.00 26.48 ? 281 GLU A C   1 
ATOM   1382 O O   . GLU A 1 184 ? -9.930  -1.511  10.395  1.00 24.52 ? 281 GLU A O   1 
ATOM   1383 C CB  . GLU A 1 184 ? -11.263 1.169   9.677   1.00 25.63 ? 281 GLU A CB  1 
ATOM   1384 C CG  . GLU A 1 184 ? -11.160 2.665   9.375   1.00 25.59 ? 281 GLU A CG  1 
ATOM   1385 C CD  . GLU A 1 184 ? -11.857 3.084   8.087   1.00 28.07 ? 281 GLU A CD  1 
ATOM   1386 O OE1 . GLU A 1 184 ? -12.239 2.216   7.278   1.00 27.90 ? 281 GLU A OE1 1 
ATOM   1387 O OE2 . GLU A 1 184 ? -12.064 4.301   7.902   1.00 28.73 ? 281 GLU A OE2 1 
ATOM   1388 N N   . ASP A 1 185 ? -11.360 -1.161  12.134  1.00 28.91 ? 282 ASP A N   1 
ATOM   1389 C CA  . ASP A 1 185 ? -11.298 -2.518  12.661  1.00 27.25 ? 282 ASP A CA  1 
ATOM   1390 C C   . ASP A 1 185 ? -11.736 -3.513  11.597  1.00 25.98 ? 282 ASP A C   1 
ATOM   1391 O O   . ASP A 1 185 ? -11.170 -4.586  11.452  1.00 25.57 ? 282 ASP A O   1 
ATOM   1392 C CB  . ASP A 1 185 ? -12.086 -2.660  13.956  1.00 30.57 ? 282 ASP A CB  1 
ATOM   1393 C CG  . ASP A 1 185 ? -11.446 -2.019  15.182  1.00 36.05 ? 282 ASP A CG  1 
ATOM   1394 O OD1 . ASP A 1 185 ? -10.213 -2.074  15.293  1.00 41.08 ? 282 ASP A OD1 1 
ATOM   1395 O OD2 . ASP A 1 185 ? -12.184 -1.473  16.024  1.00 40.88 ? 282 ASP A OD2 1 
ATOM   1396 N N   . PRO A 1 186 ? -12.778 -3.220  10.805  1.00 22.98 ? 283 PRO A N   1 
ATOM   1397 C CA  . PRO A 1 186 ? -13.175 -4.163  9.767   1.00 23.55 ? 283 PRO A CA  1 
ATOM   1398 C C   . PRO A 1 186 ? -12.084 -4.459  8.736   1.00 23.07 ? 283 PRO A C   1 
ATOM   1399 O O   . PRO A 1 186 ? -11.938 -5.593  8.284   1.00 26.67 ? 283 PRO A O   1 
ATOM   1400 C CB  . PRO A 1 186 ? -14.432 -3.479  9.160   1.00 24.03 ? 283 PRO A CB  1 
ATOM   1401 C CG  . PRO A 1 186 ? -14.952 -2.609  10.284  1.00 23.51 ? 283 PRO A CG  1 
ATOM   1402 C CD  . PRO A 1 186 ? -13.697 -2.081  10.970  1.00 23.22 ? 283 PRO A CD  1 
ATOM   1403 N N   . THR A 1 187 ? -11.309 -3.438  8.369   1.00 24.90 ? 284 THR A N   1 
ATOM   1404 C CA  . THR A 1 187 ? -10.229 -3.607  7.414   1.00 23.04 ? 284 THR A CA  1 
ATOM   1405 C C   . THR A 1 187 ? -9.107  -4.419  8.059   1.00 23.52 ? 284 THR A C   1 
ATOM   1406 O O   . THR A 1 187 ? -8.529  -5.289  7.414   1.00 23.65 ? 284 THR A O   1 
ATOM   1407 C CB  . THR A 1 187 ? -9.724  -2.249  6.941   1.00 23.38 ? 284 THR A CB  1 
ATOM   1408 O OG1 . THR A 1 187 ? -10.779 -1.663  6.177   1.00 23.29 ? 284 THR A OG1 1 
ATOM   1409 C CG2 . THR A 1 187 ? -8.531  -2.369  6.008   1.00 21.89 ? 284 THR A CG2 1 
ATOM   1410 N N   . VAL A 1 188 ? -8.797  -4.141  9.327   1.00 25.29 ? 285 VAL A N   1 
ATOM   1411 C CA  . VAL A 1 188 ? -7.761  -4.905  10.017  1.00 24.33 ? 285 VAL A CA  1 
ATOM   1412 C C   . VAL A 1 188 ? -8.162  -6.375  10.070  1.00 24.09 ? 285 VAL A C   1 
ATOM   1413 O O   . VAL A 1 188 ? -7.360  -7.277  9.799   1.00 25.38 ? 285 VAL A O   1 
ATOM   1414 C CB  . VAL A 1 188 ? -7.503  -4.328  11.427  1.00 24.76 ? 285 VAL A CB  1 
ATOM   1415 C CG1 . VAL A 1 188 ? -6.570  -5.207  12.261  1.00 22.66 ? 285 VAL A CG1 1 
ATOM   1416 C CG2 . VAL A 1 188 ? -6.922  -2.935  11.357  1.00 27.15 ? 285 VAL A CG2 1 
ATOM   1417 N N   . ALA A 1 189 ? -9.415  -6.622  10.410  1.00 24.55 ? 286 ALA A N   1 
ATOM   1418 C CA  . ALA A 1 189 ? -9.917  -8.013  10.470  1.00 25.20 ? 286 ALA A CA  1 
ATOM   1419 C C   . ALA A 1 189 ? -9.817  -8.681  9.092   1.00 23.30 ? 286 ALA A C   1 
ATOM   1420 O O   . ALA A 1 189 ? -9.438  -9.850  9.021   1.00 23.04 ? 286 ALA A O   1 
ATOM   1421 C CB  . ALA A 1 189 ? -11.325 -7.991  10.998  1.00 25.03 ? 286 ALA A CB  1 
ATOM   1422 N N   . ALA A 1 190 ? -10.132 -7.942  8.030   1.00 24.14 ? 287 ALA A N   1 
ATOM   1423 C CA  . ALA A 1 190 ? -10.099 -8.491  6.653   1.00 22.56 ? 287 ALA A CA  1 
ATOM   1424 C C   . ALA A 1 190 ? -8.667  -8.839  6.250   1.00 23.27 ? 287 ALA A C   1 
ATOM   1425 O O   . ALA A 1 190 ? -8.434  -9.920  5.713   1.00 20.61 ? 287 ALA A O   1 
ATOM   1426 C CB  . ALA A 1 190 ? -10.717 -7.518  5.693   1.00 23.34 ? 287 ALA A CB  1 
ATOM   1427 N N   . PHE A 1 191 ? -7.739  -7.923  6.512   1.00 25.02 ? 288 PHE A N   1 
ATOM   1428 C CA  . PHE A 1 191 ? -6.308  -8.213  6.234   1.00 23.38 ? 288 PHE A CA  1 
ATOM   1429 C C   . PHE A 1 191 ? -5.901  -9.485  6.991   1.00 21.67 ? 288 PHE A C   1 
ATOM   1430 O O   . PHE A 1 191 ? -5.312  -10.382 6.407   1.00 20.82 ? 288 PHE A O   1 
ATOM   1431 C CB  . PHE A 1 191 ? -5.529  -6.952  6.607   1.00 22.21 ? 288 PHE A CB  1 
ATOM   1432 C CG  . PHE A 1 191 ? -5.212  -6.002  5.458   1.00 21.04 ? 288 PHE A CG  1 
ATOM   1433 C CD1 . PHE A 1 191 ? -4.843  -6.487  4.210   1.00 20.57 ? 288 PHE A CD1 1 
ATOM   1434 C CD2 . PHE A 1 191 ? -5.265  -4.626  5.636   1.00 20.91 ? 288 PHE A CD2 1 
ATOM   1435 C CE1 . PHE A 1 191 ? -4.544  -5.619  3.174   1.00 19.10 ? 288 PHE A CE1 1 
ATOM   1436 C CE2 . PHE A 1 191 ? -4.957  -3.763  4.599   1.00 20.10 ? 288 PHE A CE2 1 
ATOM   1437 C CZ  . PHE A 1 191 ? -4.602  -4.262  3.370   1.00 19.29 ? 288 PHE A CZ  1 
ATOM   1438 N N   . LYS A 1 192 ? -6.245  -9.547  8.272   1.00 26.27 ? 289 LYS A N   1 
ATOM   1439 C CA  . LYS A 1 192 ? -5.867  -10.714 9.115   1.00 28.10 ? 289 LYS A CA  1 
ATOM   1440 C C   . LYS A 1 192 ? -6.436  -12.012 8.527   1.00 27.98 ? 289 LYS A C   1 
ATOM   1441 O O   . LYS A 1 192 ? -5.679  -12.961 8.382   1.00 25.86 ? 289 LYS A O   1 
ATOM   1442 C CB  . LYS A 1 192 ? -6.362  -10.493 10.542  1.00 26.68 ? 289 LYS A CB  1 
ATOM   1443 C CG  . LYS A 1 192 ? -5.882  -11.519 11.551  1.00 26.84 ? 289 LYS A CG  1 
ATOM   1444 C CD  . LYS A 1 192 ? -6.178  -11.110 12.987  1.00 24.88 ? 289 LYS A CD  1 
ATOM   1445 C CE  . LYS A 1 192 ? -5.889  -12.200 13.959  1.00 27.37 ? 289 LYS A CE  1 
ATOM   1446 N NZ  . LYS A 1 192 ? -6.828  -13.310 13.796  1.00 29.05 ? 289 LYS A NZ  1 
ATOM   1447 N N   . ALA A 1 193 ? -7.729  -12.019 8.206   1.00 29.45 ? 290 ALA A N   1 
ATOM   1448 C CA  . ALA A 1 193 ? -8.393  -13.222 7.652   1.00 28.57 ? 290 ALA A CA  1 
ATOM   1449 C C   . ALA A 1 193 ? -7.722  -13.607 6.333   1.00 28.44 ? 290 ALA A C   1 
ATOM   1450 O O   . ALA A 1 193 ? -7.352  -14.767 6.156   1.00 26.32 ? 290 ALA A O   1 
ATOM   1451 C CB  . ALA A 1 193 ? -9.854  -12.939 7.454   1.00 27.97 ? 290 ALA A CB  1 
ATOM   1452 N N   . ALA A 1 194 ? -7.563  -12.623 5.456   1.00 25.82 ? 291 ALA A N   1 
ATOM   1453 C CA  . ALA A 1 194 ? -6.885  -12.875 4.199   1.00 27.26 ? 291 ALA A CA  1 
ATOM   1454 C C   . ALA A 1 194 ? -5.515  -13.506 4.436   1.00 25.71 ? 291 ALA A C   1 
ATOM   1455 O O   . ALA A 1 194 ? -5.157  -14.472 3.767   1.00 23.81 ? 291 ALA A O   1 
ATOM   1456 C CB  . ALA A 1 194 ? -6.744  -11.593 3.397   1.00 27.46 ? 291 ALA A CB  1 
ATOM   1457 N N   . SER A 1 195 ? -4.756  -12.937 5.371   1.00 25.53 ? 292 SER A N   1 
ATOM   1458 C CA  . SER A 1 195 ? -3.414  -13.438 5.650   1.00 25.12 ? 292 SER A CA  1 
ATOM   1459 C C   . SER A 1 195 ? -3.442  -14.878 6.153   1.00 26.09 ? 292 SER A C   1 
ATOM   1460 O O   . SER A 1 195 ? -2.613  -15.690 5.731   1.00 28.52 ? 292 SER A O   1 
ATOM   1461 C CB  . SER A 1 195 ? -2.670  -12.528 6.600   1.00 24.58 ? 292 SER A CB  1 
ATOM   1462 O OG  . SER A 1 195 ? -2.532  -11.219 6.052   1.00 23.48 ? 292 SER A OG  1 
ATOM   1463 N N   . GLU A 1 196 ? -4.364  -15.172 7.059   1.00 27.84 ? 293 GLU A N   1 
ATOM   1464 C CA  . GLU A 1 196 ? -4.463  -16.532 7.652   1.00 31.77 ? 293 GLU A CA  1 
ATOM   1465 C C   . GLU A 1 196 ? -4.881  -17.563 6.586   1.00 34.24 ? 293 GLU A C   1 
ATOM   1466 O O   . GLU A 1 196 ? -4.342  -18.676 6.599   1.00 32.77 ? 293 GLU A O   1 
ATOM   1467 C CB  . GLU A 1 196 ? -5.451  -16.479 8.814   1.00 30.97 ? 293 GLU A CB  1 
ATOM   1468 C CG  . GLU A 1 196 ? -4.957  -15.659 9.999   1.00 31.09 ? 293 GLU A CG  1 
ATOM   1469 C CD  . GLU A 1 196 ? -6.084  -15.292 10.941  1.00 32.27 ? 293 GLU A CD  1 
ATOM   1470 O OE1 . GLU A 1 196 ? -7.259  -15.317 10.532  1.00 31.78 ? 293 GLU A OE1 1 
ATOM   1471 O OE2 . GLU A 1 196 ? -5.777  -14.989 12.102  1.00 41.14 ? 293 GLU A OE2 1 
ATOM   1472 N N   . PHE A 1 197 ? -5.789  -17.185 5.693   1.00 32.36 ? 294 PHE A N   1 
ATOM   1473 C CA  . PHE A 1 197 ? -6.271  -18.113 4.638   1.00 35.95 ? 294 PHE A CA  1 
ATOM   1474 C C   . PHE A 1 197 ? -5.186  -18.332 3.600   1.00 35.90 ? 294 PHE A C   1 
ATOM   1475 O O   . PHE A 1 197 ? -5.039  -19.470 3.143   1.00 38.33 ? 294 PHE A O   1 
ATOM   1476 C CB  . PHE A 1 197 ? -7.532  -17.567 3.967   1.00 42.31 ? 294 PHE A CB  1 
ATOM   1477 C CG  . PHE A 1 197 ? -8.790  -17.742 4.803   1.00 53.03 ? 294 PHE A CG  1 
ATOM   1478 C CD1 . PHE A 1 197 ? -9.160  -18.995 5.276   1.00 61.96 ? 294 PHE A CD1 1 
ATOM   1479 C CD2 . PHE A 1 197 ? -9.594  -16.655 5.122   1.00 63.18 ? 294 PHE A CD2 1 
ATOM   1480 C CE1 . PHE A 1 197 ? -10.304 -19.155 6.039   1.00 67.02 ? 294 PHE A CE1 1 
ATOM   1481 C CE2 . PHE A 1 197 ? -10.735 -16.819 5.889   1.00 68.73 ? 294 PHE A CE2 1 
ATOM   1482 C CZ  . PHE A 1 197 ? -11.089 -18.067 6.344   1.00 69.56 ? 294 PHE A CZ  1 
ATOM   1483 N N   . ILE A 1 198 ? -4.438  -17.287 3.259   1.00 31.25 ? 295 ILE A N   1 
ATOM   1484 C CA  . ILE A 1 198 ? -3.442  -17.399 2.157   1.00 31.04 ? 295 ILE A CA  1 
ATOM   1485 C C   . ILE A 1 198 ? -2.048  -17.783 2.686   1.00 32.94 ? 295 ILE A C   1 
ATOM   1486 O O   . ILE A 1 198 ? -1.357  -18.509 1.965   1.00 32.47 ? 295 ILE A O   1 
ATOM   1487 C CB  . ILE A 1 198 ? -3.430  -16.091 1.341   1.00 33.46 ? 295 ILE A CB  1 
ATOM   1488 C CG1 . ILE A 1 198 ? -4.778  -15.856 0.657   1.00 35.38 ? 295 ILE A CG1 1 
ATOM   1489 C CG2 . ILE A 1 198 ? -2.278  -16.049 0.339   1.00 34.61 ? 295 ILE A CG2 1 
ATOM   1490 C CD1 . ILE A 1 198 ? -5.127  -14.396 0.441   1.00 36.29 ? 295 ILE A CD1 1 
ATOM   1491 N N   . LEU A 1 199 ? -1.675  -17.379 3.905   1.00 33.06 ? 296 LEU A N   1 
ATOM   1492 C CA  . LEU A 1 199 ? -0.304  -17.624 4.350   1.00 33.68 ? 296 LEU A CA  1 
ATOM   1493 C C   . LEU A 1 199 ? -0.224  -18.598 5.523   1.00 34.68 ? 296 LEU A C   1 
ATOM   1494 O O   . LEU A 1 199 ? 0.870   -19.031 5.876   1.00 40.98 ? 296 LEU A O   1 
ATOM   1495 C CB  . LEU A 1 199 ? 0.350   -16.302 4.737   1.00 37.16 ? 296 LEU A CB  1 
ATOM   1496 C CG  . LEU A 1 199 ? 0.234   -15.157 3.727   1.00 39.42 ? 296 LEU A CG  1 
ATOM   1497 C CD1 . LEU A 1 199 ? 0.546   -13.828 4.372   1.00 39.95 ? 296 LEU A CD1 1 
ATOM   1498 C CD2 . LEU A 1 199 ? 1.126   -15.373 2.505   1.00 45.74 ? 296 LEU A CD2 1 
ATOM   1499 N N   . GLY A 1 200 ? -1.349  -18.894 6.167   1.00 33.18 ? 297 GLY A N   1 
ATOM   1500 C CA  . GLY A 1 200 ? -1.377  -19.782 7.317   1.00 37.51 ? 297 GLY A CA  1 
ATOM   1501 C C   . GLY A 1 200 ? -1.337  -19.019 8.641   1.00 36.84 ? 297 GLY A C   1 
ATOM   1502 O O   . GLY A 1 200 ? -1.554  -17.813 8.667   1.00 34.55 ? 297 GLY A O   1 
ATOM   1503 N N   . LYS A 1 201 ? -1.019  -19.736 9.727   1.00 37.68 ? 298 LYS A N   1 
ATOM   1504 C CA  . LYS A 1 201 ? -1.149  -19.240 11.091  1.00 37.16 ? 298 LYS A CA  1 
ATOM   1505 C C   . LYS A 1 201 ? -0.123  -18.134 11.326  1.00 29.22 ? 298 LYS A C   1 
ATOM   1506 O O   . LYS A 1 201 ? 0.996   -18.205 10.829  1.00 31.53 ? 298 LYS A O   1 
ATOM   1507 C CB  . LYS A 1 201 ? -0.943  -20.352 12.139  1.00 41.83 ? 298 LYS A CB  1 
ATOM   1508 C CG  . LYS A 1 201 ? -1.988  -21.473 12.091  1.00 54.35 ? 298 LYS A CG  1 
ATOM   1509 C CD  . LYS A 1 201 ? -1.812  -22.628 13.081  1.00 58.38 ? 298 LYS A CD  1 
ATOM   1510 C CE  . LYS A 1 201 ? -2.386  -23.937 12.584  1.00 61.82 ? 298 LYS A CE  1 
ATOM   1511 N NZ  . LYS A 1 201 ? -3.695  -23.799 11.935  1.00 56.63 ? 298 LYS A NZ  1 
ATOM   1512 N N   . SER A 1 202 ? -0.517  -17.111 12.083  1.00 26.41 ? 299 SER A N   1 
ATOM   1513 C CA  . SER A 1 202 ? 0.423   -16.099 12.539  1.00 26.19 ? 299 SER A CA  1 
ATOM   1514 C C   . SER A 1 202 ? 1.530   -16.752 13.355  1.00 28.71 ? 299 SER A C   1 
ATOM   1515 O O   . SER A 1 202 ? 1.241   -17.573 14.213  1.00 27.81 ? 299 SER A O   1 
ATOM   1516 C CB  . SER A 1 202 ? -0.211  -15.049 13.389  1.00 24.75 ? 299 SER A CB  1 
ATOM   1517 O OG  . SER A 1 202 ? 0.705   -13.973 13.548  1.00 23.87 ? 299 SER A OG  1 
ATOM   1518 N N   . GLU A 1 203 ? 2.764   -16.310 13.107  1.00 29.27 ? 300 GLU A N   1 
ATOM   1519 C CA  . GLU A 1 203 ? 3.870   -16.549 14.012  1.00 29.45 ? 300 GLU A CA  1 
ATOM   1520 C C   . GLU A 1 203 ? 3.865   -15.498 15.135  1.00 30.82 ? 300 GLU A C   1 
ATOM   1521 O O   . GLU A 1 203 ? 2.850   -14.727 15.286  1.00 33.63 ? 300 GLU A O   1 
ATOM   1522 C CB  . GLU A 1 203 ? 5.148   -16.593 13.174  1.00 28.73 ? 300 GLU A CB  1 
ATOM   1523 C CG  . GLU A 1 203 ? 5.109   -17.702 12.115  1.00 30.93 ? 300 GLU A CG  1 
ATOM   1524 C CD  . GLU A 1 203 ? 6.121   -17.611 10.978  1.00 31.13 ? 300 GLU A CD  1 
ATOM   1525 O OE1 . GLU A 1 203 ? 6.823   -16.578 10.820  1.00 27.89 ? 300 GLU A OE1 1 
ATOM   1526 O OE2 . GLU A 1 203 ? 6.228   -18.638 10.269  1.00 34.98 ? 300 GLU A OE2 1 
ATOM   1527 O OXT . GLU A 1 203 ? 4.868   -15.489 15.842  1.00 35.84 ? 300 GLU A OXT 1 
HETATM 1528 C C1  . GOL B 2 .   ? 9.336   -17.692 13.779  1.00 46.48 ? 401 GOL A C1  1 
HETATM 1529 O O1  . GOL B 2 .   ? 8.446   -18.554 13.071  1.00 43.50 ? 401 GOL A O1  1 
HETATM 1530 C C2  . GOL B 2 .   ? 9.537   -16.366 13.075  1.00 46.05 ? 401 GOL A C2  1 
HETATM 1531 O O2  . GOL B 2 .   ? 8.279   -15.768 12.749  1.00 42.41 ? 401 GOL A O2  1 
HETATM 1532 C C3  . GOL B 2 .   ? 10.355  -15.390 13.894  1.00 44.34 ? 401 GOL A C3  1 
HETATM 1533 O O3  . GOL B 2 .   ? 10.911  -14.375 13.058  1.00 44.51 ? 401 GOL A O3  1 
HETATM 1534 C C1  . MLI C 3 .   ? 12.244  -9.222  9.535   1.00 63.35 ? 402 MLI A C1  1 
HETATM 1535 C C2  . MLI C 3 .   ? 13.690  -9.481  9.104   1.00 68.84 ? 402 MLI A C2  1 
HETATM 1536 C C3  . MLI C 3 .   ? 12.012  -8.261  10.697  1.00 62.35 ? 402 MLI A C3  1 
HETATM 1537 O O6  . MLI C 3 .   ? 14.080  -10.666 9.023   1.00 76.80 ? 402 MLI A O6  1 
HETATM 1538 O O7  . MLI C 3 .   ? 14.408  -8.509  8.816   1.00 76.54 ? 402 MLI A O7  1 
HETATM 1539 O O8  . MLI C 3 .   ? 11.387  -8.673  11.689  1.00 61.53 ? 402 MLI A O8  1 
HETATM 1540 O O9  . MLI C 3 .   ? 12.428  -7.104  10.586  1.00 56.23 ? 402 MLI A O9  1 
HETATM 1541 C C1  . MLI D 3 .   ? -6.599  4.402   5.818   1.00 37.51 ? 403 MLI A C1  1 
HETATM 1542 C C2  . MLI D 3 .   ? -7.040  3.407   6.874   1.00 38.45 ? 403 MLI A C2  1 
HETATM 1543 C C3  . MLI D 3 .   ? -7.746  5.344   5.465   1.00 42.16 ? 403 MLI A C3  1 
HETATM 1544 O O6  . MLI D 3 .   ? -7.711  2.412   6.496   1.00 38.51 ? 403 MLI A O6  1 
HETATM 1545 O O7  . MLI D 3 .   ? -6.749  3.661   8.054   1.00 34.15 ? 403 MLI A O7  1 
HETATM 1546 O O8  . MLI D 3 .   ? -7.772  6.484   5.981   1.00 48.99 ? 403 MLI A O8  1 
HETATM 1547 O O9  . MLI D 3 .   ? -8.593  4.936   4.658   1.00 47.37 ? 403 MLI A O9  1 
HETATM 1548 C C1  . GOL E 2 .   ? -7.257  9.372   9.568   1.00 54.00 ? 404 GOL A C1  1 
HETATM 1549 O O1  . GOL E 2 .   ? -5.986  9.612   10.175  1.00 58.83 ? 404 GOL A O1  1 
HETATM 1550 C C2  . GOL E 2 .   ? -7.523  7.887   9.419   1.00 58.13 ? 404 GOL A C2  1 
HETATM 1551 O O2  . GOL E 2 .   ? -7.543  7.241   10.695  1.00 59.66 ? 404 GOL A O2  1 
HETATM 1552 C C3  . GOL E 2 .   ? -6.498  7.214   8.541   1.00 52.04 ? 404 GOL A C3  1 
HETATM 1553 O O3  . GOL E 2 .   ? -5.191  7.670   8.861   1.00 53.38 ? 404 GOL A O3  1 
HETATM 1554 O O   . HOH F 4 .   ? 0.179   5.354   15.898  1.00 25.92 ? 501 HOH A O   1 
HETATM 1555 O O   . HOH F 4 .   ? 2.884   -12.972 16.787  1.00 54.23 ? 502 HOH A O   1 
HETATM 1556 O O   . HOH F 4 .   ? 11.338  13.782  -11.940 1.00 35.09 ? 503 HOH A O   1 
HETATM 1557 O O   . HOH F 4 .   ? -14.782 -1.220  0.440   1.00 33.65 ? 504 HOH A O   1 
HETATM 1558 O O   . HOH F 4 .   ? 6.253   -6.946  9.104   1.00 23.69 ? 505 HOH A O   1 
HETATM 1559 O O   . HOH F 4 .   ? 9.830   12.156  8.524   0.50 36.23 ? 506 HOH A O   1 
HETATM 1560 O O   . HOH F 4 .   ? -18.478 -1.843  -2.941  1.00 44.52 ? 507 HOH A O   1 
HETATM 1561 O O   . HOH F 4 .   ? 0.723   -8.288  18.896  1.00 42.04 ? 508 HOH A O   1 
HETATM 1562 O O   . HOH F 4 .   ? -11.076 -4.970  -18.791 1.00 50.31 ? 509 HOH A O   1 
HETATM 1563 O O   . HOH F 4 .   ? 8.037   14.072  -6.852  1.00 41.75 ? 510 HOH A O   1 
HETATM 1564 O O   . HOH F 4 .   ? -4.684  4.956   8.715   1.00 30.00 ? 511 HOH A O   1 
HETATM 1565 O O   . HOH F 4 .   ? -10.293 0.222   4.090   1.00 33.03 ? 512 HOH A O   1 
HETATM 1566 O O   . HOH F 4 .   ? -11.608 -7.319  -17.957 1.00 48.27 ? 513 HOH A O   1 
HETATM 1567 O O   . HOH F 4 .   ? 3.164   14.059  10.631  1.00 31.91 ? 514 HOH A O   1 
HETATM 1568 O O   . HOH F 4 .   ? 7.233   -18.722 7.906   1.00 31.77 ? 515 HOH A O   1 
HETATM 1569 O O   . HOH F 4 .   ? 14.900  -1.827  -0.376  1.00 26.12 ? 516 HOH A O   1 
HETATM 1570 O O   . HOH F 4 .   ? -12.877 -0.531  7.280   1.00 27.79 ? 517 HOH A O   1 
HETATM 1571 O O   . HOH F 4 .   ? -7.043  8.458   -0.278  1.00 31.23 ? 518 HOH A O   1 
HETATM 1572 O O   . HOH F 4 .   ? 7.416   -1.683  -11.643 1.00 62.03 ? 519 HOH A O   1 
HETATM 1573 O O   . HOH F 4 .   ? -3.579  -16.093 13.110  1.00 43.78 ? 520 HOH A O   1 
HETATM 1574 O O   . HOH F 4 .   ? -13.308 5.552   5.885   1.00 30.21 ? 521 HOH A O   1 
HETATM 1575 O O   . HOH F 4 .   ? -2.264  3.876   17.233  1.00 65.15 ? 522 HOH A O   1 
HETATM 1576 O O   . HOH F 4 .   ? 3.563   25.759  1.493   1.00 51.36 ? 523 HOH A O   1 
HETATM 1577 O O   . HOH F 4 .   ? -17.653 -7.880  -13.952 0.50 24.29 ? 524 HOH A O   1 
HETATM 1578 O O   . HOH F 4 .   ? 2.015   -21.268 2.156   1.00 53.57 ? 525 HOH A O   1 
HETATM 1579 O O   . HOH F 4 .   ? 14.576  -12.909 1.456   1.00 39.82 ? 526 HOH A O   1 
HETATM 1580 O O   . HOH F 4 .   ? 15.978  -4.097  -1.497  1.00 45.21 ? 527 HOH A O   1 
HETATM 1581 O O   . HOH F 4 .   ? -8.157  4.740   -10.676 1.00 39.52 ? 528 HOH A O   1 
HETATM 1582 O O   . HOH F 4 .   ? -6.193  0.390   4.870   1.00 23.16 ? 529 HOH A O   1 
HETATM 1583 O O   . HOH F 4 .   ? -14.142 -7.278  8.317   1.00 33.66 ? 530 HOH A O   1 
HETATM 1584 O O   . HOH F 4 .   ? -6.246  4.682   -5.060  1.00 27.88 ? 531 HOH A O   1 
HETATM 1585 O O   . HOH F 4 .   ? 4.485   -0.389  18.122  1.00 42.59 ? 532 HOH A O   1 
HETATM 1586 O O   . HOH F 4 .   ? 2.921   -2.001  18.717  1.00 41.61 ? 533 HOH A O   1 
HETATM 1587 O O   . HOH F 4 .   ? 4.497   21.506  3.957   1.00 30.78 ? 534 HOH A O   1 
HETATM 1588 O O   . HOH F 4 .   ? -4.898  11.709  -4.592  1.00 19.20 ? 535 HOH A O   1 
HETATM 1589 O O   . HOH F 4 .   ? 5.307   -18.802 4.473   1.00 51.29 ? 536 HOH A O   1 
HETATM 1590 O O   . HOH F 4 .   ? -2.863  -13.614 15.249  1.00 36.57 ? 537 HOH A O   1 
HETATM 1591 O O   . HOH F 4 .   ? -8.915  6.674   1.649   1.00 55.59 ? 538 HOH A O   1 
HETATM 1592 O O   . HOH F 4 .   ? 7.876   -7.273  -12.322 1.00 55.39 ? 539 HOH A O   1 
HETATM 1593 O O   . HOH F 4 .   ? 3.788   7.574   8.207   1.00 34.79 ? 540 HOH A O   1 
HETATM 1594 O O   . HOH F 4 .   ? -12.856 12.011  2.604   1.00 43.64 ? 541 HOH A O   1 
HETATM 1595 O O   . HOH F 4 .   ? -9.925  10.610  -4.975  1.00 31.50 ? 542 HOH A O   1 
HETATM 1596 O O   . HOH F 4 .   ? 2.576   19.301  9.248   1.00 38.39 ? 543 HOH A O   1 
HETATM 1597 O O   . HOH F 4 .   ? -9.623  12.147  5.668   1.00 40.27 ? 544 HOH A O   1 
HETATM 1598 O O   . HOH F 4 .   ? 6.605   -21.261 11.507  1.00 53.05 ? 545 HOH A O   1 
HETATM 1599 O O   . HOH F 4 .   ? 4.179   2.827   -12.015 1.00 39.99 ? 546 HOH A O   1 
HETATM 1600 O O   . HOH F 4 .   ? -1.788  12.352  13.200  1.00 54.89 ? 547 HOH A O   1 
HETATM 1601 O O   . HOH F 4 .   ? -16.831 -4.984  1.797   1.00 44.64 ? 548 HOH A O   1 
HETATM 1602 O O   . HOH F 4 .   ? 8.515   16.444  1.258   1.00 32.98 ? 549 HOH A O   1 
HETATM 1603 O O   . HOH F 4 .   ? 1.137   22.739  5.693   1.00 33.22 ? 550 HOH A O   1 
HETATM 1604 O O   . HOH F 4 .   ? -6.412  17.969  -9.470  1.00 40.18 ? 551 HOH A O   1 
HETATM 1605 O O   . HOH F 4 .   ? -7.951  4.209   -3.284  1.00 52.10 ? 552 HOH A O   1 
HETATM 1606 O O   . HOH F 4 .   ? -10.404 4.199   -1.867  1.00 34.45 ? 553 HOH A O   1 
HETATM 1607 O O   . HOH F 4 .   ? 11.330  -11.953 -7.518  1.00 56.08 ? 554 HOH A O   1 
HETATM 1608 O O   . HOH F 4 .   ? -9.404  13.630  -9.469  1.00 58.66 ? 555 HOH A O   1 
HETATM 1609 O O   . HOH F 4 .   ? 1.898   -5.376  18.882  1.00 34.78 ? 556 HOH A O   1 
HETATM 1610 O O   . HOH F 4 .   ? -10.019 2.828   17.663  1.00 45.71 ? 557 HOH A O   1 
HETATM 1611 O O   . HOH F 4 .   ? 8.145   20.931  -3.514  1.00 57.70 ? 558 HOH A O   1 
HETATM 1612 O O   . HOH F 4 .   ? -2.824  -22.085 -1.199  1.00 47.90 ? 559 HOH A O   1 
HETATM 1613 O O   . HOH F 4 .   ? 3.902   7.250   -13.272 1.00 44.13 ? 560 HOH A O   1 
HETATM 1614 O O   . HOH F 4 .   ? -6.556  6.636   16.476  1.00 57.12 ? 561 HOH A O   1 
HETATM 1615 O O   . HOH F 4 .   ? 5.000   2.102   14.107  1.00 38.27 ? 562 HOH A O   1 
HETATM 1616 O O   . HOH F 4 .   ? 1.063   -10.955 17.135  1.00 63.19 ? 563 HOH A O   1 
HETATM 1617 O O   . HOH F 4 .   ? 0.552   19.862  10.685  1.00 54.16 ? 564 HOH A O   1 
HETATM 1618 O O   . HOH F 4 .   ? -1.371  21.224  5.995   1.00 40.50 ? 565 HOH A O   1 
HETATM 1619 O O   . HOH F 4 .   ? 6.358   0.698   -11.708 1.00 49.11 ? 566 HOH A O   1 
HETATM 1620 O O   . HOH F 4 .   ? 20.491  -5.595  -1.702  1.00 55.48 ? 567 HOH A O   1 
HETATM 1621 O O   . HOH F 4 .   ? -9.247  -17.683 8.220   1.00 30.00 ? 568 HOH A O   1 
HETATM 1622 O O   . HOH F 4 .   ? 18.926  5.358   3.688   1.00 54.22 ? 569 HOH A O   1 
HETATM 1623 O O   . HOH F 4 .   ? -2.289  -14.052 -8.821  1.00 41.34 ? 570 HOH A O   1 
# 
